data_7JK0
# 
_entry.id   7JK0 
# 
_audit_conform.dict_name       mmcif_pdbx.dic 
_audit_conform.dict_version    5.380 
_audit_conform.dict_location   http://mmcif.pdb.org/dictionaries/ascii/mmcif_pdbx.dic 
# 
loop_
_database_2.database_id 
_database_2.database_code 
_database_2.pdbx_database_accession 
_database_2.pdbx_DOI 
PDB   7JK0         pdb_00007jk0 10.2210/pdb7jk0/pdb 
WWPDB D_1000250807 ?            ?                   
# 
_pdbx_database_status.status_code                     REL 
_pdbx_database_status.status_code_sf                  REL 
_pdbx_database_status.status_code_mr                  ? 
_pdbx_database_status.entry_id                        7JK0 
_pdbx_database_status.recvd_initial_deposition_date   2020-07-27 
_pdbx_database_status.SG_entry                        N 
_pdbx_database_status.deposit_site                    RCSB 
_pdbx_database_status.process_site                    RCSB 
_pdbx_database_status.status_code_cs                  ? 
_pdbx_database_status.status_code_nmr_data            ? 
_pdbx_database_status.methods_development_category    ? 
_pdbx_database_status.pdb_format_compatible           Y 
# 
loop_
_audit_author.name 
_audit_author.pdbx_ordinal 
_audit_author.identifier_ORCID 
'Simmons, C.R.'      1 0000-0002-2290-6132 
'MacCulloch, T.'     2 0000-0001-5875-3361 
'Stephanopoulos, N.' 3 0000-0001-7859-410X 
'Yan, H.'            4 0000-0001-7397-9852 
# 
_citation.abstract                  ? 
_citation.abstract_id_CAS           ? 
_citation.book_id_ISBN              ? 
_citation.book_publisher            ? 
_citation.book_publisher_city       ? 
_citation.book_title                ? 
_citation.coordinate_linkage        ? 
_citation.country                   UK 
_citation.database_id_Medline       ? 
_citation.details                   ? 
_citation.id                        primary 
_citation.journal_abbrev            'Nat Commun' 
_citation.journal_id_ASTM           ? 
_citation.journal_id_CSD            ? 
_citation.journal_id_ISSN           2041-1723 
_citation.journal_full              ? 
_citation.journal_issue             ? 
_citation.journal_volume            13 
_citation.language                  ? 
_citation.page_first                3112 
_citation.page_last                 3112 
_citation.title                     'The influence of Holliday junction sequence and dynamics on DNA crystal self-assembly.' 
_citation.year                      2022 
_citation.database_id_CSD           ? 
_citation.pdbx_database_id_DOI      10.1038/s41467-022-30779-6 
_citation.pdbx_database_id_PubMed   35662248 
_citation.unpublished_flag          ? 
# 
loop_
_citation_author.citation_id 
_citation_author.name 
_citation_author.ordinal 
_citation_author.identifier_ORCID 
primary 'Simmons, C.R.'      1  ?                   
primary 'MacCulloch, T.'     2  ?                   
primary 'Krepl, M.'          3  0000-0002-9833-4281 
primary 'Matthies, M.'       4  ?                   
primary 'Buchberger, A.'     5  ?                   
primary 'Crawford, I.'       6  ?                   
primary 'Sponer, J.'         7  0000-0001-6558-6186 
primary 'Sulc, P.'           8  0000-0003-1565-6769 
primary 'Stephanopoulos, N.' 9  0000-0001-7859-410X 
primary 'Yan, H.'            10 0000-0001-7397-9852 
# 
_cell.angle_alpha                  90.000 
_cell.angle_alpha_esd              ? 
_cell.angle_beta                   90.000 
_cell.angle_beta_esd               ? 
_cell.angle_gamma                  120.000 
_cell.angle_gamma_esd              ? 
_cell.entry_id                     7JK0 
_cell.details                      ? 
_cell.formula_units_Z              ? 
_cell.length_a                     67.970 
_cell.length_a_esd                 ? 
_cell.length_b                     67.970 
_cell.length_b_esd                 ? 
_cell.length_c                     55.829 
_cell.length_c_esd                 ? 
_cell.volume                       ? 
_cell.volume_esd                   ? 
_cell.Z_PDB                        3 
_cell.reciprocal_angle_alpha       ? 
_cell.reciprocal_angle_beta        ? 
_cell.reciprocal_angle_gamma       ? 
_cell.reciprocal_angle_alpha_esd   ? 
_cell.reciprocal_angle_beta_esd    ? 
_cell.reciprocal_angle_gamma_esd   ? 
_cell.reciprocal_length_a          ? 
_cell.reciprocal_length_b          ? 
_cell.reciprocal_length_c          ? 
_cell.reciprocal_length_a_esd      ? 
_cell.reciprocal_length_b_esd      ? 
_cell.reciprocal_length_c_esd      ? 
_cell.pdbx_unique_axis             ? 
# 
_symmetry.entry_id                         7JK0 
_symmetry.cell_setting                     ? 
_symmetry.Int_Tables_number                145 
_symmetry.space_group_name_Hall            ? 
_symmetry.space_group_name_H-M             'P 32' 
_symmetry.pdbx_full_space_group_name_H-M   ? 
# 
loop_
_entity.id 
_entity.type 
_entity.src_method 
_entity.pdbx_description 
_entity.formula_weight 
_entity.pdbx_number_of_molecules 
_entity.pdbx_ec 
_entity.pdbx_mutation 
_entity.pdbx_fragment 
_entity.details 
1 polymer     syn 
;DNA (5'-D(*GP*AP*AP*CP*GP*AP*CP*AP*CP*TP*GP*A)-3')
;
3680.432 1 ? ? ? ? 
2 polymer     syn 
;DNA (5'-D(P*CP*GP*GP*AP*GP*AP*CP*TP*C)-3')
;
2740.812 1 ? ? ? ? 
3 polymer     syn 
;DNA (5'-D(P*TP*CP*AP*CP*CP*G)-3')
;
1769.193 1 ? ? ? ? 
4 polymer     syn 
;DNA (5'-D(*TP*CP*GP*AP*GP*TP*CP*TP*GP*TP*GP*TP*CP*GP*T)-3')
;
4606.980 1 ? ? ? ? 
5 non-polymer syn 'CACODYLATE ION'                                              136.989  1 ? ? ? ? 
# 
loop_
_entity_poly.entity_id 
_entity_poly.type 
_entity_poly.nstd_linkage 
_entity_poly.nstd_monomer 
_entity_poly.pdbx_seq_one_letter_code 
_entity_poly.pdbx_seq_one_letter_code_can 
_entity_poly.pdbx_strand_id 
_entity_poly.pdbx_target_identifier 
1 polydeoxyribonucleotide no no '(DG)(DA)(DA)(DC)(DG)(DA)(DC)(DA)(DC)(DT)(DG)(DA)'             GAACGACACTGA    A ? 
2 polydeoxyribonucleotide no no '(DC)(DG)(DG)(DA)(DG)(DA)(DC)(DT)(DC)'                         CGGAGACTC       B ? 
3 polydeoxyribonucleotide no no '(DT)(DC)(DA)(DC)(DC)(DG)'                                     TCACCG          C ? 
4 polydeoxyribonucleotide no no '(DT)(DC)(DG)(DA)(DG)(DT)(DC)(DT)(DG)(DT)(DG)(DT)(DC)(DG)(DT)' TCGAGTCTGTGTCGT D ? 
# 
loop_
_entity_poly_seq.entity_id 
_entity_poly_seq.num 
_entity_poly_seq.mon_id 
_entity_poly_seq.hetero 
1 1  DG n 
1 2  DA n 
1 3  DA n 
1 4  DC n 
1 5  DG n 
1 6  DA n 
1 7  DC n 
1 8  DA n 
1 9  DC n 
1 10 DT n 
1 11 DG n 
1 12 DA n 
2 1  DC n 
2 2  DG n 
2 3  DG n 
2 4  DA n 
2 5  DG n 
2 6  DA n 
2 7  DC n 
2 8  DT n 
2 9  DC n 
3 1  DT n 
3 2  DC n 
3 3  DA n 
3 4  DC n 
3 5  DC n 
3 6  DG n 
4 1  DT n 
4 2  DC n 
4 3  DG n 
4 4  DA n 
4 5  DG n 
4 6  DT n 
4 7  DC n 
4 8  DT n 
4 9  DG n 
4 10 DT n 
4 11 DG n 
4 12 DT n 
4 13 DC n 
4 14 DG n 
4 15 DT n 
# 
loop_
_pdbx_entity_src_syn.entity_id 
_pdbx_entity_src_syn.pdbx_src_id 
_pdbx_entity_src_syn.pdbx_alt_source_flag 
_pdbx_entity_src_syn.pdbx_beg_seq_num 
_pdbx_entity_src_syn.pdbx_end_seq_num 
_pdbx_entity_src_syn.organism_scientific 
_pdbx_entity_src_syn.organism_common_name 
_pdbx_entity_src_syn.ncbi_taxonomy_id 
_pdbx_entity_src_syn.details 
1 1 sample 1 12 'synthetic construct' ? 32630 ? 
2 1 sample 1 9  'synthetic construct' ? 32630 ? 
3 1 sample 1 6  'synthetic construct' ? 32630 ? 
4 1 sample 1 15 'synthetic construct' ? 32630 ? 
# 
loop_
_struct_ref.id 
_struct_ref.db_name 
_struct_ref.db_code 
_struct_ref.pdbx_db_accession 
_struct_ref.pdbx_db_isoform 
_struct_ref.entity_id 
_struct_ref.pdbx_seq_one_letter_code 
_struct_ref.pdbx_align_begin 
1 PDB 7JK0 7JK0 ? 1 ? 1 
2 PDB 7JK0 7JK0 ? 2 ? 1 
3 PDB 7JK0 7JK0 ? 3 ? 1 
4 PDB 7JK0 7JK0 ? 4 ? 1 
# 
loop_
_struct_ref_seq.align_id 
_struct_ref_seq.ref_id 
_struct_ref_seq.pdbx_PDB_id_code 
_struct_ref_seq.pdbx_strand_id 
_struct_ref_seq.seq_align_beg 
_struct_ref_seq.pdbx_seq_align_beg_ins_code 
_struct_ref_seq.seq_align_end 
_struct_ref_seq.pdbx_seq_align_end_ins_code 
_struct_ref_seq.pdbx_db_accession 
_struct_ref_seq.db_align_beg 
_struct_ref_seq.pdbx_db_align_beg_ins_code 
_struct_ref_seq.db_align_end 
_struct_ref_seq.pdbx_db_align_end_ins_code 
_struct_ref_seq.pdbx_auth_seq_align_beg 
_struct_ref_seq.pdbx_auth_seq_align_end 
1 1 7JK0 A 1 ? 12 ? 7JK0 1  ? 12 ? 1  12 
2 2 7JK0 B 1 ? 9  ? 7JK0 12 ? 20 ? 12 20 
3 3 7JK0 C 1 ? 6  ? 7JK0 0  ? 5  ? 0  5  
4 4 7JK0 D 1 ? 15 ? 7JK0 2  ? 16 ? 2  16 
# 
loop_
_chem_comp.id 
_chem_comp.type 
_chem_comp.mon_nstd_flag 
_chem_comp.name 
_chem_comp.pdbx_synonyms 
_chem_comp.formula 
_chem_comp.formula_weight 
CAC non-polymer   . 'CACODYLATE ION'                     dimethylarsinate 'C2 H6 As O2 -1'  136.989 
DA  'DNA linking' y "2'-DEOXYADENOSINE-5'-MONOPHOSPHATE" ?                'C10 H14 N5 O6 P' 331.222 
DC  'DNA linking' y "2'-DEOXYCYTIDINE-5'-MONOPHOSPHATE"  ?                'C9 H14 N3 O7 P'  307.197 
DG  'DNA linking' y "2'-DEOXYGUANOSINE-5'-MONOPHOSPHATE" ?                'C10 H14 N5 O7 P' 347.221 
DT  'DNA linking' y "THYMIDINE-5'-MONOPHOSPHATE"         ?                'C10 H15 N2 O8 P' 322.208 
# 
_exptl.absorpt_coefficient_mu     ? 
_exptl.absorpt_correction_T_max   ? 
_exptl.absorpt_correction_T_min   ? 
_exptl.absorpt_correction_type    ? 
_exptl.absorpt_process_details    ? 
_exptl.entry_id                   7JK0 
_exptl.crystals_number            1 
_exptl.details                    ? 
_exptl.method                     'X-RAY DIFFRACTION' 
_exptl.method_details             ? 
# 
_exptl_crystal.colour                      ? 
_exptl_crystal.density_diffrn              ? 
_exptl_crystal.density_Matthews            5.82 
_exptl_crystal.density_method              ? 
_exptl_crystal.density_percent_sol         78.86 
_exptl_crystal.description                 ? 
_exptl_crystal.F_000                       ? 
_exptl_crystal.id                          1 
_exptl_crystal.preparation                 ? 
_exptl_crystal.size_max                    ? 
_exptl_crystal.size_mid                    ? 
_exptl_crystal.size_min                    ? 
_exptl_crystal.size_rad                    ? 
_exptl_crystal.colour_lustre               ? 
_exptl_crystal.colour_modifier             ? 
_exptl_crystal.colour_primary              ? 
_exptl_crystal.density_meas                ? 
_exptl_crystal.density_meas_esd            ? 
_exptl_crystal.density_meas_gt             ? 
_exptl_crystal.density_meas_lt             ? 
_exptl_crystal.density_meas_temp           ? 
_exptl_crystal.density_meas_temp_esd       ? 
_exptl_crystal.density_meas_temp_gt        ? 
_exptl_crystal.density_meas_temp_lt        ? 
_exptl_crystal.pdbx_crystal_image_url      ? 
_exptl_crystal.pdbx_crystal_image_format   ? 
_exptl_crystal.pdbx_mosaicity              ? 
_exptl_crystal.pdbx_mosaicity_esd          ? 
# 
_exptl_crystal_grow.apparatus       ? 
_exptl_crystal_grow.atmosphere      ? 
_exptl_crystal_grow.crystal_id      1 
_exptl_crystal_grow.details         ? 
_exptl_crystal_grow.method          'VAPOR DIFFUSION, SITTING DROP' 
_exptl_crystal_grow.method_ref      ? 
_exptl_crystal_grow.pH              ? 
_exptl_crystal_grow.pressure        ? 
_exptl_crystal_grow.pressure_esd    ? 
_exptl_crystal_grow.seeding         ? 
_exptl_crystal_grow.seeding_ref     ? 
_exptl_crystal_grow.temp            298 
_exptl_crystal_grow.temp_details    'temperature gradient generated from 60 to 25 C at 0.3 degrees per hour' 
_exptl_crystal_grow.temp_esd        ? 
_exptl_crystal_grow.time            ? 
_exptl_crystal_grow.pdbx_details    
;0.5 mL of 0.05 M Cacodylate pH 6.5 with 100 mM MgCl2, 2.0 mM CoH18N6, and 5% isopropanol was added to the reservoir with 2 uL added to the drop containing 4 uL of DNA stock
;
_exptl_crystal_grow.pdbx_pH_range   ? 
# 
_diffrn.ambient_environment              ? 
_diffrn.ambient_temp                     100 
_diffrn.ambient_temp_details             ? 
_diffrn.ambient_temp_esd                 ? 
_diffrn.crystal_id                       1 
_diffrn.crystal_support                  ? 
_diffrn.crystal_treatment                ? 
_diffrn.details                          ? 
_diffrn.id                               1 
_diffrn.ambient_pressure                 ? 
_diffrn.ambient_pressure_esd             ? 
_diffrn.ambient_pressure_gt              ? 
_diffrn.ambient_pressure_lt              ? 
_diffrn.ambient_temp_gt                  ? 
_diffrn.ambient_temp_lt                  ? 
_diffrn.pdbx_serial_crystal_experiment   N 
# 
_diffrn_detector.details                      ? 
_diffrn_detector.detector                     PIXEL 
_diffrn_detector.diffrn_id                    1 
_diffrn_detector.type                         'DECTRIS PILATUS3 6M' 
_diffrn_detector.area_resol_mean              ? 
_diffrn_detector.dtime                        ? 
_diffrn_detector.pdbx_frames_total            ? 
_diffrn_detector.pdbx_collection_time_total   ? 
_diffrn_detector.pdbx_collection_date         2018-08-15 
_diffrn_detector.pdbx_frequency               ? 
# 
_diffrn_radiation.collimation                      ? 
_diffrn_radiation.diffrn_id                        1 
_diffrn_radiation.filter_edge                      ? 
_diffrn_radiation.inhomogeneity                    ? 
_diffrn_radiation.monochromator                    ? 
_diffrn_radiation.polarisn_norm                    ? 
_diffrn_radiation.polarisn_ratio                   ? 
_diffrn_radiation.probe                            ? 
_diffrn_radiation.type                             ? 
_diffrn_radiation.xray_symbol                      ? 
_diffrn_radiation.wavelength_id                    1 
_diffrn_radiation.pdbx_monochromatic_or_laue_m_l   M 
_diffrn_radiation.pdbx_wavelength_list             ? 
_diffrn_radiation.pdbx_wavelength                  ? 
_diffrn_radiation.pdbx_diffrn_protocol             'SINGLE WAVELENGTH' 
_diffrn_radiation.pdbx_analyzer                    ? 
_diffrn_radiation.pdbx_scattering_type             x-ray 
# 
_diffrn_radiation_wavelength.id           1 
_diffrn_radiation_wavelength.wavelength   1 
_diffrn_radiation_wavelength.wt           1.0 
# 
_diffrn_source.current                     ? 
_diffrn_source.details                     ? 
_diffrn_source.diffrn_id                   1 
_diffrn_source.power                       ? 
_diffrn_source.size                        ? 
_diffrn_source.source                      SYNCHROTRON 
_diffrn_source.target                      ? 
_diffrn_source.type                        'ALS BEAMLINE 5.0.2' 
_diffrn_source.voltage                     ? 
_diffrn_source.take-off_angle              ? 
_diffrn_source.pdbx_wavelength_list        1 
_diffrn_source.pdbx_wavelength             ? 
_diffrn_source.pdbx_synchrotron_beamline   5.0.2 
_diffrn_source.pdbx_synchrotron_site       ALS 
# 
_reflns.B_iso_Wilson_estimate            44.680 
_reflns.entry_id                         7JK0 
_reflns.data_reduction_details           ? 
_reflns.data_reduction_method            ? 
_reflns.d_resolution_high                3.050 
_reflns.d_resolution_low                 50.000 
_reflns.details                          ? 
_reflns.limit_h_max                      ? 
_reflns.limit_h_min                      ? 
_reflns.limit_k_max                      ? 
_reflns.limit_k_min                      ? 
_reflns.limit_l_max                      ? 
_reflns.limit_l_min                      ? 
_reflns.number_all                       ? 
_reflns.number_obs                       4289 
_reflns.observed_criterion               ? 
_reflns.observed_criterion_F_max         ? 
_reflns.observed_criterion_F_min         ? 
_reflns.observed_criterion_I_max         ? 
_reflns.observed_criterion_I_min         ? 
_reflns.observed_criterion_sigma_F       ? 
_reflns.observed_criterion_sigma_I       ? 
_reflns.percent_possible_obs             78.600 
_reflns.R_free_details                   ? 
_reflns.Rmerge_F_all                     ? 
_reflns.Rmerge_F_obs                     ? 
_reflns.Friedel_coverage                 ? 
_reflns.number_gt                        ? 
_reflns.threshold_expression             ? 
_reflns.pdbx_redundancy                  5.400 
_reflns.pdbx_Rmerge_I_obs                0.070 
_reflns.pdbx_Rmerge_I_all                ? 
_reflns.pdbx_Rsym_value                  ? 
_reflns.pdbx_netI_over_av_sigmaI         ? 
_reflns.pdbx_netI_over_sigmaI            7.500 
_reflns.pdbx_res_netI_over_av_sigmaI_2   ? 
_reflns.pdbx_res_netI_over_sigmaI_2      ? 
_reflns.pdbx_chi_squared                 0.859 
_reflns.pdbx_scaling_rejects             ? 
_reflns.pdbx_d_res_high_opt              ? 
_reflns.pdbx_d_res_low_opt               ? 
_reflns.pdbx_d_res_opt_method            ? 
_reflns.phase_calculation_details        ? 
_reflns.pdbx_Rrim_I_all                  0.077 
_reflns.pdbx_Rpim_I_all                  0.032 
_reflns.pdbx_d_opt                       ? 
_reflns.pdbx_number_measured_all         ? 
_reflns.pdbx_diffrn_id                   1 
_reflns.pdbx_ordinal                     1 
_reflns.pdbx_CC_half                     1 
_reflns.pdbx_CC_star                     ? 
_reflns.pdbx_R_split                     ? 
# 
loop_
_reflns_shell.d_res_high 
_reflns_shell.d_res_low 
_reflns_shell.meanI_over_sigI_all 
_reflns_shell.meanI_over_sigI_obs 
_reflns_shell.number_measured_all 
_reflns_shell.number_measured_obs 
_reflns_shell.number_possible 
_reflns_shell.number_unique_all 
_reflns_shell.number_unique_obs 
_reflns_shell.percent_possible_all 
_reflns_shell.percent_possible_obs 
_reflns_shell.Rmerge_F_all 
_reflns_shell.Rmerge_F_obs 
_reflns_shell.Rmerge_I_all 
_reflns_shell.Rmerge_I_obs 
_reflns_shell.meanI_over_sigI_gt 
_reflns_shell.meanI_over_uI_all 
_reflns_shell.meanI_over_uI_gt 
_reflns_shell.number_measured_gt 
_reflns_shell.number_unique_gt 
_reflns_shell.percent_possible_gt 
_reflns_shell.Rmerge_F_gt 
_reflns_shell.Rmerge_I_gt 
_reflns_shell.pdbx_redundancy 
_reflns_shell.pdbx_Rsym_value 
_reflns_shell.pdbx_chi_squared 
_reflns_shell.pdbx_netI_over_sigmaI_all 
_reflns_shell.pdbx_netI_over_sigmaI_obs 
_reflns_shell.pdbx_Rrim_I_all 
_reflns_shell.pdbx_Rpim_I_all 
_reflns_shell.pdbx_rejects 
_reflns_shell.pdbx_ordinal 
_reflns_shell.pdbx_diffrn_id 
_reflns_shell.pdbx_CC_half 
_reflns_shell.pdbx_CC_star 
_reflns_shell.pdbx_R_split 
3.050 3.100  ? ? ? ? ? ? 135 49.100  ? ? ? ? 0.457 ? ? ? ? ? ? ? ? 5.100 ? 0.540 ? ? 0.505 0.213 ? 1  1 0.951 ? ? 
3.100 3.160  ? ? ? ? ? ? 123 49.200  ? ? ? ? 0.155 ? ? ? ? ? ? ? ? 5.200 ? 0.659 ? ? 0.171 0.072 ? 2  1 0.994 ? ? 
3.160 3.220  ? ? ? ? ? ? 157 55.300  ? ? ? ? 0.091 ? ? ? ? ? ? ? ? 4.900 ? 1.182 ? ? 0.100 0.041 ? 3  1 0.995 ? ? 
3.220 3.290  ? ? ? ? ? ? 139 53.500  ? ? ? ? 0.105 ? ? ? ? ? ? ? ? 4.700 ? 0.833 ? ? 0.116 0.049 ? 4  1 0.996 ? ? 
3.290 3.360  ? ? ? ? ? ? 189 63.000  ? ? ? ? 0.117 ? ? ? ? ? ? ? ? 4.700 ? 0.613 ? ? 0.130 0.056 ? 5  1 0.994 ? ? 
3.360 3.430  ? ? ? ? ? ? 146 58.200  ? ? ? ? 0.113 ? ? ? ? ? ? ? ? 5.700 ? 0.744 ? ? 0.124 0.050 ? 6  1 0.996 ? ? 
3.430 3.520  ? ? ? ? ? ? 194 66.000  ? ? ? ? 0.112 ? ? ? ? ? ? ? ? 5.300 ? 0.914 ? ? 0.123 0.049 ? 7  1 0.997 ? ? 
3.520 3.620  ? ? ? ? ? ? 179 70.500  ? ? ? ? 0.132 ? ? ? ? ? ? ? ? 5.600 ? 0.631 ? ? 0.145 0.059 ? 8  1 0.995 ? ? 
3.620 3.720  ? ? ? ? ? ? 191 70.200  ? ? ? ? 0.181 ? ? ? ? ? ? ? ? 5.300 ? 0.633 ? ? 0.199 0.082 ? 9  1 0.983 ? ? 
3.720 3.840  ? ? ? ? ? ? 224 78.000  ? ? ? ? 0.209 ? ? ? ? ? ? ? ? 5.100 ? 0.573 ? ? 0.232 0.098 ? 10 1 0.981 ? ? 
3.840 3.980  ? ? ? ? ? ? 228 79.700  ? ? ? ? 0.140 ? ? ? ? ? ? ? ? 4.800 ? 0.723 ? ? 0.156 0.068 ? 11 1 0.990 ? ? 
3.980 4.140  ? ? ? ? ? ? 228 90.500  ? ? ? ? 0.137 ? ? ? ? ? ? ? ? 4.900 ? 0.682 ? ? 0.152 0.065 ? 12 1 0.996 ? ? 
4.140 4.330  ? ? ? ? ? ? 252 92.300  ? ? ? ? 0.131 ? ? ? ? ? ? ? ? 5.300 ? 0.619 ? ? 0.144 0.060 ? 13 1 0.995 ? ? 
4.330 4.560  ? ? ? ? ? ? 269 97.800  ? ? ? ? 0.138 ? ? ? ? ? ? ? ? 5.500 ? 0.567 ? ? 0.152 0.062 ? 14 1 0.989 ? ? 
4.560 4.840  ? ? ? ? ? ? 273 97.200  ? ? ? ? 0.113 ? ? ? ? ? ? ? ? 5.600 ? 0.632 ? ? 0.124 0.051 ? 15 1 0.997 ? ? 
4.840 5.210  ? ? ? ? ? ? 279 99.300  ? ? ? ? 0.096 ? ? ? ? ? ? ? ? 5.400 ? 0.808 ? ? 0.107 0.046 ? 16 1 0.993 ? ? 
5.210 5.740  ? ? ? ? ? ? 252 99.600  ? ? ? ? 0.065 ? ? ? ? ? ? ? ? 5.700 ? 0.823 ? ? 0.072 0.030 ? 17 1 0.997 ? ? 
5.740 6.570  ? ? ? ? ? ? 279 100.000 ? ? ? ? 0.058 ? ? ? ? ? ? ? ? 6.100 ? 0.901 ? ? 0.063 0.025 ? 18 1 0.998 ? ? 
6.570 8.270  ? ? ? ? ? ? 272 100.000 ? ? ? ? 0.047 ? ? ? ? ? ? ? ? 5.600 ? 1.219 ? ? 0.052 0.022 ? 19 1 0.997 ? ? 
8.270 50.000 ? ? ? ? ? ? 280 99.600  ? ? ? ? 0.056 ? ? ? ? ? ? ? ? 5.900 ? 2.091 ? ? 0.062 0.026 ? 20 1 0.998 ? ? 
# 
_refine.aniso_B[1][1]                            ? 
_refine.aniso_B[1][2]                            ? 
_refine.aniso_B[1][3]                            ? 
_refine.aniso_B[2][2]                            ? 
_refine.aniso_B[2][3]                            ? 
_refine.aniso_B[3][3]                            ? 
_refine.B_iso_max                                132.780 
_refine.B_iso_mean                               74.2728 
_refine.B_iso_min                                42.550 
_refine.correlation_coeff_Fo_to_Fc               ? 
_refine.correlation_coeff_Fo_to_Fc_free          ? 
_refine.details                                  ? 
_refine.diff_density_max                         ? 
_refine.diff_density_max_esd                     ? 
_refine.diff_density_min                         ? 
_refine.diff_density_min_esd                     ? 
_refine.diff_density_rms                         ? 
_refine.diff_density_rms_esd                     ? 
_refine.entry_id                                 7JK0 
_refine.pdbx_refine_id                           'X-RAY DIFFRACTION' 
_refine.ls_abs_structure_details                 ? 
_refine.ls_abs_structure_Flack                   ? 
_refine.ls_abs_structure_Flack_esd               ? 
_refine.ls_abs_structure_Rogers                  ? 
_refine.ls_abs_structure_Rogers_esd              ? 
_refine.ls_d_res_high                            3.0580 
_refine.ls_d_res_low                             33.9850 
_refine.ls_extinction_coef                       ? 
_refine.ls_extinction_coef_esd                   ? 
_refine.ls_extinction_expression                 ? 
_refine.ls_extinction_method                     ? 
_refine.ls_goodness_of_fit_all                   ? 
_refine.ls_goodness_of_fit_all_esd               ? 
_refine.ls_goodness_of_fit_obs                   ? 
_refine.ls_goodness_of_fit_obs_esd               ? 
_refine.ls_hydrogen_treatment                    ? 
_refine.ls_matrix_type                           ? 
_refine.ls_number_constraints                    ? 
_refine.ls_number_parameters                     ? 
_refine.ls_number_reflns_all                     ? 
_refine.ls_number_reflns_obs                     4205 
_refine.ls_number_reflns_R_free                  409 
_refine.ls_number_reflns_R_work                  3796 
_refine.ls_number_restraints                     ? 
_refine.ls_percent_reflns_obs                    77.2000 
_refine.ls_percent_reflns_R_free                 9.7300 
_refine.ls_R_factor_all                          ? 
_refine.ls_R_factor_obs                          0.2268 
_refine.ls_R_factor_R_free                       0.2475 
_refine.ls_R_factor_R_free_error                 ? 
_refine.ls_R_factor_R_free_error_details         ? 
_refine.ls_R_factor_R_work                       0.2246 
_refine.ls_R_Fsqd_factor_obs                     ? 
_refine.ls_R_I_factor_obs                        ? 
_refine.ls_redundancy_reflns_all                 ? 
_refine.ls_redundancy_reflns_obs                 ? 
_refine.ls_restrained_S_all                      ? 
_refine.ls_restrained_S_obs                      ? 
_refine.ls_shift_over_esd_max                    ? 
_refine.ls_shift_over_esd_mean                   ? 
_refine.ls_structure_factor_coef                 ? 
_refine.ls_weighting_details                     ? 
_refine.ls_weighting_scheme                      ? 
_refine.ls_wR_factor_all                         ? 
_refine.ls_wR_factor_obs                         ? 
_refine.ls_wR_factor_R_free                      ? 
_refine.ls_wR_factor_R_work                      ? 
_refine.occupancy_max                            ? 
_refine.occupancy_min                            ? 
_refine.solvent_model_details                    'FLAT BULK SOLVENT MODEL' 
_refine.solvent_model_param_bsol                 ? 
_refine.solvent_model_param_ksol                 ? 
_refine.pdbx_R_complete                          ? 
_refine.ls_R_factor_gt                           ? 
_refine.ls_goodness_of_fit_gt                    ? 
_refine.ls_goodness_of_fit_ref                   ? 
_refine.ls_shift_over_su_max                     ? 
_refine.ls_shift_over_su_max_lt                  ? 
_refine.ls_shift_over_su_mean                    ? 
_refine.ls_shift_over_su_mean_lt                 ? 
_refine.pdbx_ls_sigma_I                          ? 
_refine.pdbx_ls_sigma_F                          2.010 
_refine.pdbx_ls_sigma_Fsqd                       ? 
_refine.pdbx_data_cutoff_high_absF               ? 
_refine.pdbx_data_cutoff_high_rms_absF           ? 
_refine.pdbx_data_cutoff_low_absF                ? 
_refine.pdbx_isotropic_thermal_model             ? 
_refine.pdbx_ls_cross_valid_method               THROUGHOUT 
_refine.pdbx_method_to_determine_struct          'MOLECULAR REPLACEMENT' 
_refine.pdbx_starting_model                      6XNA 
_refine.pdbx_stereochemistry_target_values       ML 
_refine.pdbx_R_Free_selection_details            ? 
_refine.pdbx_stereochem_target_val_spec_case     ? 
_refine.pdbx_overall_ESU_R                       ? 
_refine.pdbx_overall_ESU_R_Free                  ? 
_refine.pdbx_solvent_vdw_probe_radii             1.1100 
_refine.pdbx_solvent_ion_probe_radii             ? 
_refine.pdbx_solvent_shrinkage_radii             0.9000 
_refine.pdbx_real_space_R                        ? 
_refine.pdbx_density_correlation                 ? 
_refine.pdbx_pd_number_of_powder_patterns        ? 
_refine.pdbx_pd_number_of_points                 ? 
_refine.pdbx_pd_meas_number_of_points            ? 
_refine.pdbx_pd_proc_ls_prof_R_factor            ? 
_refine.pdbx_pd_proc_ls_prof_wR_factor           ? 
_refine.pdbx_pd_Marquardt_correlation_coeff      ? 
_refine.pdbx_pd_Fsqrd_R_factor                   ? 
_refine.pdbx_pd_ls_matrix_band_width             ? 
_refine.pdbx_overall_phase_error                 42.6800 
_refine.pdbx_overall_SU_R_free_Cruickshank_DPI   ? 
_refine.pdbx_overall_SU_R_free_Blow_DPI          ? 
_refine.pdbx_overall_SU_R_Blow_DPI               ? 
_refine.pdbx_TLS_residual_ADP_flag               ? 
_refine.pdbx_diffrn_id                           1 
_refine.overall_SU_B                             ? 
_refine.overall_SU_ML                            0.3500 
_refine.overall_SU_R_Cruickshank_DPI             ? 
_refine.overall_SU_R_free                        ? 
_refine.overall_FOM_free_R_set                   ? 
_refine.overall_FOM_work_R_set                   ? 
_refine.pdbx_average_fsc_overall                 ? 
_refine.pdbx_average_fsc_work                    ? 
_refine.pdbx_average_fsc_free                    ? 
# 
_refine_hist.pdbx_refine_id                   'X-RAY DIFFRACTION' 
_refine_hist.cycle_id                         final 
_refine_hist.details                          ? 
_refine_hist.d_res_high                       3.0580 
_refine_hist.d_res_low                        33.9850 
_refine_hist.number_atoms_solvent             0 
_refine_hist.number_atoms_total               856 
_refine_hist.number_reflns_all                ? 
_refine_hist.number_reflns_obs                ? 
_refine_hist.number_reflns_R_free             ? 
_refine_hist.number_reflns_R_work             ? 
_refine_hist.R_factor_all                     ? 
_refine_hist.R_factor_obs                     ? 
_refine_hist.R_factor_R_free                  ? 
_refine_hist.R_factor_R_work                  ? 
_refine_hist.pdbx_number_residues_total       42 
_refine_hist.pdbx_B_iso_mean_ligand           132.78 
_refine_hist.pdbx_B_iso_mean_solvent          ? 
_refine_hist.pdbx_number_atoms_protein        0 
_refine_hist.pdbx_number_atoms_nucleic_acid   855 
_refine_hist.pdbx_number_atoms_ligand         1 
_refine_hist.pdbx_number_atoms_lipid          ? 
_refine_hist.pdbx_number_atoms_carb           ? 
_refine_hist.pdbx_pseudo_atom_details         ? 
# 
loop_
_refine_ls_restr.pdbx_refine_id 
_refine_ls_restr.criterion 
_refine_ls_restr.dev_ideal 
_refine_ls_restr.dev_ideal_target 
_refine_ls_restr.number 
_refine_ls_restr.rejects 
_refine_ls_restr.type 
_refine_ls_restr.weight 
_refine_ls_restr.pdbx_restraint_function 
'X-RAY DIFFRACTION' ? 0.004  ? 956  ? f_bond_d           ? ? 
'X-RAY DIFFRACTION' ? 0.631  ? 1467 ? f_angle_d          ? ? 
'X-RAY DIFFRACTION' ? 0.031  ? 166  ? f_chiral_restr     ? ? 
'X-RAY DIFFRACTION' ? 0.003  ? 42   ? f_plane_restr      ? ? 
'X-RAY DIFFRACTION' ? 35.092 ? 406  ? f_dihedral_angle_d ? ? 
# 
loop_
_refine_ls_shell.pdbx_refine_id 
_refine_ls_shell.d_res_high 
_refine_ls_shell.d_res_low 
_refine_ls_shell.number_reflns_all 
_refine_ls_shell.number_reflns_obs 
_refine_ls_shell.number_reflns_R_free 
_refine_ls_shell.number_reflns_R_work 
_refine_ls_shell.percent_reflns_obs 
_refine_ls_shell.percent_reflns_R_free 
_refine_ls_shell.R_factor_all 
_refine_ls_shell.R_factor_obs 
_refine_ls_shell.R_factor_R_free 
_refine_ls_shell.R_factor_R_free_error 
_refine_ls_shell.R_factor_R_work 
_refine_ls_shell.redundancy_reflns_all 
_refine_ls_shell.redundancy_reflns_obs 
_refine_ls_shell.wR_factor_all 
_refine_ls_shell.wR_factor_obs 
_refine_ls_shell.wR_factor_R_free 
_refine_ls_shell.wR_factor_R_work 
_refine_ls_shell.pdbx_R_complete 
_refine_ls_shell.pdbx_total_number_of_bins_used 
_refine_ls_shell.pdbx_phase_error 
_refine_ls_shell.pdbx_fsc_work 
_refine_ls_shell.pdbx_fsc_free 
'X-RAY DIFFRACTION' 3.0582 3.5004 . . 88  876  53.0000 . . . 0.2658 0.0000 0.2586 . . . . . . . . . . . 
'X-RAY DIFFRACTION' 3.5004 4.4086 . . 147 1305 80.0000 . . . 0.3362 0.0000 0.3074 . . . . . . . . . . . 
'X-RAY DIFFRACTION' 4.4086 33.985 . . 174 1615 99.0000 . . . 0.2169 0.0000 0.1905 . . . . . . . . . . . 
# 
_struct.entry_id                     7JK0 
_struct.title                        
'Self-assembly of a 3D DNA crystal lattice (4x6 scramble junction version) containing the J1 immobile Holliday junction' 
_struct.pdbx_model_details           ? 
_struct.pdbx_formula_weight          ? 
_struct.pdbx_formula_weight_method   ? 
_struct.pdbx_model_type_details      ? 
_struct.pdbx_CASP_flag               N 
# 
_struct_keywords.entry_id        7JK0 
_struct_keywords.text            
'Structural DNA nanotechnology, immobile Holliday junctions, 3D DNA self-assembly, designer DNA crystals, DNA' 
_struct_keywords.pdbx_keywords   DNA 
# 
loop_
_struct_asym.id 
_struct_asym.pdbx_blank_PDB_chainid_flag 
_struct_asym.pdbx_modified 
_struct_asym.entity_id 
_struct_asym.details 
A N N 1 ? 
B N N 2 ? 
C N N 3 ? 
D N N 4 ? 
E N N 5 ? 
# 
loop_
_struct_conn.id 
_struct_conn.conn_type_id 
_struct_conn.pdbx_leaving_atom_flag 
_struct_conn.pdbx_PDB_id 
_struct_conn.ptnr1_label_asym_id 
_struct_conn.ptnr1_label_comp_id 
_struct_conn.ptnr1_label_seq_id 
_struct_conn.ptnr1_label_atom_id 
_struct_conn.pdbx_ptnr1_label_alt_id 
_struct_conn.pdbx_ptnr1_PDB_ins_code 
_struct_conn.pdbx_ptnr1_standard_comp_id 
_struct_conn.ptnr1_symmetry 
_struct_conn.ptnr2_label_asym_id 
_struct_conn.ptnr2_label_comp_id 
_struct_conn.ptnr2_label_seq_id 
_struct_conn.ptnr2_label_atom_id 
_struct_conn.pdbx_ptnr2_label_alt_id 
_struct_conn.pdbx_ptnr2_PDB_ins_code 
_struct_conn.ptnr1_auth_asym_id 
_struct_conn.ptnr1_auth_comp_id 
_struct_conn.ptnr1_auth_seq_id 
_struct_conn.ptnr2_auth_asym_id 
_struct_conn.ptnr2_auth_comp_id 
_struct_conn.ptnr2_auth_seq_id 
_struct_conn.ptnr2_symmetry 
_struct_conn.pdbx_ptnr3_label_atom_id 
_struct_conn.pdbx_ptnr3_label_seq_id 
_struct_conn.pdbx_ptnr3_label_comp_id 
_struct_conn.pdbx_ptnr3_label_asym_id 
_struct_conn.pdbx_ptnr3_label_alt_id 
_struct_conn.pdbx_ptnr3_PDB_ins_code 
_struct_conn.details 
_struct_conn.pdbx_dist_value 
_struct_conn.pdbx_value_order 
_struct_conn.pdbx_role 
hydrog1  hydrog ? ? A DA 3  N1 ? ? ? 1_555 D DT 15 N3 ? ? A DA 3  D DT 16 1_555 ? ? ? ? ? ? WATSON-CRICK ? ? ? 
hydrog2  hydrog ? ? A DA 3  N6 ? ? ? 1_555 D DT 15 O4 ? ? A DA 3  D DT 16 1_555 ? ? ? ? ? ? WATSON-CRICK ? ? ? 
hydrog3  hydrog ? ? A DC 4  N3 ? ? ? 1_555 D DG 14 N1 ? ? A DC 4  D DG 15 1_555 ? ? ? ? ? ? WATSON-CRICK ? ? ? 
hydrog4  hydrog ? ? A DC 4  N4 ? ? ? 1_555 D DG 14 O6 ? ? A DC 4  D DG 15 1_555 ? ? ? ? ? ? WATSON-CRICK ? ? ? 
hydrog5  hydrog ? ? A DC 4  O2 ? ? ? 1_555 D DG 14 N2 ? ? A DC 4  D DG 15 1_555 ? ? ? ? ? ? WATSON-CRICK ? ? ? 
hydrog6  hydrog ? ? A DG 5  N1 ? ? ? 1_555 D DC 13 N3 ? ? A DG 5  D DC 14 1_555 ? ? ? ? ? ? WATSON-CRICK ? ? ? 
hydrog7  hydrog ? ? A DG 5  N2 ? ? ? 1_555 D DC 13 O2 ? ? A DG 5  D DC 14 1_555 ? ? ? ? ? ? WATSON-CRICK ? ? ? 
hydrog8  hydrog ? ? A DG 5  O6 ? ? ? 1_555 D DC 13 N4 ? ? A DG 5  D DC 14 1_555 ? ? ? ? ? ? WATSON-CRICK ? ? ? 
hydrog9  hydrog ? ? A DA 6  N1 ? ? ? 1_555 D DT 12 N3 ? ? A DA 6  D DT 13 1_555 ? ? ? ? ? ? WATSON-CRICK ? ? ? 
hydrog10 hydrog ? ? A DA 6  N6 ? ? ? 1_555 D DT 12 O4 ? ? A DA 6  D DT 13 1_555 ? ? ? ? ? ? WATSON-CRICK ? ? ? 
hydrog11 hydrog ? ? A DC 7  N3 ? ? ? 1_555 D DG 11 N1 ? ? A DC 7  D DG 12 1_555 ? ? ? ? ? ? WATSON-CRICK ? ? ? 
hydrog12 hydrog ? ? A DC 7  N4 ? ? ? 1_555 D DG 11 O6 ? ? A DC 7  D DG 12 1_555 ? ? ? ? ? ? WATSON-CRICK ? ? ? 
hydrog13 hydrog ? ? A DC 7  O2 ? ? ? 1_555 D DG 11 N2 ? ? A DC 7  D DG 12 1_555 ? ? ? ? ? ? WATSON-CRICK ? ? ? 
hydrog14 hydrog ? ? A DA 8  N1 ? ? ? 1_555 D DT 10 N3 ? ? A DA 8  D DT 11 1_555 ? ? ? ? ? ? WATSON-CRICK ? ? ? 
hydrog15 hydrog ? ? A DA 8  N6 ? ? ? 1_555 D DT 10 O4 ? ? A DA 8  D DT 11 1_555 ? ? ? ? ? ? WATSON-CRICK ? ? ? 
hydrog16 hydrog ? ? A DC 9  N3 ? ? ? 1_555 D DG 9  N1 ? ? A DC 9  D DG 10 1_555 ? ? ? ? ? ? WATSON-CRICK ? ? ? 
hydrog17 hydrog ? ? A DC 9  N4 ? ? ? 1_555 D DG 9  O6 ? ? A DC 9  D DG 10 1_555 ? ? ? ? ? ? WATSON-CRICK ? ? ? 
hydrog18 hydrog ? ? A DC 9  O2 ? ? ? 1_555 D DG 9  N2 ? ? A DC 9  D DG 10 1_555 ? ? ? ? ? ? WATSON-CRICK ? ? ? 
hydrog19 hydrog ? ? A DT 10 N3 ? ? ? 1_555 C DA 3  N1 ? ? A DT 10 C DA 2  1_555 ? ? ? ? ? ? WATSON-CRICK ? ? ? 
hydrog20 hydrog ? ? A DT 10 O4 ? ? ? 1_555 C DA 3  N6 ? ? A DT 10 C DA 2  1_555 ? ? ? ? ? ? WATSON-CRICK ? ? ? 
hydrog21 hydrog ? ? A DG 11 N1 ? ? ? 1_555 C DC 2  N3 ? ? A DG 11 C DC 1  1_555 ? ? ? ? ? ? WATSON-CRICK ? ? ? 
hydrog22 hydrog ? ? A DG 11 N2 ? ? ? 1_555 C DC 2  O2 ? ? A DG 11 C DC 1  1_555 ? ? ? ? ? ? WATSON-CRICK ? ? ? 
hydrog23 hydrog ? ? A DG 11 O6 ? ? ? 1_555 C DC 2  N4 ? ? A DG 11 C DC 1  1_555 ? ? ? ? ? ? WATSON-CRICK ? ? ? 
hydrog24 hydrog ? ? A DA 12 N1 ? ? ? 1_555 C DT 1  N3 ? ? A DA 12 C DT 0  1_555 ? ? ? ? ? ? WATSON-CRICK ? ? ? 
hydrog25 hydrog ? ? A DA 12 N6 ? ? ? 1_555 C DT 1  O4 ? ? A DA 12 C DT 0  1_555 ? ? ? ? ? ? WATSON-CRICK ? ? ? 
hydrog26 hydrog ? ? B DC 1  N3 ? ? ? 1_555 C DG 6  N1 ? ? B DC 12 C DG 5  1_555 ? ? ? ? ? ? WATSON-CRICK ? ? ? 
hydrog27 hydrog ? ? B DC 1  N4 ? ? ? 1_555 C DG 6  O6 ? ? B DC 12 C DG 5  1_555 ? ? ? ? ? ? WATSON-CRICK ? ? ? 
hydrog28 hydrog ? ? B DC 1  O2 ? ? ? 1_555 C DG 6  N2 ? ? B DC 12 C DG 5  1_555 ? ? ? ? ? ? WATSON-CRICK ? ? ? 
hydrog29 hydrog ? ? B DG 2  N1 ? ? ? 1_555 C DC 5  N3 ? ? B DG 13 C DC 4  1_555 ? ? ? ? ? ? WATSON-CRICK ? ? ? 
hydrog30 hydrog ? ? B DG 2  N2 ? ? ? 1_555 C DC 5  O2 ? ? B DG 13 C DC 4  1_555 ? ? ? ? ? ? WATSON-CRICK ? ? ? 
hydrog31 hydrog ? ? B DG 2  O6 ? ? ? 1_555 C DC 5  N4 ? ? B DG 13 C DC 4  1_555 ? ? ? ? ? ? WATSON-CRICK ? ? ? 
hydrog32 hydrog ? ? B DG 3  N1 ? ? ? 1_555 C DC 4  N3 ? ? B DG 14 C DC 3  1_555 ? ? ? ? ? ? WATSON-CRICK ? ? ? 
hydrog33 hydrog ? ? B DG 3  N2 ? ? ? 1_555 C DC 4  O2 ? ? B DG 14 C DC 3  1_555 ? ? ? ? ? ? WATSON-CRICK ? ? ? 
hydrog34 hydrog ? ? B DG 3  O6 ? ? ? 1_555 C DC 4  N4 ? ? B DG 14 C DC 3  1_555 ? ? ? ? ? ? WATSON-CRICK ? ? ? 
hydrog35 hydrog ? ? B DA 4  N1 ? ? ? 1_555 D DT 8  N3 ? ? B DA 15 D DT 9  1_555 ? ? ? ? ? ? WATSON-CRICK ? ? ? 
hydrog36 hydrog ? ? B DA 4  N6 ? ? ? 1_555 D DT 8  O4 ? ? B DA 15 D DT 9  1_555 ? ? ? ? ? ? WATSON-CRICK ? ? ? 
hydrog37 hydrog ? ? B DG 5  N1 ? ? ? 1_555 D DC 7  N3 ? ? B DG 16 D DC 8  1_555 ? ? ? ? ? ? WATSON-CRICK ? ? ? 
hydrog38 hydrog ? ? B DG 5  N2 ? ? ? 1_555 D DC 7  O2 ? ? B DG 16 D DC 8  1_555 ? ? ? ? ? ? WATSON-CRICK ? ? ? 
hydrog39 hydrog ? ? B DG 5  O6 ? ? ? 1_555 D DC 7  N4 ? ? B DG 16 D DC 8  1_555 ? ? ? ? ? ? WATSON-CRICK ? ? ? 
hydrog40 hydrog ? ? B DA 6  N1 ? ? ? 1_555 D DT 6  N3 ? ? B DA 17 D DT 7  1_555 ? ? ? ? ? ? WATSON-CRICK ? ? ? 
hydrog41 hydrog ? ? B DA 6  N6 ? ? ? 1_555 D DT 6  O4 ? ? B DA 17 D DT 7  1_555 ? ? ? ? ? ? WATSON-CRICK ? ? ? 
hydrog42 hydrog ? ? B DC 7  N3 ? ? ? 1_555 D DG 5  N1 ? ? B DC 18 D DG 6  1_555 ? ? ? ? ? ? WATSON-CRICK ? ? ? 
hydrog43 hydrog ? ? B DC 7  N4 ? ? ? 1_555 D DG 5  O6 ? ? B DC 18 D DG 6  1_555 ? ? ? ? ? ? WATSON-CRICK ? ? ? 
hydrog44 hydrog ? ? B DC 7  O2 ? ? ? 1_555 D DG 5  N2 ? ? B DC 18 D DG 6  1_555 ? ? ? ? ? ? WATSON-CRICK ? ? ? 
hydrog45 hydrog ? ? B DT 8  N3 ? ? ? 1_555 D DA 4  N1 ? ? B DT 19 D DA 5  1_555 ? ? ? ? ? ? WATSON-CRICK ? ? ? 
hydrog46 hydrog ? ? B DT 8  O4 ? ? ? 1_555 D DA 4  N6 ? ? B DT 19 D DA 5  1_555 ? ? ? ? ? ? WATSON-CRICK ? ? ? 
hydrog47 hydrog ? ? B DC 9  N3 ? ? ? 1_555 D DG 3  N1 ? ? B DC 20 D DG 4  1_555 ? ? ? ? ? ? WATSON-CRICK ? ? ? 
hydrog48 hydrog ? ? B DC 9  N4 ? ? ? 1_555 D DG 3  O6 ? ? B DC 20 D DG 4  1_555 ? ? ? ? ? ? WATSON-CRICK ? ? ? 
hydrog49 hydrog ? ? B DC 9  O2 ? ? ? 1_555 D DG 3  N2 ? ? B DC 20 D DG 4  1_555 ? ? ? ? ? ? WATSON-CRICK ? ? ? 
# 
_struct_conn_type.id          hydrog 
_struct_conn_type.criteria    ? 
_struct_conn_type.reference   ? 
# 
_atom_sites.entry_id                    7JK0 
_atom_sites.Cartn_transf_matrix[1][1]   ? 
_atom_sites.Cartn_transf_matrix[1][2]   ? 
_atom_sites.Cartn_transf_matrix[1][3]   ? 
_atom_sites.Cartn_transf_matrix[2][1]   ? 
_atom_sites.Cartn_transf_matrix[2][2]   ? 
_atom_sites.Cartn_transf_matrix[2][3]   ? 
_atom_sites.Cartn_transf_matrix[3][1]   ? 
_atom_sites.Cartn_transf_matrix[3][2]   ? 
_atom_sites.Cartn_transf_matrix[3][3]   ? 
_atom_sites.Cartn_transf_vector[1]      ? 
_atom_sites.Cartn_transf_vector[2]      ? 
_atom_sites.Cartn_transf_vector[3]      ? 
_atom_sites.fract_transf_matrix[1][1]   -0.00118403 
_atom_sites.fract_transf_matrix[1][2]   -0.00871489 
_atom_sites.fract_transf_matrix[1][3]   0.01453409 
_atom_sites.fract_transf_matrix[2][1]   -0.00404799 
_atom_sites.fract_transf_matrix[2][2]   0.00802949 
_atom_sites.fract_transf_matrix[2][3]   0.01441295 
_atom_sites.fract_transf_matrix[3][1]   -0.01736596 
_atom_sites.fract_transf_matrix[3][2]   -0.00299350 
_atom_sites.fract_transf_matrix[3][3]   -0.00320969 
_atom_sites.fract_transf_vector[1]      0.167177 
_atom_sites.fract_transf_vector[2]      0.849737 
_atom_sites.fract_transf_vector[3]      -0.012341 
_atom_sites.solution_primary            ? 
_atom_sites.solution_secondary          ? 
_atom_sites.solution_hydrogens          ? 
_atom_sites.special_details             ? 
# 
loop_
_atom_type.symbol 
AS 
C  
N  
O  
P  
# 
loop_
_atom_site.group_PDB 
_atom_site.id 
_atom_site.type_symbol 
_atom_site.label_atom_id 
_atom_site.label_alt_id 
_atom_site.label_comp_id 
_atom_site.label_asym_id 
_atom_site.label_entity_id 
_atom_site.label_seq_id 
_atom_site.pdbx_PDB_ins_code 
_atom_site.Cartn_x 
_atom_site.Cartn_y 
_atom_site.Cartn_z 
_atom_site.occupancy 
_atom_site.B_iso_or_equiv 
_atom_site.pdbx_formal_charge 
_atom_site.auth_seq_id 
_atom_site.auth_comp_id 
_atom_site.auth_asym_id 
_atom_site.auth_atom_id 
_atom_site.pdbx_PDB_model_num 
ATOM   1   O  "O5'" . DG  A 1 1  ? -14.601 -12.833 14.706  1.00 90.67  ? 1   DG  A "O5'" 1 
ATOM   2   C  "C5'" . DG  A 1 1  ? -14.424 -13.953 13.841  1.00 90.08  ? 1   DG  A "C5'" 1 
ATOM   3   C  "C4'" . DG  A 1 1  ? -13.074 -14.610 14.077  1.00 91.68  ? 1   DG  A "C4'" 1 
ATOM   4   O  "O4'" . DG  A 1 1  ? -13.032 -15.865 13.384  1.00 86.25  ? 1   DG  A "O4'" 1 
ATOM   5   C  "C3'" . DG  A 1 1  ? -11.879 -13.836 13.542  1.00 88.90  ? 1   DG  A "C3'" 1 
ATOM   6   O  "O3'" . DG  A 1 1  ? -11.380 -12.958 14.540  1.00 93.91  ? 1   DG  A "O3'" 1 
ATOM   7   C  "C2'" . DG  A 1 1  ? -10.856 -14.929 13.205  1.00 85.30  ? 1   DG  A "C2'" 1 
ATOM   8   C  "C1'" . DG  A 1 1  ? -11.688 -16.215 13.157  1.00 81.64  ? 1   DG  A "C1'" 1 
ATOM   9   N  N9    . DG  A 1 1  ? -11.601 -16.938 11.890  1.00 79.30  ? 1   DG  A N9    1 
ATOM   10  C  C8    . DG  A 1 1  ? -12.652 -17.349 11.103  1.00 77.95  ? 1   DG  A C8    1 
ATOM   11  N  N7    . DG  A 1 1  ? -12.280 -17.991 10.032  1.00 73.48  ? 1   DG  A N7    1 
ATOM   12  C  C5    . DG  A 1 1  ? -10.892 -18.014 10.112  1.00 74.17  ? 1   DG  A C5    1 
ATOM   13  C  C6    . DG  A 1 1  ? -9.942  -18.576 9.230   1.00 72.11  ? 1   DG  A C6    1 
ATOM   14  O  O6    . DG  A 1 1  ? -10.142 -19.183 8.171   1.00 68.21  ? 1   DG  A O6    1 
ATOM   15  N  N1    . DG  A 1 1  ? -8.638  -18.378 9.683   1.00 72.98  ? 1   DG  A N1    1 
ATOM   16  C  C2    . DG  A 1 1  ? -8.300  -17.718 10.841  1.00 76.49  ? 1   DG  A C2    1 
ATOM   17  N  N2    . DG  A 1 1  ? -6.989  -17.627 11.113  1.00 77.34  ? 1   DG  A N2    1 
ATOM   18  N  N3    . DG  A 1 1  ? -9.182  -17.188 11.679  1.00 76.40  ? 1   DG  A N3    1 
ATOM   19  C  C4    . DG  A 1 1  ? -10.459 -17.373 11.252  1.00 76.56  ? 1   DG  A C4    1 
ATOM   20  P  P     . DA  A 1 2  ? -10.607 -11.615 14.117  1.00 100.51 ? 2   DA  A P     1 
ATOM   21  O  OP1   . DA  A 1 2  ? -10.333 -10.859 15.359  1.00 93.85  ? 2   DA  A OP1   1 
ATOM   22  O  OP2   . DA  A 1 2  ? -11.370 -10.993 13.013  1.00 99.90  ? 2   DA  A OP2   1 
ATOM   23  O  "O5'" . DA  A 1 2  ? -9.218  -12.131 13.508  1.00 91.75  ? 2   DA  A "O5'" 1 
ATOM   24  C  "C5'" . DA  A 1 2  ? -8.121  -12.408 14.376  1.00 93.34  ? 2   DA  A "C5'" 1 
ATOM   25  C  "C4'" . DA  A 1 2  ? -6.881  -12.804 13.590  1.00 93.67  ? 2   DA  A "C4'" 1 
ATOM   26  O  "O4'" . DA  A 1 2  ? -7.228  -13.815 12.608  1.00 93.17  ? 2   DA  A "O4'" 1 
ATOM   27  C  "C3'" . DA  A 1 2  ? -6.219  -11.681 12.802  1.00 94.57  ? 2   DA  A "C3'" 1 
ATOM   28  O  "O3'" . DA  A 1 2  ? -4.816  -11.914 12.733  1.00 98.97  ? 2   DA  A "O3'" 1 
ATOM   29  C  "C2'" . DA  A 1 2  ? -6.876  -11.812 11.430  1.00 93.81  ? 2   DA  A "C2'" 1 
ATOM   30  C  "C1'" . DA  A 1 2  ? -6.985  -13.324 11.301  1.00 88.34  ? 2   DA  A "C1'" 1 
ATOM   31  N  N9    . DA  A 1 2  ? -8.077  -13.775 10.442  1.00 85.41  ? 2   DA  A N9    1 
ATOM   32  C  C8    . DA  A 1 2  ? -9.404  -13.466 10.561  1.00 84.92  ? 2   DA  A C8    1 
ATOM   33  N  N7    . DA  A 1 2  ? -10.165 -14.036 9.656   1.00 79.96  ? 2   DA  A N7    1 
ATOM   34  C  C5    . DA  A 1 2  ? -9.277  -14.776 8.894   1.00 79.58  ? 2   DA  A C5    1 
ATOM   35  C  C6    . DA  A 1 2  ? -9.454  -15.611 7.771   1.00 82.55  ? 2   DA  A C6    1 
ATOM   36  N  N6    . DA  A 1 2  ? -10.644 -15.845 7.207   1.00 83.51  ? 2   DA  A N6    1 
ATOM   37  N  N1    . DA  A 1 2  ? -8.355  -16.200 7.250   1.00 82.25  ? 2   DA  A N1    1 
ATOM   38  C  C2    . DA  A 1 2  ? -7.167  -15.964 7.819   1.00 83.13  ? 2   DA  A C2    1 
ATOM   39  N  N3    . DA  A 1 2  ? -6.877  -15.201 8.872   1.00 82.59  ? 2   DA  A N3    1 
ATOM   40  C  C4    . DA  A 1 2  ? -7.987  -14.630 9.368   1.00 81.33  ? 2   DA  A C4    1 
ATOM   41  P  P     . DA  A 1 3  ? -3.835  -10.813 12.099  1.00 111.12 ? 3   DA  A P     1 
ATOM   42  O  OP1   . DA  A 1 3  ? -2.523  -10.953 12.771  1.00 103.57 ? 3   DA  A OP1   1 
ATOM   43  O  OP2   . DA  A 1 3  ? -4.537  -9.509  12.108  1.00 102.69 ? 3   DA  A OP2   1 
ATOM   44  O  "O5'" . DA  A 1 3  ? -3.680  -11.267 10.575  1.00 96.92  ? 3   DA  A "O5'" 1 
ATOM   45  C  "C5'" . DA  A 1 3  ? -3.045  -12.497 10.263  1.00 97.11  ? 3   DA  A "C5'" 1 
ATOM   46  C  "C4'" . DA  A 1 3  ? -2.976  -12.695 8.761   1.00 96.51  ? 3   DA  A "C4'" 1 
ATOM   47  O  "O4'" . DA  A 1 3  ? -4.280  -13.101 8.267   1.00 94.81  ? 3   DA  A "O4'" 1 
ATOM   48  C  "C3'" . DA  A 1 3  ? -2.586  -11.445 7.967   1.00 90.73  ? 3   DA  A "C3'" 1 
ATOM   49  O  "O3'" . DA  A 1 3  ? -1.648  -11.782 6.953   1.00 96.47  ? 3   DA  A "O3'" 1 
ATOM   50  C  "C2'" . DA  A 1 3  ? -3.911  -10.979 7.371   1.00 90.04  ? 3   DA  A "C2'" 1 
ATOM   51  C  "C1'" . DA  A 1 3  ? -4.631  -12.302 7.164   1.00 88.52  ? 3   DA  A "C1'" 1 
ATOM   52  N  N9    . DA  A 1 3  ? -6.084  -12.171 7.120   1.00 86.82  ? 3   DA  A N9    1 
ATOM   53  C  C8    . DA  A 1 3  ? -6.867  -11.372 7.909   1.00 83.81  ? 3   DA  A C8    1 
ATOM   54  N  N7    . DA  A 1 3  ? -8.149  -11.454 7.637   1.00 82.90  ? 3   DA  A N7    1 
ATOM   55  C  C5    . DA  A 1 3  ? -8.210  -12.368 6.596   1.00 85.01  ? 3   DA  A C5    1 
ATOM   56  C  C6    . DA  A 1 3  ? -9.287  -12.893 5.852   1.00 84.81  ? 3   DA  A C6    1 
ATOM   57  N  N6    . DA  A 1 3  ? -10.564 -12.550 6.062   1.00 87.58  ? 3   DA  A N6    1 
ATOM   58  N  N1    . DA  A 1 3  ? -9.000  -13.788 4.883   1.00 82.72  ? 3   DA  A N1    1 
ATOM   59  C  C2    . DA  A 1 3  ? -7.721  -14.129 4.676   1.00 81.90  ? 3   DA  A C2    1 
ATOM   60  N  N3    . DA  A 1 3  ? -6.628  -13.705 5.308   1.00 79.25  ? 3   DA  A N3    1 
ATOM   61  C  C4    . DA  A 1 3  ? -6.946  -12.820 6.268   1.00 83.81  ? 3   DA  A C4    1 
ATOM   62  P  P     . DC  A 1 4  ? -0.508  -10.732 6.528   1.00 107.92 ? 4   DC  A P     1 
ATOM   63  O  OP1   . DC  A 1 4  ? 0.744   -11.130 7.209   1.00 103.51 ? 4   DC  A OP1   1 
ATOM   64  O  OP2   . DC  A 1 4  ? -1.053  -9.368  6.720   1.00 98.66  ? 4   DC  A OP2   1 
ATOM   65  O  "O5'" . DC  A 1 4  ? -0.337  -10.972 4.958   1.00 84.82  ? 4   DC  A "O5'" 1 
ATOM   66  C  "C5'" . DC  A 1 4  ? -0.043  -12.268 4.475   1.00 84.21  ? 4   DC  A "C5'" 1 
ATOM   67  C  "C4'" . DC  A 1 4  ? -0.737  -12.516 3.150   1.00 87.99  ? 4   DC  A "C4'" 1 
ATOM   68  O  "O4'" . DC  A 1 4  ? -2.159  -12.649 3.363   1.00 86.95  ? 4   DC  A "O4'" 1 
ATOM   69  C  "C3'" . DC  A 1 4  ? -0.564  -11.403 2.113   1.00 90.58  ? 4   DC  A "C3'" 1 
ATOM   70  O  "O3'" . DC  A 1 4  ? 0.156   -11.895 0.989   1.00 92.79  ? 4   DC  A "O3'" 1 
ATOM   71  C  "C2'" . DC  A 1 4  ? -2.000  -10.994 1.740   1.00 89.70  ? 4   DC  A "C2'" 1 
ATOM   72  C  "C1'" . DC  A 1 4  ? -2.825  -12.177 2.224   1.00 85.95  ? 4   DC  A "C1'" 1 
ATOM   73  N  N1    . DC  A 1 4  ? -4.217  -11.816 2.611   1.00 79.36  ? 4   DC  A N1    1 
ATOM   74  C  C2    . DC  A 1 4  ? -5.288  -12.187 1.788   1.00 75.56  ? 4   DC  A C2    1 
ATOM   75  O  O2    . DC  A 1 4  ? -5.061  -12.810 0.742   1.00 70.63  ? 4   DC  A O2    1 
ATOM   76  N  N3    . DC  A 1 4  ? -6.547  -11.852 2.161   1.00 74.65  ? 4   DC  A N3    1 
ATOM   77  C  C4    . DC  A 1 4  ? -6.749  -11.178 3.296   1.00 78.39  ? 4   DC  A C4    1 
ATOM   78  N  N4    . DC  A 1 4  ? -8.008  -10.865 3.625   1.00 80.23  ? 4   DC  A N4    1 
ATOM   79  C  C5    . DC  A 1 4  ? -5.671  -10.790 4.141   1.00 78.36  ? 4   DC  A C5    1 
ATOM   80  C  C6    . DC  A 1 4  ? -4.435  -11.130 3.767   1.00 78.47  ? 4   DC  A C6    1 
ATOM   81  P  P     . DG  A 1 5  ? 0.644   -10.886 -0.163  1.00 102.95 ? 5   DG  A P     1 
ATOM   82  O  OP1   . DG  A 1 5  ? 1.809   -11.492 -0.846  1.00 99.42  ? 5   DG  A OP1   1 
ATOM   83  O  OP2   . DG  A 1 5  ? 0.766   -9.546  0.456   1.00 96.59  ? 5   DG  A OP2   1 
ATOM   84  O  "O5'" . DG  A 1 5  ? -0.586  -10.856 -1.187  1.00 97.35  ? 5   DG  A "O5'" 1 
ATOM   85  C  "C5'" . DG  A 1 5  ? -1.174  -12.080 -1.617  1.00 97.01  ? 5   DG  A "C5'" 1 
ATOM   86  C  "C4'" . DG  A 1 5  ? -2.399  -11.823 -2.476  1.00 93.32  ? 5   DG  A "C4'" 1 
ATOM   87  O  "O4'" . DG  A 1 5  ? -3.562  -11.618 -1.636  1.00 90.41  ? 5   DG  A "O4'" 1 
ATOM   88  C  "C3'" . DG  A 1 5  ? -2.305  -10.601 -3.387  1.00 92.81  ? 5   DG  A "C3'" 1 
ATOM   89  O  "O3'" . DG  A 1 5  ? -2.570  -10.994 -4.723  1.00 104.12 ? 5   DG  A "O3'" 1 
ATOM   90  C  "C2'" . DG  A 1 5  ? -3.380  -9.645  -2.846  1.00 86.71  ? 5   DG  A "C2'" 1 
ATOM   91  C  "C1'" . DG  A 1 5  ? -4.360  -10.608 -2.201  1.00 80.55  ? 5   DG  A "C1'" 1 
ATOM   92  N  N9    . DG  A 1 5  ? -5.168  -10.020 -1.133  1.00 74.81  ? 5   DG  A N9    1 
ATOM   93  C  C8    . DG  A 1 5  ? -4.712  -9.466  0.039   1.00 72.71  ? 5   DG  A C8    1 
ATOM   94  N  N7    . DG  A 1 5  ? -5.665  -9.037  0.819   1.00 70.91  ? 5   DG  A N7    1 
ATOM   95  C  C5    . DG  A 1 5  ? -6.832  -9.332  0.124   1.00 71.97  ? 5   DG  A C5    1 
ATOM   96  C  C6    . DG  A 1 5  ? -8.184  -9.101  0.475   1.00 73.98  ? 5   DG  A C6    1 
ATOM   97  O  O6    . DG  A 1 5  ? -8.631  -8.572  1.502   1.00 75.15  ? 5   DG  A O6    1 
ATOM   98  N  N1    . DG  A 1 5  ? -9.058  -9.552  -0.512  1.00 73.53  ? 5   DG  A N1    1 
ATOM   99  C  C2    . DG  A 1 5  ? -8.674  -10.151 -1.687  1.00 74.37  ? 5   DG  A C2    1 
ATOM   100 N  N2    . DG  A 1 5  ? -9.662  -10.522 -2.515  1.00 76.07  ? 5   DG  A N2    1 
ATOM   101 N  N3    . DG  A 1 5  ? -7.409  -10.376 -2.028  1.00 73.75  ? 5   DG  A N3    1 
ATOM   102 C  C4    . DG  A 1 5  ? -6.545  -9.942  -1.078  1.00 73.22  ? 5   DG  A C4    1 
ATOM   103 P  P     . DA  A 1 6  ? -2.005  -10.132 -5.954  1.00 110.68 ? 6   DA  A P     1 
ATOM   104 O  OP1   . DA  A 1 6  ? -1.255  -11.048 -6.844  1.00 99.78  ? 6   DA  A OP1   1 
ATOM   105 O  OP2   . DA  A 1 6  ? -1.339  -8.933  -5.397  1.00 108.07 ? 6   DA  A OP2   1 
ATOM   106 O  "O5'" . DA  A 1 6  ? -3.332  -9.648  -6.702  1.00 105.83 ? 6   DA  A "O5'" 1 
ATOM   107 C  "C5'" . DA  A 1 6  ? -4.473  -10.500 -6.743  1.00 100.37 ? 6   DA  A "C5'" 1 
ATOM   108 C  "C4'" . DA  A 1 6  ? -5.737  -9.687  -6.951  1.00 97.83  ? 6   DA  A "C4'" 1 
ATOM   109 O  "O4'" . DA  A 1 6  ? -6.324  -9.347  -5.669  1.00 90.61  ? 6   DA  A "O4'" 1 
ATOM   110 C  "C3'" . DA  A 1 6  ? -5.529  -8.367  -7.694  1.00 97.12  ? 6   DA  A "C3'" 1 
ATOM   111 O  "O3'" . DA  A 1 6  ? -6.413  -8.294  -8.799  1.00 98.70  ? 6   DA  A "O3'" 1 
ATOM   112 C  "C2'" . DA  A 1 6  ? -5.834  -7.293  -6.639  1.00 94.78  ? 6   DA  A "C2'" 1 
ATOM   113 C  "C1'" . DA  A 1 6  ? -6.797  -8.024  -5.718  1.00 86.93  ? 6   DA  A "C1'" 1 
ATOM   114 N  N9    . DA  A 1 6  ? -6.837  -7.495  -4.351  1.00 80.03  ? 6   DA  A N9    1 
ATOM   115 C  C8    . DA  A 1 6  ? -5.770  -7.187  -3.551  1.00 78.60  ? 6   DA  A C8    1 
ATOM   116 N  N7    . DA  A 1 6  ? -6.109  -6.741  -2.363  1.00 78.95  ? 6   DA  A N7    1 
ATOM   117 C  C5    . DA  A 1 6  ? -7.496  -6.761  -2.381  1.00 77.33  ? 6   DA  A C5    1 
ATOM   118 C  C6    . DA  A 1 6  ? -8.466  -6.403  -1.418  1.00 74.91  ? 6   DA  A C6    1 
ATOM   119 N  N6    . DA  A 1 6  ? -8.162  -5.941  -0.202  1.00 71.55  ? 6   DA  A N6    1 
ATOM   120 N  N1    . DA  A 1 6  ? -9.765  -6.545  -1.758  1.00 76.10  ? 6   DA  A N1    1 
ATOM   121 C  C2    . DA  A 1 6  ? -10.066 -7.009  -2.977  1.00 78.85  ? 6   DA  A C2    1 
ATOM   122 N  N3    . DA  A 1 6  ? -9.246  -7.376  -3.964  1.00 79.76  ? 6   DA  A N3    1 
ATOM   123 C  C4    . DA  A 1 6  ? -7.961  -7.225  -3.598  1.00 79.39  ? 6   DA  A C4    1 
ATOM   124 P  P     . DC  A 1 7  ? -6.149  -7.236  -9.976  1.00 107.42 ? 7   DC  A P     1 
ATOM   125 O  OP1   . DC  A 1 7  ? -6.355  -7.956  -11.253 1.00 97.47  ? 7   DC  A OP1   1 
ATOM   126 O  OP2   . DC  A 1 7  ? -4.850  -6.574  -9.714  1.00 105.23 ? 7   DC  A OP2   1 
ATOM   127 O  "O5'" . DC  A 1 7  ? -7.319  -6.158  -9.782  1.00 99.19  ? 7   DC  A "O5'" 1 
ATOM   128 C  "C5'" . DC  A 1 7  ? -8.663  -6.528  -10.067 1.00 96.51  ? 7   DC  A "C5'" 1 
ATOM   129 C  "C4'" . DC  A 1 7  ? -9.643  -5.857  -9.118  1.00 91.45  ? 7   DC  A "C4'" 1 
ATOM   130 O  "O4'" . DC  A 1 7  ? -9.094  -5.807  -7.778  1.00 88.67  ? 7   DC  A "O4'" 1 
ATOM   131 C  "C3'" . DC  A 1 7  ? -10.018 -4.410  -9.472  1.00 94.10  ? 7   DC  A "C3'" 1 
ATOM   132 O  "O3'" . DC  A 1 7  ? -11.418 -4.313  -9.697  1.00 95.99  ? 7   DC  A "O3'" 1 
ATOM   133 C  "C2'" . DC  A 1 7  ? -9.595  -3.602  -8.240  1.00 95.38  ? 7   DC  A "C2'" 1 
ATOM   134 C  "C1'" . DC  A 1 7  ? -9.613  -4.664  -7.157  1.00 88.83  ? 7   DC  A "C1'" 1 
ATOM   135 N  N1    . DC  A 1 7  ? -8.787  -4.319  -5.963  1.00 83.35  ? 7   DC  A N1    1 
ATOM   136 C  C2    . DC  A 1 7  ? -9.422  -4.024  -4.751  1.00 83.66  ? 7   DC  A C2    1 
ATOM   137 O  O2    . DC  A 1 7  ? -10.659 -4.071  -4.692  1.00 83.90  ? 7   DC  A O2    1 
ATOM   138 N  N3    . DC  A 1 7  ? -8.665  -3.703  -3.672  1.00 81.70  ? 7   DC  A N3    1 
ATOM   139 C  C4    . DC  A 1 7  ? -7.335  -3.665  -3.777  1.00 81.46  ? 7   DC  A C4    1 
ATOM   140 N  N4    . DC  A 1 7  ? -6.632  -3.342  -2.686  1.00 79.78  ? 7   DC  A N4    1 
ATOM   141 C  C5    . DC  A 1 7  ? -6.669  -3.957  -5.006  1.00 80.01  ? 7   DC  A C5    1 
ATOM   142 C  C6    . DC  A 1 7  ? -7.427  -4.272  -6.064  1.00 82.83  ? 7   DC  A C6    1 
ATOM   143 P  P     . DA  A 1 8  ? -12.033 -3.014  -10.414 1.00 102.83 ? 8   DA  A P     1 
ATOM   144 O  OP1   . DA  A 1 8  ? -12.881 -3.496  -11.527 1.00 101.33 ? 8   DA  A OP1   1 
ATOM   145 O  OP2   . DA  A 1 8  ? -10.920 -2.077  -10.686 1.00 102.95 ? 8   DA  A OP2   1 
ATOM   146 O  "O5'" . DA  A 1 8  ? -12.977 -2.359  -9.299  1.00 86.51  ? 8   DA  A "O5'" 1 
ATOM   147 C  "C5'" . DA  A 1 8  ? -14.239 -2.948  -9.011  1.00 86.58  ? 8   DA  A "C5'" 1 
ATOM   148 C  "C4'" . DA  A 1 8  ? -14.957 -2.188  -7.912  1.00 87.43  ? 8   DA  A "C4'" 1 
ATOM   149 O  "O4'" . DA  A 1 8  ? -14.141 -2.186  -6.711  1.00 92.40  ? 8   DA  A "O4'" 1 
ATOM   150 C  "C3'" . DA  A 1 8  ? -15.253 -0.724  -8.221  1.00 85.13  ? 8   DA  A "C3'" 1 
ATOM   151 O  "O3'" . DA  A 1 8  ? -16.502 -0.346  -7.651  1.00 89.29  ? 8   DA  A "O3'" 1 
ATOM   152 C  "C2'" . DA  A 1 8  ? -14.094 0.006   -7.554  1.00 87.99  ? 8   DA  A "C2'" 1 
ATOM   153 C  "C1'" . DA  A 1 8  ? -13.853 -0.858  -6.325  1.00 87.17  ? 8   DA  A "C1'" 1 
ATOM   154 N  N9    . DA  A 1 8  ? -12.472 -0.806  -5.853  1.00 84.32  ? 8   DA  A N9    1 
ATOM   155 C  C8    . DA  A 1 8  ? -11.353 -1.157  -6.556  1.00 82.93  ? 8   DA  A C8    1 
ATOM   156 N  N7    . DA  A 1 8  ? -10.237 -1.008  -5.882  1.00 80.48  ? 8   DA  A N7    1 
ATOM   157 C  C5    . DA  A 1 8  ? -10.651 -0.527  -4.651  1.00 78.93  ? 8   DA  A C5    1 
ATOM   158 C  C6    . DA  A 1 8  ? -9.944  -0.165  -3.486  1.00 76.04  ? 8   DA  A C6    1 
ATOM   159 N  N6    . DA  A 1 8  ? -8.613  -0.241  -3.383  1.00 76.37  ? 8   DA  A N6    1 
ATOM   160 N  N1    . DA  A 1 8  ? -10.660 0.279   -2.429  1.00 72.83  ? 8   DA  A N1    1 
ATOM   161 C  C2    . DA  A 1 8  ? -11.994 0.354   -2.540  1.00 74.93  ? 8   DA  A C2    1 
ATOM   162 N  N3    . DA  A 1 8  ? -12.768 0.042   -3.581  1.00 81.49  ? 8   DA  A N3    1 
ATOM   163 C  C4    . DA  A 1 8  ? -12.028 -0.399  -4.613  1.00 79.32  ? 8   DA  A C4    1 
ATOM   164 P  P     . DC  A 1 9  ? -17.081 1.136   -7.885  1.00 105.05 ? 9   DC  A P     1 
ATOM   165 O  OP1   . DC  A 1 9  ? -18.552 1.075   -7.733  1.00 100.65 ? 9   DC  A OP1   1 
ATOM   166 O  OP2   . DC  A 1 9  ? -16.485 1.653   -9.137  1.00 87.82  ? 9   DC  A OP2   1 
ATOM   167 O  "O5'" . DC  A 1 9  ? -16.487 1.982   -6.664  1.00 83.62  ? 9   DC  A "O5'" 1 
ATOM   168 C  "C5'" . DC  A 1 9  ? -16.920 1.705   -5.344  1.00 82.85  ? 9   DC  A "C5'" 1 
ATOM   169 C  "C4'" . DC  A 1 9  ? -16.228 2.610   -4.340  1.00 86.01  ? 9   DC  A "C4'" 1 
ATOM   170 O  "O4'" . DC  A 1 9  ? -14.832 2.250   -4.237  1.00 84.81  ? 9   DC  A "O4'" 1 
ATOM   171 C  "C3'" . DC  A 1 9  ? -16.263 4.108   -4.671  1.00 81.15  ? 9   DC  A "C3'" 1 
ATOM   172 O  "O3'" . DC  A 1 9  ? -16.929 4.804   -3.626  1.00 78.40  ? 9   DC  A "O3'" 1 
ATOM   173 C  "C2'" . DC  A 1 9  ? -14.781 4.507   -4.767  1.00 77.85  ? 9   DC  A "C2'" 1 
ATOM   174 C  "C1'" . DC  A 1 9  ? -14.094 3.411   -3.972  1.00 79.58  ? 9   DC  A "C1'" 1 
ATOM   175 N  N1    . DC  A 1 9  ? -12.677 3.169   -4.376  1.00 74.24  ? 9   DC  A N1    1 
ATOM   176 C  C2    . DC  A 1 9  ? -11.644 3.433   -3.467  1.00 68.16  ? 9   DC  A C2    1 
ATOM   177 O  O2    . DC  A 1 9  ? -11.926 3.874   -2.346  1.00 67.21  ? 9   DC  A O2    1 
ATOM   178 N  N3    . DC  A 1 9  ? -10.361 3.203   -3.845  1.00 64.24  ? 9   DC  A N3    1 
ATOM   179 C  C4    . DC  A 1 9  ? -10.100 2.732   -5.065  1.00 67.18  ? 9   DC  A C4    1 
ATOM   180 N  N4    . DC  A 1 9  ? -8.821  2.522   -5.392  1.00 66.91  ? 9   DC  A N4    1 
ATOM   181 C  C5    . DC  A 1 9  ? -11.139 2.456   -6.005  1.00 71.90  ? 9   DC  A C5    1 
ATOM   182 C  C6    . DC  A 1 9  ? -12.400 2.684   -5.621  1.00 73.61  ? 9   DC  A C6    1 
ATOM   183 P  P     . DT  A 1 10 ? -17.423 6.323   -3.820  1.00 99.95  ? 10  DT  A P     1 
ATOM   184 O  OP1   . DT  A 1 10 ? -18.897 6.303   -3.954  1.00 98.43  ? 10  DT  A OP1   1 
ATOM   185 O  OP2   . DT  A 1 10 ? -16.602 6.991   -4.855  1.00 89.45  ? 10  DT  A OP2   1 
ATOM   186 O  "O5'" . DT  A 1 10 ? -17.052 6.991   -2.422  1.00 88.17  ? 10  DT  A "O5'" 1 
ATOM   187 C  "C5'" . DT  A 1 10 ? -16.067 6.378   -1.603  1.00 83.76  ? 10  DT  A "C5'" 1 
ATOM   188 C  "C4'" . DT  A 1 10 ? -15.257 7.422   -0.870  1.00 83.12  ? 10  DT  A "C4'" 1 
ATOM   189 O  "O4'" . DT  A 1 10 ? -13.840 7.121   -1.003  1.00 79.42  ? 10  DT  A "O4'" 1 
ATOM   190 C  "C3'" . DT  A 1 10 ? -15.433 8.848   -1.388  1.00 78.14  ? 10  DT  A "C3'" 1 
ATOM   191 O  "O3'" . DT  A 1 10 ? -15.454 9.747   -0.291  1.00 77.17  ? 10  DT  A "O3'" 1 
ATOM   192 C  "C2'" . DT  A 1 10 ? -14.193 9.044   -2.258  1.00 74.89  ? 10  DT  A "C2'" 1 
ATOM   193 C  "C1'" . DT  A 1 10 ? -13.164 8.270   -1.455  1.00 71.91  ? 10  DT  A "C1'" 1 
ATOM   194 N  N1    . DT  A 1 10 ? -11.958 7.840   -2.232  1.00 61.49  ? 10  DT  A N1    1 
ATOM   195 C  C2    . DT  A 1 10 ? -10.706 8.110   -1.726  1.00 57.20  ? 10  DT  A C2    1 
ATOM   196 O  O2    . DT  A 1 10 ? -10.525 8.698   -0.675  1.00 58.69  ? 10  DT  A O2    1 
ATOM   197 N  N3    . DT  A 1 10 ? -9.666  7.667   -2.498  1.00 54.96  ? 10  DT  A N3    1 
ATOM   198 C  C4    . DT  A 1 10 ? -9.748  6.996   -3.703  1.00 59.34  ? 10  DT  A C4    1 
ATOM   199 O  O4    . DT  A 1 10 ? -8.751  6.640   -4.326  1.00 56.07  ? 10  DT  A O4    1 
ATOM   200 C  C5    . DT  A 1 10 ? -11.088 6.740   -4.178  1.00 65.60  ? 10  DT  A C5    1 
ATOM   201 C  C7    . DT  A 1 10 ? -11.300 6.025   -5.480  1.00 61.46  ? 10  DT  A C7    1 
ATOM   202 C  C6    . DT  A 1 10 ? -12.117 7.168   -3.427  1.00 64.52  ? 10  DT  A C6    1 
ATOM   203 P  P     . DG  A 1 11 ? -16.183 11.176  -0.410  1.00 100.41 ? 11  DG  A P     1 
ATOM   204 O  OP1   . DG  A 1 11 ? -17.547 11.034  0.152   1.00 100.63 ? 11  DG  A OP1   1 
ATOM   205 O  OP2   . DG  A 1 11 ? -15.993 11.691  -1.786  1.00 83.19  ? 11  DG  A OP2   1 
ATOM   206 O  "O5'" . DG  A 1 11 ? -15.320 12.104  0.565   1.00 93.15  ? 11  DG  A "O5'" 1 
ATOM   207 C  "C5'" . DG  A 1 11 ? -14.024 11.675  0.978   1.00 85.12  ? 11  DG  A "C5'" 1 
ATOM   208 C  "C4'" . DG  A 1 11 ? -12.954 12.636  0.491   1.00 78.00  ? 11  DG  A "C4'" 1 
ATOM   209 O  "O4'" . DG  A 1 11 ? -12.028 11.951  -0.400  1.00 71.77  ? 11  DG  A "O4'" 1 
ATOM   210 C  "C3'" . DG  A 1 11 ? -13.474 13.840  -0.293  1.00 70.53  ? 11  DG  A "C3'" 1 
ATOM   211 O  "O3'" . DG  A 1 11 ? -12.763 14.983  0.104   1.00 68.34  ? 11  DG  A "O3'" 1 
ATOM   212 C  "C2'" . DG  A 1 11 ? -13.151 13.467  -1.737  1.00 66.05  ? 11  DG  A "C2'" 1 
ATOM   213 C  "C1'" . DG  A 1 11 ? -11.832 12.751  -1.539  1.00 59.96  ? 11  DG  A "C1'" 1 
ATOM   214 N  N9    . DG  A 1 11 ? -11.429 11.909  -2.665  1.00 58.04  ? 11  DG  A N9    1 
ATOM   215 C  C8    . DG  A 1 11 ? -12.242 11.325  -3.609  1.00 58.52  ? 11  DG  A C8    1 
ATOM   216 N  N7    . DG  A 1 11 ? -11.588 10.628  -4.502  1.00 52.87  ? 11  DG  A N7    1 
ATOM   217 C  C5    . DG  A 1 11 ? -10.254 10.772  -4.132  1.00 53.63  ? 11  DG  A C5    1 
ATOM   218 C  C6    . DG  A 1 11 ? -9.077  10.247  -4.723  1.00 50.31  ? 11  DG  A C6    1 
ATOM   219 O  O6    . DG  A 1 11 ? -8.975  9.526   -5.725  1.00 52.21  ? 11  DG  A O6    1 
ATOM   220 N  N1    . DG  A 1 11 ? -7.934  10.638  -4.029  1.00 51.51  ? 11  DG  A N1    1 
ATOM   221 C  C2    . DG  A 1 11 ? -7.930  11.435  -2.906  1.00 55.73  ? 11  DG  A C2    1 
ATOM   222 N  N2    . DG  A 1 11 ? -6.733  11.708  -2.372  1.00 56.12  ? 11  DG  A N2    1 
ATOM   223 N  N3    . DG  A 1 11 ? -9.023  11.931  -2.344  1.00 56.73  ? 11  DG  A N3    1 
ATOM   224 C  C4    . DG  A 1 11 ? -10.143 11.560  -3.007  1.00 57.81  ? 11  DG  A C4    1 
ATOM   225 P  P     . DA  A 1 12 ? -13.462 16.424  0.082   1.00 80.37  ? 12  DA  A P     1 
ATOM   226 O  OP1   . DA  A 1 12 ? -14.646 16.367  0.968   1.00 71.11  ? 12  DA  A OP1   1 
ATOM   227 O  OP2   . DA  A 1 12 ? -13.608 16.821  -1.340  1.00 73.09  ? 12  DA  A OP2   1 
ATOM   228 O  "O5'" . DA  A 1 12 ? -12.361 17.369  0.749   1.00 75.45  ? 12  DA  A "O5'" 1 
ATOM   229 C  "C5'" . DA  A 1 12 ? -11.328 16.793  1.542   1.00 65.16  ? 12  DA  A "C5'" 1 
ATOM   230 C  "C4'" . DA  A 1 12 ? -9.966  17.062  0.930   1.00 67.58  ? 12  DA  A "C4'" 1 
ATOM   231 O  "O4'" . DA  A 1 12 ? -9.707  16.110  -0.132  1.00 65.34  ? 12  DA  A "O4'" 1 
ATOM   232 C  "C3'" . DA  A 1 12 ? -9.799  18.452  0.312   1.00 69.82  ? 12  DA  A "C3'" 1 
ATOM   233 O  "O3'" . DA  A 1 12 ? -8.559  19.002  0.706   1.00 69.10  ? 12  DA  A "O3'" 1 
ATOM   234 C  "C2'" . DA  A 1 12 ? -9.842  18.184  -1.193  1.00 64.65  ? 12  DA  A "C2'" 1 
ATOM   235 C  "C1'" . DA  A 1 12 ? -9.245  16.790  -1.274  1.00 60.12  ? 12  DA  A "C1'" 1 
ATOM   236 N  N9    . DA  A 1 12 ? -9.669  16.045  -2.451  1.00 58.59  ? 12  DA  A N9    1 
ATOM   237 C  C8    . DA  A 1 12 ? -10.949 15.864  -2.895  1.00 59.46  ? 12  DA  A C8    1 
ATOM   238 N  N7    . DA  A 1 12 ? -11.033 15.140  -3.987  1.00 55.54  ? 12  DA  A N7    1 
ATOM   239 C  C5    . DA  A 1 12 ? -9.717  14.826  -4.279  1.00 53.70  ? 12  DA  A C5    1 
ATOM   240 C  C6    . DA  A 1 12 ? -9.127  14.076  -5.319  1.00 54.96  ? 12  DA  A C6    1 
ATOM   241 N  N6    . DA  A 1 12 ? -9.829  13.488  -6.294  1.00 52.80  ? 12  DA  A N6    1 
ATOM   242 N  N1    . DA  A 1 12 ? -7.783  13.954  -5.317  1.00 53.72  ? 12  DA  A N1    1 
ATOM   243 C  C2    . DA  A 1 12 ? -7.083  14.546  -4.340  1.00 57.36  ? 12  DA  A C2    1 
ATOM   244 N  N3    . DA  A 1 12 ? -7.525  15.274  -3.312  1.00 56.31  ? 12  DA  A N3    1 
ATOM   245 C  C4    . DA  A 1 12 ? -8.863  15.374  -3.341  1.00 55.04  ? 12  DA  A C4    1 
ATOM   246 P  P     . DC  B 2 1  ? 12.929  20.879  -1.738  1.00 90.66  ? 12  DC  B P     1 
ATOM   247 O  OP1   . DC  B 2 1  ? 13.242  22.314  -1.550  1.00 63.53  ? 12  DC  B OP1   1 
ATOM   248 O  OP2   . DC  B 2 1  ? 11.918  20.469  -2.738  1.00 80.22  ? 12  DC  B OP2   1 
ATOM   249 O  "O5'" . DC  B 2 1  ? 12.496  20.253  -0.328  1.00 83.84  ? 12  DC  B "O5'" 1 
ATOM   250 C  "C5'" . DC  B 2 1  ? 13.026  20.789  0.881   1.00 72.06  ? 12  DC  B "C5'" 1 
ATOM   251 C  "C4'" . DC  B 2 1  ? 13.571  19.684  1.770   1.00 76.57  ? 12  DC  B "C4'" 1 
ATOM   252 O  "O4'" . DC  B 2 1  ? 12.552  19.262  2.711   1.00 76.19  ? 12  DC  B "O4'" 1 
ATOM   253 C  "C3'" . DC  B 2 1  ? 14.032  18.425  1.030   1.00 77.86  ? 12  DC  B "C3'" 1 
ATOM   254 O  "O3'" . DC  B 2 1  ? 15.369  18.114  1.390   1.00 82.61  ? 12  DC  B "O3'" 1 
ATOM   255 C  "C2'" . DC  B 2 1  ? 13.053  17.337  1.488   1.00 75.63  ? 12  DC  B "C2'" 1 
ATOM   256 C  "C1'" . DC  B 2 1  ? 12.572  17.860  2.832   1.00 66.46  ? 12  DC  B "C1'" 1 
ATOM   257 N  N1    . DC  B 2 1  ? 11.193  17.408  3.180   1.00 57.82  ? 12  DC  B N1    1 
ATOM   258 C  C2    . DC  B 2 1  ? 10.942  16.819  4.427   1.00 58.56  ? 12  DC  B C2    1 
ATOM   259 O  O2    . DC  B 2 1  ? 11.873  16.679  5.231   1.00 60.39  ? 12  DC  B O2    1 
ATOM   260 N  N3    . DC  B 2 1  ? 9.679   16.417  4.719   1.00 56.23  ? 12  DC  B N3    1 
ATOM   261 C  C4    . DC  B 2 1  ? 8.700   16.585  3.826   1.00 54.89  ? 12  DC  B C4    1 
ATOM   262 N  N4    . DC  B 2 1  ? 7.473   16.174  4.158   1.00 54.89  ? 12  DC  B N4    1 
ATOM   263 C  C5    . DC  B 2 1  ? 8.938   17.181  2.555   1.00 54.89  ? 12  DC  B C5    1 
ATOM   264 C  C6    . DC  B 2 1  ? 10.186  17.573  2.277   1.00 58.49  ? 12  DC  B C6    1 
ATOM   265 P  P     . DG  B 2 2  ? 16.203  17.028  0.550   1.00 101.05 ? 13  DG  B P     1 
ATOM   266 O  OP1   . DG  B 2 2  ? 17.493  17.649  0.181   1.00 101.18 ? 13  DG  B OP1   1 
ATOM   267 O  OP2   . DG  B 2 2  ? 15.322  16.479  -0.507  1.00 93.83  ? 13  DG  B OP2   1 
ATOM   268 O  "O5'" . DG  B 2 2  ? 16.469  15.861  1.607   1.00 83.22  ? 13  DG  B "O5'" 1 
ATOM   269 C  "C5'" . DG  B 2 2  ? 16.937  16.182  2.906   1.00 84.42  ? 13  DG  B "C5'" 1 
ATOM   270 C  "C4'" . DG  B 2 2  ? 16.590  15.076  3.882   1.00 86.16  ? 13  DG  B "C4'" 1 
ATOM   271 O  "O4'" . DG  B 2 2  ? 15.152  15.031  4.068   1.00 79.75  ? 13  DG  B "O4'" 1 
ATOM   272 C  "C3'" . DG  B 2 2  ? 17.014  13.673  3.441   1.00 86.12  ? 13  DG  B "C3'" 1 
ATOM   273 O  "O3'" . DG  B 2 2  ? 17.701  13.020  4.505   1.00 92.84  ? 13  DG  B "O3'" 1 
ATOM   274 C  "C2'" . DG  B 2 2  ? 15.690  12.980  3.106   1.00 80.80  ? 13  DG  B "C2'" 1 
ATOM   275 C  "C1'" . DG  B 2 2  ? 14.719  13.694  4.031   1.00 72.72  ? 13  DG  B "C1'" 1 
ATOM   276 N  N9    . DG  B 2 2  ? 13.339  13.669  3.557   1.00 64.32  ? 13  DG  B N9    1 
ATOM   277 C  C8    . DG  B 2 2  ? 12.875  14.099  2.336   1.00 61.25  ? 13  DG  B C8    1 
ATOM   278 N  N7    . DG  B 2 2  ? 11.587  13.956  2.191   1.00 54.08  ? 13  DG  B N7    1 
ATOM   279 C  C5    . DG  B 2 2  ? 11.170  13.393  3.389   1.00 57.31  ? 13  DG  B C5    1 
ATOM   280 C  C6    . DG  B 2 2  ? 9.876   13.011  3.815   1.00 55.14  ? 13  DG  B C6    1 
ATOM   281 O  O6    . DG  B 2 2  ? 8.807   13.096  3.195   1.00 56.97  ? 13  DG  B O6    1 
ATOM   282 N  N1    . DG  B 2 2  ? 9.893   12.482  5.104   1.00 54.08  ? 13  DG  B N1    1 
ATOM   283 C  C2    . DG  B 2 2  ? 11.017  12.341  5.881   1.00 54.08  ? 13  DG  B C2    1 
ATOM   284 N  N2    . DG  B 2 2  ? 10.833  11.810  7.100   1.00 54.08  ? 13  DG  B N2    1 
ATOM   285 N  N3    . DG  B 2 2  ? 12.236  12.694  5.494   1.00 54.08  ? 13  DG  B N3    1 
ATOM   286 C  C4    . DG  B 2 2  ? 12.236  13.210  4.241   1.00 57.06  ? 13  DG  B C4    1 
ATOM   287 P  P     . DG  B 2 3  ? 18.438  11.612  4.259   1.00 90.38  ? 14  DG  B P     1 
ATOM   288 O  OP1   . DG  B 2 3  ? 19.742  11.658  4.961   1.00 83.51  ? 14  DG  B OP1   1 
ATOM   289 O  OP2   . DG  B 2 3  ? 18.392  11.312  2.809   1.00 86.01  ? 14  DG  B OP2   1 
ATOM   290 O  "O5'" . DG  B 2 3  ? 17.503  10.569  5.019   1.00 70.63  ? 14  DG  B "O5'" 1 
ATOM   291 C  "C5'" . DG  B 2 3  ? 17.138  10.816  6.366   1.00 75.89  ? 14  DG  B "C5'" 1 
ATOM   292 C  "C4'" . DG  B 2 3  ? 16.117  9.804   6.839   1.00 78.39  ? 14  DG  B "C4'" 1 
ATOM   293 O  "O4'" . DG  B 2 3  ? 14.809  10.151  6.315   1.00 71.95  ? 14  DG  B "O4'" 1 
ATOM   294 C  "C3'" . DG  B 2 3  ? 16.385  8.364   6.395   1.00 76.02  ? 14  DG  B "C3'" 1 
ATOM   295 O  "O3'" . DG  B 2 3  ? 16.125  7.478   7.466   1.00 75.65  ? 14  DG  B "O3'" 1 
ATOM   296 C  "C2'" . DG  B 2 3  ? 15.388  8.164   5.258   1.00 73.28  ? 14  DG  B "C2'" 1 
ATOM   297 C  "C1'" . DG  B 2 3  ? 14.226  9.002   5.754   1.00 67.70  ? 14  DG  B "C1'" 1 
ATOM   298 N  N9    . DG  B 2 3  ? 13.303  9.410   4.705   1.00 58.96  ? 14  DG  B N9    1 
ATOM   299 C  C8    . DG  B 2 3  ? 13.615  10.004  3.506   1.00 57.18  ? 14  DG  B C8    1 
ATOM   300 N  N7    . DG  B 2 3  ? 12.570  10.252  2.765   1.00 55.56  ? 14  DG  B N7    1 
ATOM   301 C  C5    . DG  B 2 3  ? 11.500  9.793   3.524   1.00 54.55  ? 14  DG  B C5    1 
ATOM   302 C  C6    . DG  B 2 3  ? 10.115  9.793   3.242   1.00 54.15  ? 14  DG  B C6    1 
ATOM   303 O  O6    . DG  B 2 3  ? 9.538   10.215  2.231   1.00 57.35  ? 14  DG  B O6    1 
ATOM   304 N  N1    . DG  B 2 3  ? 9.375   9.233   4.283   1.00 53.25  ? 14  DG  B N1    1 
ATOM   305 C  C2    . DG  B 2 3  ? 9.910   8.735   5.449   1.00 53.66  ? 14  DG  B C2    1 
ATOM   306 N  N2    . DG  B 2 3  ? 9.040   8.234   6.341   1.00 53.25  ? 14  DG  B N2    1 
ATOM   307 N  N3    . DG  B 2 3  ? 11.206  8.731   5.724   1.00 54.65  ? 14  DG  B N3    1 
ATOM   308 C  C4    . DG  B 2 3  ? 11.937  9.273   4.719   1.00 55.34  ? 14  DG  B C4    1 
ATOM   309 P  P     . DA  B 2 4  ? 16.900  6.076   7.558   1.00 85.80  ? 15  DA  B P     1 
ATOM   310 O  OP1   . DA  B 2 4  ? 18.251  6.360   8.091   1.00 86.18  ? 15  DA  B OP1   1 
ATOM   311 O  OP2   . DA  B 2 4  ? 16.744  5.389   6.255   1.00 78.62  ? 15  DA  B OP2   1 
ATOM   312 O  "O5'" . DA  B 2 4  ? 16.064  5.255   8.645   1.00 80.18  ? 15  DA  B "O5'" 1 
ATOM   313 C  "C5'" . DA  B 2 4  ? 14.941  5.861   9.276   1.00 72.35  ? 15  DA  B "C5'" 1 
ATOM   314 C  "C4'" . DA  B 2 4  ? 13.735  4.939   9.232   1.00 74.00  ? 15  DA  B "C4'" 1 
ATOM   315 O  "O4'" . DA  B 2 4  ? 12.782  5.419   8.248   1.00 67.57  ? 15  DA  B "O4'" 1 
ATOM   316 C  "C3'" . DA  B 2 4  ? 14.043  3.492   8.853   1.00 77.69  ? 15  DA  B "C3'" 1 
ATOM   317 O  "O3'" . DA  B 2 4  ? 13.287  2.611   9.671   1.00 79.72  ? 15  DA  B "O3'" 1 
ATOM   318 C  "C2'" . DA  B 2 4  ? 13.610  3.414   7.388   1.00 70.24  ? 15  DA  B "C2'" 1 
ATOM   319 C  "C1'" . DA  B 2 4  ? 12.430  4.368   7.374   1.00 64.02  ? 15  DA  B "C1'" 1 
ATOM   320 N  N9    . DA  B 2 4  ? 12.150  4.940   6.060   1.00 62.40  ? 15  DA  B N9    1 
ATOM   321 C  C8    . DA  B 2 4  ? 13.055  5.456   5.172   1.00 64.10  ? 15  DA  B C8    1 
ATOM   322 N  N7    . DA  B 2 4  ? 12.513  5.911   4.065   1.00 59.49  ? 15  DA  B N7    1 
ATOM   323 C  C5    . DA  B 2 4  ? 11.158  5.683   4.242   1.00 59.49  ? 15  DA  B C5    1 
ATOM   324 C  C6    . DA  B 2 4  ? 10.036  5.942   3.427   1.00 56.12  ? 15  DA  B C6    1 
ATOM   325 N  N6    . DA  B 2 4  ? 10.118  6.512   2.220   1.00 53.17  ? 15  DA  B N6    1 
ATOM   326 N  N1    . DA  B 2 4  ? 8.823   5.590   3.905   1.00 57.30  ? 15  DA  B N1    1 
ATOM   327 C  C2    . DA  B 2 4  ? 8.745   5.017   5.114   1.00 58.40  ? 15  DA  B C2    1 
ATOM   328 N  N3    . DA  B 2 4  ? 9.725   4.724   5.969   1.00 58.45  ? 15  DA  B N3    1 
ATOM   329 C  C4    . DA  B 2 4  ? 10.917  5.086   5.468   1.00 60.20  ? 15  DA  B C4    1 
ATOM   330 P  P     . DG  B 2 5  ? 13.652  1.048   9.726   1.00 89.27  ? 16  DG  B P     1 
ATOM   331 O  OP1   . DG  B 2 5  ? 13.742  0.669   11.155  1.00 80.26  ? 16  DG  B OP1   1 
ATOM   332 O  OP2   . DG  B 2 5  ? 14.799  0.817   8.818   1.00 82.91  ? 16  DG  B OP2   1 
ATOM   333 O  "O5'" . DG  B 2 5  ? 12.379  0.338   9.066   1.00 82.57  ? 16  DG  B "O5'" 1 
ATOM   334 C  "C5'" . DG  B 2 5  ? 11.089  0.555   9.616   1.00 75.45  ? 16  DG  B "C5'" 1 
ATOM   335 C  "C4'" . DG  B 2 5  ? 10.004  0.370   8.567   1.00 73.10  ? 16  DG  B "C4'" 1 
ATOM   336 O  "O4'" . DG  B 2 5  ? 10.249  1.243   7.437   1.00 70.19  ? 16  DG  B "O4'" 1 
ATOM   337 C  "C3'" . DG  B 2 5  ? 9.871   -1.045  7.989   1.00 68.97  ? 16  DG  B "C3'" 1 
ATOM   338 O  "O3'" . DG  B 2 5  ? 8.509   -1.457  8.072   1.00 67.74  ? 16  DG  B "O3'" 1 
ATOM   339 C  "C2'" . DG  B 2 5  ? 10.324  -0.882  6.532   1.00 63.36  ? 16  DG  B "C2'" 1 
ATOM   340 C  "C1'" . DG  B 2 5  ? 9.918   0.553   6.262   1.00 58.97  ? 16  DG  B "C1'" 1 
ATOM   341 N  N9    . DG  B 2 5  ? 10.619  1.185   5.147   1.00 60.59  ? 16  DG  B N9    1 
ATOM   342 C  C8    . DG  B 2 5  ? 11.975  1.342   4.999   1.00 61.81  ? 16  DG  B C8    1 
ATOM   343 N  N7    . DG  B 2 5  ? 12.309  1.967   3.902   1.00 56.10  ? 16  DG  B N7    1 
ATOM   344 C  C5    . DG  B 2 5  ? 11.096  2.253   3.289   1.00 57.38  ? 16  DG  B C5    1 
ATOM   345 C  C6    . DG  B 2 5  ? 10.824  2.921   2.069   1.00 58.55  ? 16  DG  B C6    1 
ATOM   346 O  O6    . DG  B 2 5  ? 11.630  3.409   1.261   1.00 58.05  ? 16  DG  B O6    1 
ATOM   347 N  N1    . DG  B 2 5  ? 9.455   2.999   1.819   1.00 57.14  ? 16  DG  B N1    1 
ATOM   348 C  C2    . DG  B 2 5  ? 8.475   2.494   2.641   1.00 58.14  ? 16  DG  B C2    1 
ATOM   349 N  N2    . DG  B 2 5  ? 7.210   2.664   2.230   1.00 56.40  ? 16  DG  B N2    1 
ATOM   350 N  N3    . DG  B 2 5  ? 8.717   1.865   3.786   1.00 59.85  ? 16  DG  B N3    1 
ATOM   351 C  C4    . DG  B 2 5  ? 10.044  1.782   4.046   1.00 59.68  ? 16  DG  B C4    1 
ATOM   352 P  P     . DA  B 2 6  ? 8.097   -2.983  7.788   1.00 76.42  ? 17  DA  B P     1 
ATOM   353 O  OP1   . DA  B 2 6  ? 7.136   -3.383  8.839   1.00 62.99  ? 17  DA  B OP1   1 
ATOM   354 O  OP2   . DA  B 2 6  ? 9.336   -3.762  7.584   1.00 73.06  ? 17  DA  B OP2   1 
ATOM   355 O  "O5'" . DA  B 2 6  ? 7.320   -2.918  6.390   1.00 70.39  ? 17  DA  B "O5'" 1 
ATOM   356 C  "C5'" . DA  B 2 6  ? 5.913   -3.132  6.356   1.00 67.86  ? 17  DA  B "C5'" 1 
ATOM   357 C  "C4'" . DA  B 2 6  ? 5.286   -2.433  5.163   1.00 63.10  ? 17  DA  B "C4'" 1 
ATOM   358 O  "O4'" . DA  B 2 6  ? 6.247   -1.526  4.569   1.00 61.16  ? 17  DA  B "O4'" 1 
ATOM   359 C  "C3'" . DA  B 2 6  ? 4.822   -3.361  4.042   1.00 62.97  ? 17  DA  B "C3'" 1 
ATOM   360 O  "O3'" . DA  B 2 6  ? 3.534   -2.966  3.593   1.00 63.81  ? 17  DA  B "O3'" 1 
ATOM   361 C  "C2'" . DA  B 2 6  ? 5.881   -3.170  2.956   1.00 61.16  ? 17  DA  B "C2'" 1 
ATOM   362 C  "C1'" . DA  B 2 6  ? 6.291   -1.724  3.176   1.00 60.63  ? 17  DA  B "C1'" 1 
ATOM   363 N  N9    . DA  B 2 6  ? 7.646   -1.418  2.724   1.00 60.92  ? 17  DA  B N9    1 
ATOM   364 C  C8    . DA  B 2 6  ? 8.813   -1.781  3.333   1.00 63.06  ? 17  DA  B C8    1 
ATOM   365 N  N7    . DA  B 2 6  ? 9.890   -1.356  2.715   1.00 60.63  ? 17  DA  B N7    1 
ATOM   366 C  C5    . DA  B 2 6  ? 9.395   -0.657  1.630   1.00 57.64  ? 17  DA  B C5    1 
ATOM   367 C  C6    . DA  B 2 6  ? 10.030  0.040   0.582   1.00 58.36  ? 17  DA  B C6    1 
ATOM   368 N  N6    . DA  B 2 6  ? 11.358  0.144   0.468   1.00 59.46  ? 17  DA  B N6    1 
ATOM   369 N  N1    . DA  B 2 6  ? 9.245   0.626   -0.345  1.00 57.02  ? 17  DA  B N1    1 
ATOM   370 C  C2    . DA  B 2 6  ? 7.916   0.519   -0.225  1.00 58.08  ? 17  DA  B C2    1 
ATOM   371 N  N3    . DA  B 2 6  ? 7.205   -0.110  0.712   1.00 59.55  ? 17  DA  B N3    1 
ATOM   372 C  C4    . DA  B 2 6  ? 8.012   -0.682  1.619   1.00 58.10  ? 17  DA  B C4    1 
ATOM   373 P  P     . DC  B 2 7  ? 2.546   -4.042  2.923   1.00 68.16  ? 18  DC  B P     1 
ATOM   374 O  OP1   . DC  B 2 7  ? 1.157   -3.651  3.249   1.00 72.29  ? 18  DC  B OP1   1 
ATOM   375 O  OP2   . DC  B 2 7  ? 3.026   -5.390  3.298   1.00 74.00  ? 18  DC  B OP2   1 
ATOM   376 O  "O5'" . DC  B 2 7  ? 2.778   -3.836  1.357   1.00 60.27  ? 18  DC  B "O5'" 1 
ATOM   377 C  "C5'" . DC  B 2 7  ? 2.603   -2.548  0.798   1.00 68.24  ? 18  DC  B "C5'" 1 
ATOM   378 C  "C4'" . DC  B 2 7  ? 3.226   -2.460  -0.582  1.00 65.60  ? 18  DC  B "C4'" 1 
ATOM   379 O  "O4'" . DC  B 2 7  ? 4.638   -2.193  -0.474  1.00 62.15  ? 18  DC  B "O4'" 1 
ATOM   380 C  "C3'" . DC  B 2 7  ? 3.101   -3.721  -1.441  1.00 63.83  ? 18  DC  B "C3'" 1 
ATOM   381 O  "O3'" . DC  B 2 7  ? 2.276   -3.441  -2.560  1.00 66.33  ? 18  DC  B "O3'" 1 
ATOM   382 C  "C2'" . DC  B 2 7  ? 4.553   -4.040  -1.863  1.00 67.22  ? 18  DC  B "C2'" 1 
ATOM   383 C  "C1'" . DC  B 2 7  ? 5.262   -2.721  -1.609  1.00 61.36  ? 18  DC  B "C1'" 1 
ATOM   384 N  N1    . DC  B 2 7  ? 6.725   -2.838  -1.323  1.00 58.98  ? 18  DC  B N1    1 
ATOM   385 C  C2    . DC  B 2 7  ? 7.644   -2.173  -2.143  1.00 60.84  ? 18  DC  B C2    1 
ATOM   386 O  O2    . DC  B 2 7  ? 7.228   -1.517  -3.105  1.00 62.87  ? 18  DC  B O2    1 
ATOM   387 N  N3    . DC  B 2 7  ? 8.967   -2.269  -1.862  1.00 58.95  ? 18  DC  B N3    1 
ATOM   388 C  C4    . DC  B 2 7  ? 9.376   -2.986  -0.815  1.00 58.95  ? 18  DC  B C4    1 
ATOM   389 N  N4    . DC  B 2 7  ? 10.691  -3.052  -0.579  1.00 59.64  ? 18  DC  B N4    1 
ATOM   390 C  C5    . DC  B 2 7  ? 8.454   -3.666  0.036   1.00 60.73  ? 18  DC  B C5    1 
ATOM   391 C  C6    . DC  B 2 7  ? 7.151   -3.563  -0.250  1.00 60.00  ? 18  DC  B C6    1 
ATOM   392 P  P     . DT  B 2 8  ? 1.666   -4.633  -3.447  1.00 84.98  ? 19  DT  B P     1 
ATOM   393 O  OP1   . DT  B 2 8  ? 0.221   -4.359  -3.613  1.00 82.88  ? 19  DT  B OP1   1 
ATOM   394 O  OP2   . DT  B 2 8  ? 2.106   -5.919  -2.865  1.00 85.43  ? 19  DT  B OP2   1 
ATOM   395 O  "O5'" . DT  B 2 8  ? 2.394   -4.453  -4.856  1.00 73.13  ? 19  DT  B "O5'" 1 
ATOM   396 C  "C5'" . DT  B 2 8  ? 2.507   -3.154  -5.419  1.00 76.98  ? 19  DT  B "C5'" 1 
ATOM   397 C  "C4'" . DT  B 2 8  ? 3.586   -3.113  -6.484  1.00 76.20  ? 19  DT  B "C4'" 1 
ATOM   398 O  "O4'" . DT  B 2 8  ? 4.897   -3.203  -5.863  1.00 75.79  ? 19  DT  B "O4'" 1 
ATOM   399 C  "C3'" . DT  B 2 8  ? 3.525   -4.245  -7.511  1.00 75.09  ? 19  DT  B "C3'" 1 
ATOM   400 O  "O3'" . DT  B 2 8  ? 3.718   -3.720  -8.816  1.00 74.98  ? 19  DT  B "O3'" 1 
ATOM   401 C  "C2'" . DT  B 2 8  ? 4.683   -5.149  -7.093  1.00 76.75  ? 19  DT  B "C2'" 1 
ATOM   402 C  "C1'" . DT  B 2 8  ? 5.676   -4.117  -6.589  1.00 72.83  ? 19  DT  B "C1'" 1 
ATOM   403 N  N1    . DT  B 2 8  ? 6.737   -4.668  -5.696  1.00 67.34  ? 19  DT  B N1    1 
ATOM   404 C  C2    . DT  B 2 8  ? 8.045   -4.287  -5.897  1.00 65.18  ? 19  DT  B C2    1 
ATOM   405 O  O2    . DT  B 2 8  ? 8.387   -3.516  -6.778  1.00 66.86  ? 19  DT  B O2    1 
ATOM   406 N  N3    . DT  B 2 8  ? 8.944   -4.842  -5.028  1.00 62.13  ? 19  DT  B N3    1 
ATOM   407 C  C4    . DT  B 2 8  ? 8.675   -5.721  -3.999  1.00 63.12  ? 19  DT  B C4    1 
ATOM   408 O  O4    . DT  B 2 8  ? 9.555   -6.162  -3.268  1.00 65.53  ? 19  DT  B O4    1 
ATOM   409 C  C5    . DT  B 2 8  ? 7.285   -6.080  -3.841  1.00 64.68  ? 19  DT  B C5    1 
ATOM   410 C  C7    . DT  B 2 8  ? 6.872   -7.030  -2.758  1.00 66.64  ? 19  DT  B C7    1 
ATOM   411 C  C6    . DT  B 2 8  ? 6.393   -5.544  -4.688  1.00 63.65  ? 19  DT  B C6    1 
ATOM   412 P  P     . DC  B 2 9  ? 2.944   -4.368  -10.064 1.00 89.06  ? 20  DC  B P     1 
ATOM   413 O  OP1   . DC  B 2 9  ? 3.158   -3.496  -11.242 1.00 83.25  ? 20  DC  B OP1   1 
ATOM   414 O  OP2   . DC  B 2 9  ? 1.562   -4.653  -9.615  1.00 85.49  ? 20  DC  B OP2   1 
ATOM   415 O  "O5'" . DC  B 2 9  ? 3.692   -5.768  -10.287 1.00 89.84  ? 20  DC  B "O5'" 1 
ATOM   416 C  "C5'" . DC  B 2 9  ? 4.676   -5.909  -11.317 1.00 88.07  ? 20  DC  B "C5'" 1 
ATOM   417 C  "C4'" . DC  B 2 9  ? 5.903   -5.058  -11.033 1.00 83.13  ? 20  DC  B "C4'" 1 
ATOM   418 O  "O4'" . DC  B 2 9  ? 6.408   -5.358  -9.704  1.00 79.83  ? 20  DC  B "O4'" 1 
ATOM   419 C  "C3'" . DC  B 2 9  ? 7.079   -5.285  -11.981 1.00 86.95  ? 20  DC  B "C3'" 1 
ATOM   420 O  "O3'" . DC  B 2 9  ? 7.775   -4.058  -12.186 1.00 81.43  ? 20  DC  B "O3'" 1 
ATOM   421 C  "C2'" . DC  B 2 9  ? 7.931   -6.290  -11.209 1.00 78.69  ? 20  DC  B "C2'" 1 
ATOM   422 C  "C1'" . DC  B 2 9  ? 7.756   -5.764  -9.794  1.00 77.20  ? 20  DC  B "C1'" 1 
ATOM   423 N  N1    . DC  B 2 9  ? 8.020   -6.765  -8.721  1.00 72.49  ? 20  DC  B N1    1 
ATOM   424 C  C2    . DC  B 2 9  ? 9.328   -6.974  -8.274  1.00 69.20  ? 20  DC  B C2    1 
ATOM   425 O  O2    . DC  B 2 9  ? 10.253  -6.338  -8.795  1.00 69.04  ? 20  DC  B O2    1 
ATOM   426 N  N3    . DC  B 2 9  ? 9.547   -7.873  -7.284  1.00 67.11  ? 20  DC  B N3    1 
ATOM   427 C  C4    . DC  B 2 9  ? 8.524   -8.538  -6.748  1.00 68.86  ? 20  DC  B C4    1 
ATOM   428 N  N4    . DC  B 2 9  ? 8.790   -9.415  -5.777  1.00 73.92  ? 20  DC  B N4    1 
ATOM   429 C  C5    . DC  B 2 9  ? 7.182   -8.334  -7.186  1.00 68.11  ? 20  DC  B C5    1 
ATOM   430 C  C6    . DC  B 2 9  ? 6.979   -7.446  -8.163  1.00 70.82  ? 20  DC  B C6    1 
ATOM   431 P  P     . DT  C 3 1  ? -1.706  9.513   -14.022 1.00 85.03  ? 0   DT  C P     1 
ATOM   432 O  OP1   . DT  C 3 1  ? -0.278  9.139   -13.903 1.00 89.93  ? 0   DT  C OP1   1 
ATOM   433 O  OP2   . DT  C 3 1  ? -2.742  8.456   -14.078 1.00 81.98  ? 0   DT  C OP2   1 
ATOM   434 O  "O5'" . DT  C 3 1  ? -2.085  10.519  -12.837 1.00 72.12  ? 0   DT  C "O5'" 1 
ATOM   435 C  "C5'" . DT  C 3 1  ? -1.933  10.108  -11.488 1.00 70.92  ? 0   DT  C "C5'" 1 
ATOM   436 C  "C4'" . DT  C 3 1  ? -1.313  11.211  -10.652 1.00 69.97  ? 0   DT  C "C4'" 1 
ATOM   437 O  "O4'" . DT  C 3 1  ? -2.367  12.075  -10.151 1.00 68.16  ? 0   DT  C "O4'" 1 
ATOM   438 C  "C3'" . DT  C 3 1  ? -0.604  10.731  -9.400  1.00 73.55  ? 0   DT  C "C3'" 1 
ATOM   439 O  "O3'" . DT  C 3 1  ? 0.252   11.768  -8.912  1.00 84.48  ? 0   DT  C "O3'" 1 
ATOM   440 C  "C2'" . DT  C 3 1  ? -1.794  10.535  -8.479  1.00 67.20  ? 0   DT  C "C2'" 1 
ATOM   441 C  "C1'" . DT  C 3 1  ? -2.551  11.824  -8.765  1.00 62.56  ? 0   DT  C "C1'" 1 
ATOM   442 N  N1    . DT  C 3 1  ? -4.017  11.769  -8.480  1.00 57.62  ? 0   DT  C N1    1 
ATOM   443 C  C2    . DT  C 3 1  ? -4.517  12.471  -7.408  1.00 58.25  ? 0   DT  C C2    1 
ATOM   444 O  O2    . DT  C 3 1  ? -3.817  13.126  -6.655  1.00 63.10  ? 0   DT  C O2    1 
ATOM   445 N  N3    . DT  C 3 1  ? -5.872  12.375  -7.238  1.00 55.69  ? 0   DT  C N3    1 
ATOM   446 C  C4    . DT  C 3 1  ? -6.763  11.665  -8.022  1.00 54.35  ? 0   DT  C C4    1 
ATOM   447 O  O4    . DT  C 3 1  ? -7.969  11.641  -7.788  1.00 53.53  ? 0   DT  C O4    1 
ATOM   448 C  C5    . DT  C 3 1  ? -6.176  10.954  -9.134  1.00 53.74  ? 0   DT  C C5    1 
ATOM   449 C  C7    . DT  C 3 1  ? -7.048  10.148  -10.049 1.00 51.16  ? 0   DT  C C7    1 
ATOM   450 C  C6    . DT  C 3 1  ? -4.847  11.042  -9.310  1.00 56.19  ? 0   DT  C C6    1 
ATOM   451 P  P     . DC  C 3 2  ? 1.620   11.419  -8.140  1.00 88.55  ? 1   DC  C P     1 
ATOM   452 O  OP1   . DC  C 3 2  ? 2.682   12.253  -8.745  1.00 103.33 ? 1   DC  C OP1   1 
ATOM   453 O  OP2   . DC  C 3 2  ? 1.769   9.947   -8.112  1.00 67.21  ? 1   DC  C OP2   1 
ATOM   454 O  "O5'" . DC  C 3 2  ? 1.367   11.934  -6.645  1.00 63.19  ? 1   DC  C "O5'" 1 
ATOM   455 C  "C5'" . DC  C 3 2  ? 0.336   11.350  -5.865  1.00 65.88  ? 1   DC  C "C5'" 1 
ATOM   456 C  "C4'" . DC  C 3 2  ? 0.255   11.979  -4.489  1.00 61.68  ? 1   DC  C "C4'" 1 
ATOM   457 O  "O4'" . DC  C 3 2  ? -1.133  12.215  -4.160  1.00 59.33  ? 1   DC  C "O4'" 1 
ATOM   458 C  "C3'" . DC  C 3 2  ? 0.736   11.097  -3.361  1.00 59.82  ? 1   DC  C "C3'" 1 
ATOM   459 O  "O3'" . DC  C 3 2  ? 0.912   11.892  -2.195  1.00 62.57  ? 1   DC  C "O3'" 1 
ATOM   460 C  "C2'" . DC  C 3 2  ? -0.453  10.151  -3.214  1.00 55.71  ? 1   DC  C "C2'" 1 
ATOM   461 C  "C1'" . DC  C 3 2  ? -1.625  11.121  -3.393  1.00 58.82  ? 1   DC  C "C1'" 1 
ATOM   462 N  N1    . DC  C 3 2  ? -2.812  10.556  -4.114  1.00 52.85  ? 1   DC  C N1    1 
ATOM   463 C  C2    . DC  C 3 2  ? -4.097  10.844  -3.646  1.00 52.00  ? 1   DC  C C2    1 
ATOM   464 O  O2    . DC  C 3 2  ? -4.226  11.533  -2.627  1.00 55.68  ? 1   DC  C O2    1 
ATOM   465 N  N3    . DC  C 3 2  ? -5.168  10.353  -4.318  1.00 48.48  ? 1   DC  C N3    1 
ATOM   466 C  C4    . DC  C 3 2  ? -4.989  9.617   -5.411  1.00 48.78  ? 1   DC  C C4    1 
ATOM   467 N  N4    . DC  C 3 2  ? -6.075  9.156   -6.040  1.00 47.20  ? 1   DC  C N4    1 
ATOM   468 C  C5    . DC  C 3 2  ? -3.688  9.318   -5.909  1.00 50.47  ? 1   DC  C C5    1 
ATOM   469 C  C6    . DC  C 3 2  ? -2.638  9.806   -5.238  1.00 51.77  ? 1   DC  C C6    1 
ATOM   470 P  P     . DA  C 3 3  ? 2.043   11.527  -1.118  1.00 54.45  ? 2   DA  C P     1 
ATOM   471 O  OP1   . DA  C 3 3  ? 2.573   12.791  -0.563  1.00 61.15  ? 2   DA  C OP1   1 
ATOM   472 O  OP2   . DA  C 3 3  ? 2.970   10.568  -1.753  1.00 61.73  ? 2   DA  C OP2   1 
ATOM   473 O  "O5'" . DA  C 3 3  ? 1.237   10.760  0.026   1.00 58.30  ? 2   DA  C "O5'" 1 
ATOM   474 C  "C5'" . DA  C 3 3  ? 0.161   11.408  0.702   1.00 63.64  ? 2   DA  C "C5'" 1 
ATOM   475 C  "C4'" . DA  C 3 3  ? -0.838  10.388  1.215   1.00 62.55  ? 2   DA  C "C4'" 1 
ATOM   476 O  "O4'" . DA  C 3 3  ? -1.783  10.077  0.168   1.00 63.89  ? 2   DA  C "O4'" 1 
ATOM   477 C  "C3'" . DA  C 3 3  ? -0.229  9.044   1.583   1.00 59.40  ? 2   DA  C "C3'" 1 
ATOM   478 O  "O3'" . DA  C 3 3  ? 0.151   8.992   2.982   1.00 56.12  ? 2   DA  C "O3'" 1 
ATOM   479 C  "C2'" . DA  C 3 3  ? -1.320  8.022   1.227   1.00 59.11  ? 2   DA  C "C2'" 1 
ATOM   480 C  "C1'" . DA  C 3 3  ? -2.370  8.834   0.462   1.00 57.75  ? 2   DA  C "C1'" 1 
ATOM   481 N  N9    . DA  C 3 3  ? -2.799  8.184   -0.779  1.00 52.17  ? 2   DA  C N9    1 
ATOM   482 C  C8    . DA  C 3 3  ? -2.001  7.563   -1.698  1.00 52.37  ? 2   DA  C C8    1 
ATOM   483 N  N7    . DA  C 3 3  ? -2.659  7.044   -2.708  1.00 51.56  ? 2   DA  C N7    1 
ATOM   484 C  C5    . DA  C 3 3  ? -3.984  7.330   -2.426  1.00 48.18  ? 2   DA  C C5    1 
ATOM   485 C  C6    . DA  C 3 3  ? -5.183  7.048   -3.112  1.00 46.34  ? 2   DA  C C6    1 
ATOM   486 N  N6    . DA  C 3 3  ? -5.230  6.383   -4.274  1.00 43.58  ? 2   DA  C N6    1 
ATOM   487 N  N1    . DA  C 3 3  ? -6.337  7.475   -2.555  1.00 45.44  ? 2   DA  C N1    1 
ATOM   488 C  C2    . DA  C 3 3  ? -6.284  8.138   -1.395  1.00 47.71  ? 2   DA  C C2    1 
ATOM   489 N  N3    . DA  C 3 3  ? -5.220  8.463   -0.662  1.00 49.93  ? 2   DA  C N3    1 
ATOM   490 C  C4    . DA  C 3 3  ? -4.090  8.025   -1.237  1.00 49.36  ? 2   DA  C C4    1 
ATOM   491 P  P     . DC  C 3 4  ? -0.855  9.411   4.168   1.00 60.18  ? 3   DC  C P     1 
ATOM   492 O  OP1   . DC  C 3 4  ? -2.270  9.197   3.793   1.00 60.46  ? 3   DC  C OP1   1 
ATOM   493 O  OP2   . DC  C 3 4  ? -0.412  10.738  4.641   1.00 69.33  ? 3   DC  C OP2   1 
ATOM   494 O  "O5'" . DC  C 3 4  ? -0.511  8.377   5.336   1.00 65.46  ? 3   DC  C "O5'" 1 
ATOM   495 C  "C5'" . DC  C 3 4  ? 0.033   7.090   5.024   1.00 60.20  ? 3   DC  C "C5'" 1 
ATOM   496 C  "C4'" . DC  C 3 4  ? 1.251   6.803   5.888   1.00 60.93  ? 3   DC  C "C4'" 1 
ATOM   497 O  "O4'" . DC  C 3 4  ? 2.417   6.742   5.054   1.00 57.23  ? 3   DC  C "O4'" 1 
ATOM   498 C  "C3'" . DC  C 3 4  ? 1.559   7.878   6.921   1.00 64.20  ? 3   DC  C "C3'" 1 
ATOM   499 O  "O3'" . DC  C 3 4  ? 0.971   7.539   8.163   1.00 55.58  ? 3   DC  C "O3'" 1 
ATOM   500 C  "C2'" . DC  C 3 4  ? 3.092   7.898   7.017   1.00 61.66  ? 3   DC  C "C2'" 1 
ATOM   501 C  "C1'" . DC  C 3 4  ? 3.558   7.090   5.806   1.00 57.65  ? 3   DC  C "C1'" 1 
ATOM   502 N  N1    . DC  C 3 4  ? 4.498   7.826   4.912   1.00 56.64  ? 3   DC  C N1    1 
ATOM   503 C  C2    . DC  C 3 4  ? 5.861   7.885   5.227   1.00 55.04  ? 3   DC  C C2    1 
ATOM   504 O  O2    . DC  C 3 4  ? 6.269   7.338   6.262   1.00 51.11  ? 3   DC  C O2    1 
ATOM   505 N  N3    . DC  C 3 4  ? 6.700   8.546   4.388   1.00 53.95  ? 3   DC  C N3    1 
ATOM   506 C  C4    . DC  C 3 4  ? 6.220   9.126   3.286   1.00 54.77  ? 3   DC  C C4    1 
ATOM   507 N  N4    . DC  C 3 4  ? 7.080   9.767   2.488   1.00 55.12  ? 3   DC  C N4    1 
ATOM   508 C  C5    . DC  C 3 4  ? 4.836   9.069   2.949   1.00 56.17  ? 3   DC  C C5    1 
ATOM   509 C  C6    . DC  C 3 4  ? 4.021   8.416   3.779   1.00 55.01  ? 3   DC  C C6    1 
ATOM   510 P  P     . DC  C 3 5  ? 0.607   8.701   9.207   1.00 68.58  ? 4   DC  C P     1 
ATOM   511 O  OP1   . DC  C 3 5  ? -0.379  8.155   10.169  1.00 61.84  ? 4   DC  C OP1   1 
ATOM   512 O  OP2   . DC  C 3 5  ? 0.286   9.907   8.409   1.00 60.49  ? 4   DC  C OP2   1 
ATOM   513 O  "O5'" . DC  C 3 5  ? 1.989   8.992   9.957   1.00 62.34  ? 4   DC  C "O5'" 1 
ATOM   514 C  "C5'" . DC  C 3 5  ? 2.763   7.919   10.473  1.00 58.99  ? 4   DC  C "C5'" 1 
ATOM   515 C  "C4'" . DC  C 3 5  ? 4.153   8.401   10.837  1.00 55.92  ? 4   DC  C "C4'" 1 
ATOM   516 O  "O4'" . DC  C 3 5  ? 4.899   8.704   9.629   1.00 50.34  ? 4   DC  C "O4'" 1 
ATOM   517 C  "C3'" . DC  C 3 5  ? 4.179   9.676   11.682  1.00 57.78  ? 4   DC  C "C3'" 1 
ATOM   518 O  "O3'" . DC  C 3 5  ? 5.002   9.496   12.813  1.00 58.02  ? 4   DC  C "O3'" 1 
ATOM   519 C  "C2'" . DC  C 3 5  ? 4.758   10.725  10.736  1.00 57.91  ? 4   DC  C "C2'" 1 
ATOM   520 C  "C1'" . DC  C 3 5  ? 5.639   9.874   9.845   1.00 47.86  ? 4   DC  C "C1'" 1 
ATOM   521 N  N1    . DC  C 3 5  ? 5.934   10.509  8.536   1.00 49.21  ? 4   DC  C N1    1 
ATOM   522 C  C2    . DC  C 3 5  ? 7.260   10.795  8.189   1.00 50.33  ? 4   DC  C C2    1 
ATOM   523 O  O2    . DC  C 3 5  ? 8.165   10.498  8.978   1.00 53.28  ? 4   DC  C O2    1 
ATOM   524 N  N3    . DC  C 3 5  ? 7.516   11.385  6.994   1.00 51.42  ? 4   DC  C N3    1 
ATOM   525 C  C4    . DC  C 3 5  ? 6.510   11.690  6.173   1.00 54.39  ? 4   DC  C C4    1 
ATOM   526 N  N4    . DC  C 3 5  ? 6.808   12.269  5.004   1.00 52.39  ? 4   DC  C N4    1 
ATOM   527 C  C5    . DC  C 3 5  ? 5.152   11.413  6.513   1.00 56.02  ? 4   DC  C C5    1 
ATOM   528 C  C6    . DC  C 3 5  ? 4.912   10.830  7.693   1.00 51.18  ? 4   DC  C C6    1 
ATOM   529 P  P     . DG  C 3 6  ? 4.621   10.220  14.192  1.00 69.59  ? 5   DG  C P     1 
ATOM   530 O  OP1   . DG  C 3 6  ? 5.557   9.729   15.228  1.00 75.79  ? 5   DG  C OP1   1 
ATOM   531 O  OP2   . DG  C 3 6  ? 3.161   10.069  14.386  1.00 75.72  ? 5   DG  C OP2   1 
ATOM   532 O  "O5'" . DG  C 3 6  ? 4.899   11.767  13.905  1.00 56.43  ? 5   DG  C "O5'" 1 
ATOM   533 C  "C5'" . DG  C 3 6  ? 6.018   12.410  14.494  1.00 61.83  ? 5   DG  C "C5'" 1 
ATOM   534 C  "C4'" . DG  C 3 6  ? 7.303   12.002  13.802  1.00 59.32  ? 5   DG  C "C4'" 1 
ATOM   535 O  "O4'" . DG  C 3 6  ? 7.130   12.107  12.368  1.00 56.72  ? 5   DG  C "O4'" 1 
ATOM   536 C  "C3'" . DG  C 3 6  ? 8.516   12.867  14.136  1.00 63.43  ? 5   DG  C "C3'" 1 
ATOM   537 O  "O3'" . DG  C 3 6  ? 9.679   12.052  14.201  1.00 67.02  ? 5   DG  C "O3'" 1 
ATOM   538 C  "C2'" . DG  C 3 6  ? 8.576   13.831  12.951  1.00 55.97  ? 5   DG  C "C2'" 1 
ATOM   539 C  "C1'" . DG  C 3 6  ? 8.162   12.902  11.831  1.00 52.51  ? 5   DG  C "C1'" 1 
ATOM   540 N  N9    . DG  C 3 6  ? 7.656   13.560  10.631  1.00 52.55  ? 5   DG  C N9    1 
ATOM   541 C  C8    . DG  C 3 6  ? 6.342   13.662  10.241  1.00 52.27  ? 5   DG  C C8    1 
ATOM   542 N  N7    . DG  C 3 6  ? 6.182   14.274  9.101   1.00 51.59  ? 5   DG  C N7    1 
ATOM   543 C  C5    . DG  C 3 6  ? 7.474   14.591  8.701   1.00 52.31  ? 5   DG  C C5    1 
ATOM   544 C  C6    . DG  C 3 6  ? 7.925   15.260  7.542   1.00 52.99  ? 5   DG  C C6    1 
ATOM   545 O  O6    . DG  C 3 6  ? 7.252   15.720  6.611   1.00 52.55  ? 5   DG  C O6    1 
ATOM   546 N  N1    . DG  C 3 6  ? 9.314   15.376  7.520   1.00 54.22  ? 5   DG  C N1    1 
ATOM   547 C  C2    . DG  C 3 6  ? 10.158  14.904  8.498   1.00 55.84  ? 5   DG  C C2    1 
ATOM   548 N  N2    . DG  C 3 6  ? 11.470  15.110  8.300   1.00 59.62  ? 5   DG  C N2    1 
ATOM   549 N  N3    . DG  C 3 6  ? 9.747   14.271  9.591   1.00 54.29  ? 5   DG  C N3    1 
ATOM   550 C  C4    . DG  C 3 6  ? 8.395   14.151  9.626   1.00 53.58  ? 5   DG  C C4    1 
ATOM   551 O  "O5'" . DT  D 4 1  ? 12.205  -19.066 -1.098  1.00 99.72  ? 2   DT  D "O5'" 1 
ATOM   552 C  "C5'" . DT  D 4 1  ? 12.435  -17.722 -0.684  1.00 94.11  ? 2   DT  D "C5'" 1 
ATOM   553 C  "C4'" . DT  D 4 1  ? 13.753  -17.211 -1.233  1.00 92.46  ? 2   DT  D "C4'" 1 
ATOM   554 O  "O4'" . DT  D 4 1  ? 13.651  -17.069 -2.675  1.00 94.99  ? 2   DT  D "O4'" 1 
ATOM   555 C  "C3'" . DT  D 4 1  ? 14.188  -15.841 -0.713  1.00 88.75  ? 2   DT  D "C3'" 1 
ATOM   556 O  "O3'" . DT  D 4 1  ? 15.612  -15.797 -0.620  1.00 89.49  ? 2   DT  D "O3'" 1 
ATOM   557 C  "C2'" . DT  D 4 1  ? 13.666  -14.906 -1.796  1.00 86.53  ? 2   DT  D "C2'" 1 
ATOM   558 C  "C1'" . DT  D 4 1  ? 13.933  -15.735 -3.038  1.00 87.18  ? 2   DT  D "C1'" 1 
ATOM   559 N  N1    . DT  D 4 1  ? 13.080  -15.372 -4.197  1.00 88.71  ? 2   DT  D N1    1 
ATOM   560 C  C2    . DT  D 4 1  ? 13.661  -14.785 -5.295  1.00 89.75  ? 2   DT  D C2    1 
ATOM   561 O  O2    . DT  D 4 1  ? 14.852  -14.535 -5.365  1.00 87.88  ? 2   DT  D O2    1 
ATOM   562 N  N3    . DT  D 4 1  ? 12.796  -14.494 -6.314  1.00 88.12  ? 2   DT  D N3    1 
ATOM   563 C  C4    . DT  D 4 1  ? 11.434  -14.729 -6.347  1.00 89.99  ? 2   DT  D C4    1 
ATOM   564 O  O4    . DT  D 4 1  ? 10.739  -14.429 -7.313  1.00 85.40  ? 2   DT  D O4    1 
ATOM   565 C  C5    . DT  D 4 1  ? 10.887  -15.351 -5.163  1.00 92.22  ? 2   DT  D C5    1 
ATOM   566 C  C7    . DT  D 4 1  ? 9.422   -15.655 -5.081  1.00 93.81  ? 2   DT  D C7    1 
ATOM   567 C  C6    . DT  D 4 1  ? 11.727  -15.640 -4.157  1.00 90.35  ? 2   DT  D C6    1 
ATOM   568 P  P     . DC  D 4 2  ? 16.352  -14.644 0.224   1.00 99.29  ? 3   DC  D P     1 
ATOM   569 O  OP1   . DC  D 4 2  ? 17.140  -15.298 1.293   1.00 81.94  ? 3   DC  D OP1   1 
ATOM   570 O  OP2   . DC  D 4 2  ? 15.349  -13.618 0.591   1.00 106.67 ? 3   DC  D OP2   1 
ATOM   571 O  "O5'" . DC  D 4 2  ? 17.378  -14.011 -0.829  1.00 88.66  ? 3   DC  D "O5'" 1 
ATOM   572 C  "C5'" . DC  D 4 2  ? 16.966  -13.797 -2.172  1.00 83.36  ? 3   DC  D "C5'" 1 
ATOM   573 C  "C4'" . DC  D 4 2  ? 17.909  -12.855 -2.890  1.00 89.88  ? 3   DC  D "C4'" 1 
ATOM   574 O  "O4'" . DC  D 4 2  ? 17.294  -12.410 -4.122  1.00 95.23  ? 3   DC  D "O4'" 1 
ATOM   575 C  "C3'" . DC  D 4 2  ? 18.217  -11.573 -2.151  1.00 89.40  ? 3   DC  D "C3'" 1 
ATOM   576 O  "O3'" . DC  D 4 2  ? 19.402  -11.006 -2.688  1.00 96.29  ? 3   DC  D "O3'" 1 
ATOM   577 C  "C2'" . DC  D 4 2  ? 16.988  -10.726 -2.482  1.00 88.12  ? 3   DC  D "C2'" 1 
ATOM   578 C  "C1'" . DC  D 4 2  ? 16.711  -11.127 -3.934  1.00 86.92  ? 3   DC  D "C1'" 1 
ATOM   579 N  N1    . DC  D 4 2  ? 15.256  -11.236 -4.271  1.00 84.06  ? 3   DC  D N1    1 
ATOM   580 C  C2    . DC  D 4 2  ? 14.794  -10.779 -5.516  1.00 80.72  ? 3   DC  D C2    1 
ATOM   581 O  O2    . DC  D 4 2  ? 15.596  -10.269 -6.309  1.00 77.63  ? 3   DC  D O2    1 
ATOM   582 N  N3    . DC  D 4 2  ? 13.476  -10.905 -5.813  1.00 79.27  ? 3   DC  D N3    1 
ATOM   583 C  C4    . DC  D 4 2  ? 12.643  -11.461 -4.929  1.00 81.18  ? 3   DC  D C4    1 
ATOM   584 N  N4    . DC  D 4 2  ? 11.354  -11.564 -5.263  1.00 79.51  ? 3   DC  D N4    1 
ATOM   585 C  C5    . DC  D 4 2  ? 13.096  -11.936 -3.661  1.00 79.63  ? 3   DC  D C5    1 
ATOM   586 C  C6    . DC  D 4 2  ? 14.396  -11.808 -3.379  1.00 81.30  ? 3   DC  D C6    1 
ATOM   587 P  P     . DG  D 4 3  ? 20.014  -9.653  -2.077  1.00 108.56 ? 4   DG  D P     1 
ATOM   588 O  OP1   . DG  D 4 3  ? 21.479  -9.713  -2.284  1.00 104.88 ? 4   DG  D OP1   1 
ATOM   589 O  OP2   . DG  D 4 3  ? 19.470  -9.489  -0.708  1.00 100.05 ? 4   DG  D OP2   1 
ATOM   590 O  "O5'" . DG  D 4 3  ? 19.406  -8.502  -3.013  1.00 94.74  ? 4   DG  D "O5'" 1 
ATOM   591 C  "C5'" . DG  D 4 3  ? 19.704  -8.490  -4.408  1.00 92.84  ? 4   DG  D "C5'" 1 
ATOM   592 C  "C4'" . DG  D 4 3  ? 19.021  -7.327  -5.114  1.00 91.65  ? 4   DG  D "C4'" 1 
ATOM   593 O  "O4'" . DG  D 4 3  ? 17.614  -7.627  -5.324  1.00 91.39  ? 4   DG  D "O4'" 1 
ATOM   594 C  "C3'" . DG  D 4 3  ? 19.056  -5.989  -4.373  1.00 87.33  ? 4   DG  D "C3'" 1 
ATOM   595 O  "O3'" . DG  D 4 3  ? 19.213  -4.937  -5.311  1.00 89.33  ? 4   DG  D "O3'" 1 
ATOM   596 C  "C2'" . DG  D 4 3  ? 17.677  -5.939  -3.723  1.00 78.63  ? 4   DG  D "C2'" 1 
ATOM   597 C  "C1'" . DG  D 4 3  ? 16.835  -6.562  -4.821  1.00 82.36  ? 4   DG  D "C1'" 1 
ATOM   598 N  N9    . DG  D 4 3  ? 15.554  -7.097  -4.366  1.00 76.60  ? 4   DG  D N9    1 
ATOM   599 C  C8    . DG  D 4 3  ? 15.277  -7.663  -3.146  1.00 75.03  ? 4   DG  D C8    1 
ATOM   600 N  N7    . DG  D 4 3  ? 14.039  -8.060  -3.027  1.00 70.93  ? 4   DG  D N7    1 
ATOM   601 C  C5    . DG  D 4 3  ? 13.458  -7.736  -4.247  1.00 72.60  ? 4   DG  D C5    1 
ATOM   602 C  C6    . DG  D 4 3  ? 12.133  -7.927  -4.706  1.00 69.19  ? 4   DG  D C6    1 
ATOM   603 O  O6    . DG  D 4 3  ? 11.177  -8.438  -4.105  1.00 65.50  ? 4   DG  D O6    1 
ATOM   604 N  N1    . DG  D 4 3  ? 11.965  -7.456  -6.007  1.00 66.93  ? 4   DG  D N1    1 
ATOM   605 C  C2    . DG  D 4 3  ? 12.955  -6.876  -6.768  1.00 68.84  ? 4   DG  D C2    1 
ATOM   606 N  N2    . DG  D 4 3  ? 12.605  -6.483  -8.002  1.00 68.92  ? 4   DG  D N2    1 
ATOM   607 N  N3    . DG  D 4 3  ? 14.199  -6.690  -6.347  1.00 71.85  ? 4   DG  D N3    1 
ATOM   608 C  C4    . DG  D 4 3  ? 14.379  -7.143  -5.083  1.00 73.71  ? 4   DG  D C4    1 
ATOM   609 P  P     . DA  D 4 4  ? 20.302  -3.781  -5.073  1.00 93.48  ? 5   DA  D P     1 
ATOM   610 O  OP1   . DA  D 4 4  ? 21.625  -4.328  -5.453  1.00 96.83  ? 5   DA  D OP1   1 
ATOM   611 O  OP2   . DA  D 4 4  ? 20.089  -3.233  -3.714  1.00 87.85  ? 5   DA  D OP2   1 
ATOM   612 O  "O5'" . DA  D 4 4  ? 19.880  -2.653  -6.124  1.00 86.75  ? 5   DA  D "O5'" 1 
ATOM   613 C  "C5'" . DA  D 4 4  ? 19.516  -3.019  -7.451  1.00 83.16  ? 5   DA  D "C5'" 1 
ATOM   614 C  "C4'" . DA  D 4 4  ? 18.269  -2.274  -7.910  1.00 84.90  ? 5   DA  D "C4'" 1 
ATOM   615 O  "O4'" . DA  D 4 4  ? 17.079  -2.893  -7.352  1.00 87.00  ? 5   DA  D "O4'" 1 
ATOM   616 C  "C3'" . DA  D 4 4  ? 18.195  -0.804  -7.508  1.00 82.62  ? 5   DA  D "C3'" 1 
ATOM   617 O  "O3'" . DA  D 4 4  ? 17.561  -0.082  -8.538  1.00 85.43  ? 5   DA  D "O3'" 1 
ATOM   618 C  "C2'" . DA  D 4 4  ? 17.321  -0.847  -6.258  1.00 79.09  ? 5   DA  D "C2'" 1 
ATOM   619 C  "C1'" . DA  D 4 4  ? 16.324  -1.922  -6.652  1.00 79.72  ? 5   DA  D "C1'" 1 
ATOM   620 N  N9    . DA  D 4 4  ? 15.674  -2.580  -5.522  1.00 74.41  ? 5   DA  D N9    1 
ATOM   621 C  C8    . DA  D 4 4  ? 16.226  -2.873  -4.305  1.00 75.51  ? 5   DA  D C8    1 
ATOM   622 N  N7    . DA  D 4 4  ? 15.405  -3.490  -3.486  1.00 78.12  ? 5   DA  D N7    1 
ATOM   623 C  C5    . DA  D 4 4  ? 14.235  -3.617  -4.220  1.00 73.05  ? 5   DA  D C5    1 
ATOM   624 C  C6    . DA  D 4 4  ? 12.978  -4.186  -3.918  1.00 68.89  ? 5   DA  D C6    1 
ATOM   625 N  N6    . DA  D 4 4  ? 12.689  -4.754  -2.739  1.00 63.71  ? 5   DA  D N6    1 
ATOM   626 N  N1    . DA  D 4 4  ? 12.028  -4.145  -4.876  1.00 65.44  ? 5   DA  D N1    1 
ATOM   627 C  C2    . DA  D 4 4  ? 12.320  -3.572  -6.051  1.00 63.67  ? 5   DA  D C2    1 
ATOM   628 N  N3    . DA  D 4 4  ? 13.460  -3.008  -6.450  1.00 64.73  ? 5   DA  D N3    1 
ATOM   629 C  C4    . DA  D 4 4  ? 14.386  -3.064  -5.478  1.00 70.47  ? 5   DA  D C4    1 
ATOM   630 P  P     . DG  D 4 5  ? 18.329  1.106   -9.295  1.00 102.06 ? 6   DG  D P     1 
ATOM   631 O  OP1   . DG  D 4 5  ? 18.953  0.553   -10.522 1.00 93.63  ? 6   DG  D OP1   1 
ATOM   632 O  OP2   . DG  D 4 5  ? 19.162  1.800   -8.287  1.00 92.30  ? 6   DG  D OP2   1 
ATOM   633 O  "O5'" . DG  D 4 5  ? 17.150  2.097   -9.712  1.00 80.57  ? 6   DG  D "O5'" 1 
ATOM   634 C  "C5'" . DG  D 4 5  ? 16.351  2.701   -8.702  1.00 80.60  ? 6   DG  D "C5'" 1 
ATOM   635 C  "C4'" . DG  D 4 5  ? 14.914  2.215   -8.772  1.00 78.59  ? 6   DG  D "C4'" 1 
ATOM   636 O  "O4'" . DG  D 4 5  ? 14.702  1.175   -7.786  1.00 76.89  ? 6   DG  D "O4'" 1 
ATOM   637 C  "C3'" . DG  D 4 5  ? 13.868  3.298   -8.486  1.00 77.31  ? 6   DG  D "C3'" 1 
ATOM   638 O  "O3'" . DG  D 4 5  ? 12.983  3.430   -9.589  1.00 80.22  ? 6   DG  D "O3'" 1 
ATOM   639 C  "C2'" . DG  D 4 5  ? 13.142  2.813   -7.224  1.00 71.53  ? 6   DG  D "C2'" 1 
ATOM   640 C  "C1'" . DG  D 4 5  ? 13.417  1.317   -7.237  1.00 68.93  ? 6   DG  D "C1'" 1 
ATOM   641 N  N9    . DG  D 4 5  ? 13.415  0.713   -5.908  1.00 66.52  ? 6   DG  D N9    1 
ATOM   642 C  C8    . DG  D 4 5  ? 14.452  0.702   -5.005  1.00 71.32  ? 6   DG  D C8    1 
ATOM   643 N  N7    . DG  D 4 5  ? 14.169  0.084   -3.890  1.00 70.71  ? 6   DG  D N7    1 
ATOM   644 C  C5    . DG  D 4 5  ? 12.860  -0.344  -4.063  1.00 65.10  ? 6   DG  D C5    1 
ATOM   645 C  C6    . DG  D 4 5  ? 12.016  -1.069  -3.186  1.00 60.14  ? 6   DG  D C6    1 
ATOM   646 O  O6    . DG  D 4 5  ? 12.271  -1.488  -2.049  1.00 58.74  ? 6   DG  D O6    1 
ATOM   647 N  N1    . DG  D 4 5  ? 10.762  -1.296  -3.748  1.00 57.23  ? 6   DG  D N1    1 
ATOM   648 C  C2    . DG  D 4 5  ? 10.372  -0.873  -4.999  1.00 59.86  ? 6   DG  D C2    1 
ATOM   649 N  N2    . DG  D 4 5  ? 9.121   -1.187  -5.367  1.00 59.55  ? 6   DG  D N2    1 
ATOM   650 N  N3    . DG  D 4 5  ? 11.153  -0.193  -5.833  1.00 59.55  ? 6   DG  D N3    1 
ATOM   651 C  C4    . DG  D 4 5  ? 12.378  0.036   -5.300  1.00 64.59  ? 6   DG  D C4    1 
ATOM   652 P  P     . DT  D 4 6  ? 12.048  4.731   -9.715  1.00 80.35  ? 7   DT  D P     1 
ATOM   653 O  OP1   . DT  D 4 6  ? 11.635  4.857   -11.130 1.00 72.42  ? 7   DT  D OP1   1 
ATOM   654 O  OP2   . DT  D 4 6  ? 12.748  5.852   -9.046  1.00 80.63  ? 7   DT  D OP2   1 
ATOM   655 O  "O5'" . DT  D 4 6  ? 10.765  4.354   -8.839  1.00 73.63  ? 7   DT  D "O5'" 1 
ATOM   656 C  "C5'" . DT  D 4 6  ? 10.030  3.179   -9.148  1.00 67.71  ? 7   DT  D "C5'" 1 
ATOM   657 C  "C4'" . DT  D 4 6  ? 8.854   3.007   -8.207  1.00 64.39  ? 7   DT  D "C4'" 1 
ATOM   658 O  "O4'" . DT  D 4 6  ? 9.288   2.350   -6.992  1.00 65.49  ? 7   DT  D "O4'" 1 
ATOM   659 C  "C3'" . DT  D 4 6  ? 8.167   4.309   -7.776  1.00 58.84  ? 7   DT  D "C3'" 1 
ATOM   660 O  "O3'" . DT  D 4 6  ? 6.771   4.213   -8.026  1.00 57.98  ? 7   DT  D "O3'" 1 
ATOM   661 C  "C2'" . DT  D 4 6  ? 8.472   4.404   -6.277  1.00 57.45  ? 7   DT  D "C2'" 1 
ATOM   662 C  "C1'" . DT  D 4 6  ? 8.636   2.942   -5.900  1.00 57.62  ? 7   DT  D "C1'" 1 
ATOM   663 N  N1    . DT  D 4 6  ? 9.460   2.721   -4.679  1.00 55.65  ? 7   DT  D N1    1 
ATOM   664 C  C2    . DT  D 4 6  ? 8.934   1.992   -3.641  1.00 56.75  ? 7   DT  D C2    1 
ATOM   665 O  O2    . DT  D 4 6  ? 7.813   1.515   -3.661  1.00 56.04  ? 7   DT  D O2    1 
ATOM   666 N  N3    . DT  D 4 6  ? 9.770   1.840   -2.568  1.00 58.62  ? 7   DT  D N3    1 
ATOM   667 C  C4    . DT  D 4 6  ? 11.053  2.333   -2.430  1.00 61.04  ? 7   DT  D C4    1 
ATOM   668 O  O4    . DT  D 4 6  ? 11.727  2.144   -1.420  1.00 63.77  ? 7   DT  D O4    1 
ATOM   669 C  C5    . DT  D 4 6  ? 11.545  3.089   -3.558  1.00 58.16  ? 7   DT  D C5    1 
ATOM   670 C  C7    . DT  D 4 6  ? 12.925  3.677   -3.528  1.00 61.00  ? 7   DT  D C7    1 
ATOM   671 C  C6    . DT  D 4 6  ? 10.734  3.244   -4.616  1.00 56.99  ? 7   DT  D C6    1 
ATOM   672 P  P     . DC  D 4 7  ? 5.795   5.450   -7.719  1.00 56.99  ? 8   DC  D P     1 
ATOM   673 O  OP1   . DC  D 4 7  ? 4.751   5.453   -8.770  1.00 60.34  ? 8   DC  D OP1   1 
ATOM   674 O  OP2   . DC  D 4 7  ? 6.625   6.657   -7.524  1.00 62.61  ? 8   DC  D OP2   1 
ATOM   675 O  "O5'" . DC  D 4 7  ? 5.115   5.058   -6.324  1.00 56.32  ? 8   DC  D "O5'" 1 
ATOM   676 C  "C5'" . DC  D 4 7  ? 4.058   4.106   -6.305  1.00 51.92  ? 8   DC  D "C5'" 1 
ATOM   677 C  "C4'" . DC  D 4 7  ? 3.810   3.579   -4.903  1.00 52.32  ? 8   DC  D "C4'" 1 
ATOM   678 O  "O4'" . DC  D 4 7  ? 5.064   3.440   -4.190  1.00 54.86  ? 8   DC  D "O4'" 1 
ATOM   679 C  "C3'" . DC  D 4 7  ? 2.908   4.447   -4.016  1.00 54.32  ? 8   DC  D "C3'" 1 
ATOM   680 O  "O3'" . DC  D 4 7  ? 1.893   3.625   -3.447  1.00 63.13  ? 8   DC  D "O3'" 1 
ATOM   681 C  "C2'" . DC  D 4 7  ? 3.868   4.987   -2.946  1.00 54.48  ? 8   DC  D "C2'" 1 
ATOM   682 C  "C1'" . DC  D 4 7  ? 4.876   3.855   -2.861  1.00 56.28  ? 8   DC  D "C1'" 1 
ATOM   683 N  N1    . DC  D 4 7  ? 6.214   4.230   -2.289  1.00 54.58  ? 8   DC  D N1    1 
ATOM   684 C  C2    . DC  D 4 7  ? 6.570   3.794   -1.004  1.00 56.25  ? 8   DC  D C2    1 
ATOM   685 O  O2    . DC  D 4 7  ? 5.760   3.135   -0.341  1.00 55.64  ? 8   DC  D O2    1 
ATOM   686 N  N3    . DC  D 4 7  ? 7.794   4.117   -0.516  1.00 56.11  ? 8   DC  D N3    1 
ATOM   687 C  C4    . DC  D 4 7  ? 8.643   4.829   -1.260  1.00 53.69  ? 8   DC  D C4    1 
ATOM   688 N  N4    . DC  D 4 7  ? 9.839   5.123   -0.737  1.00 56.05  ? 8   DC  D N4    1 
ATOM   689 C  C5    . DC  D 4 7  ? 8.304   5.270   -2.572  1.00 50.79  ? 8   DC  D C5    1 
ATOM   690 C  C6    . DC  D 4 7  ? 7.095   4.946   -3.044  1.00 52.53  ? 8   DC  D C6    1 
ATOM   691 P  P     . DT  D 4 8  ? 0.560   4.262   -2.817  1.00 69.12  ? 9   DT  D P     1 
ATOM   692 O  OP1   . DT  D 4 8  ? -0.508  3.244   -2.955  1.00 65.01  ? 9   DT  D OP1   1 
ATOM   693 O  OP2   . DT  D 4 8  ? 0.370   5.607   -3.400  1.00 53.77  ? 9   DT  D OP2   1 
ATOM   694 O  "O5'" . DT  D 4 8  ? 0.899   4.405   -1.259  1.00 54.06  ? 9   DT  D "O5'" 1 
ATOM   695 C  "C5'" . DT  D 4 8  ? 0.854   3.254   -0.425  1.00 52.02  ? 9   DT  D "C5'" 1 
ATOM   696 C  "C4'" . DT  D 4 8  ? 1.332   3.569   0.985   1.00 53.37  ? 9   DT  D "C4'" 1 
ATOM   697 O  "O4'" . DT  D 4 8  ? 2.727   3.945   0.957   1.00 54.14  ? 9   DT  D "O4'" 1 
ATOM   698 C  "C3'" . DT  D 4 8  ? 0.592   4.711   1.695   1.00 50.59  ? 9   DT  D "C3'" 1 
ATOM   699 O  "O3'" . DT  D 4 8  ? 0.118   4.268   2.970   1.00 58.76  ? 9   DT  D "O3'" 1 
ATOM   700 C  "C2'" . DT  D 4 8  ? 1.669   5.795   1.847   1.00 52.22  ? 9   DT  D "C2'" 1 
ATOM   701 C  "C1'" . DT  D 4 8  ? 2.931   4.952   1.908   1.00 50.35  ? 9   DT  D "C1'" 1 
ATOM   702 N  N1    . DT  D 4 8  ? 4.186   5.680   1.561   1.00 50.91  ? 9   DT  D N1    1 
ATOM   703 C  C2    . DT  D 4 8  ? 5.241   5.644   2.441   1.00 51.09  ? 9   DT  D C2    1 
ATOM   704 O  O2    . DT  D 4 8  ? 5.201   5.056   3.505   1.00 54.30  ? 9   DT  D O2    1 
ATOM   705 N  N3    . DT  D 4 8  ? 6.354   6.327   2.033   1.00 51.15  ? 9   DT  D N3    1 
ATOM   706 C  C4    . DT  D 4 8  ? 6.516   7.026   0.852   1.00 54.06  ? 9   DT  D C4    1 
ATOM   707 O  O4    . DT  D 4 8  ? 7.558   7.613   0.575   1.00 54.22  ? 9   DT  D O4    1 
ATOM   708 C  C5    . DT  D 4 8  ? 5.374   7.022   -0.030  1.00 54.64  ? 9   DT  D C5    1 
ATOM   709 C  C7    . DT  D 4 8  ? 5.434   7.751   -1.336  1.00 52.58  ? 9   DT  D C7    1 
ATOM   710 C  C6    . DT  D 4 8  ? 4.275   6.352   0.359   1.00 55.01  ? 9   DT  D C6    1 
ATOM   711 P  P     . DG  D 4 9  ? -1.199  3.350   3.098   1.00 65.44  ? 10  DG  D P     1 
ATOM   712 O  OP1   . DG  D 4 9  ? -0.924  2.328   4.133   1.00 55.14  ? 10  DG  D OP1   1 
ATOM   713 O  OP2   . DG  D 4 9  ? -1.627  2.939   1.742   1.00 53.86  ? 10  DG  D OP2   1 
ATOM   714 O  "O5'" . DG  D 4 9  ? -2.314  4.340   3.680   1.00 62.28  ? 10  DG  D "O5'" 1 
ATOM   715 C  "C5'" . DG  D 4 9  ? -2.665  5.500   2.957   1.00 55.07  ? 10  DG  D "C5'" 1 
ATOM   716 C  "C4'" . DG  D 4 9  ? -4.002  6.059   3.406   1.00 55.22  ? 10  DG  D "C4'" 1 
ATOM   717 O  "O4'" . DG  D 4 9  ? -4.602  6.781   2.303   1.00 54.10  ? 10  DG  D "O4'" 1 
ATOM   718 C  "C3'" . DG  D 4 9  ? -5.019  5.011   3.856   1.00 58.34  ? 10  DG  D "C3'" 1 
ATOM   719 O  "O3'" . DG  D 4 9  ? -5.177  5.081   5.262   1.00 55.81  ? 10  DG  D "O3'" 1 
ATOM   720 C  "C2'" . DG  D 4 9  ? -6.315  5.395   3.138   1.00 58.53  ? 10  DG  D "C2'" 1 
ATOM   721 C  "C1'" . DG  D 4 9  ? -5.833  6.199   1.941   1.00 48.24  ? 10  DG  D "C1'" 1 
ATOM   722 N  N9    . DG  D 4 9  ? -5.649  5.416   0.716   1.00 45.21  ? 10  DG  D N9    1 
ATOM   723 C  C8    . DG  D 4 9  ? -4.458  5.008   0.164   1.00 47.85  ? 10  DG  D C8    1 
ATOM   724 N  N7    . DG  D 4 9  ? -4.600  4.333   -0.942  1.00 49.57  ? 10  DG  D N7    1 
ATOM   725 C  C5    . DG  D 4 9  ? -5.970  4.296   -1.147  1.00 47.24  ? 10  DG  D C5    1 
ATOM   726 C  C6    . DG  D 4 9  ? -6.719  3.701   -2.190  1.00 48.54  ? 10  DG  D C6    1 
ATOM   727 O  O6    . DG  D 4 9  ? -6.301  3.068   -3.172  1.00 42.55  ? 10  DG  D O6    1 
ATOM   728 N  N1    . DG  D 4 9  ? -8.086  3.898   -2.018  1.00 52.45  ? 10  DG  D N1    1 
ATOM   729 C  C2    . DG  D 4 9  ? -8.659  4.582   -0.970  1.00 52.88  ? 10  DG  D C2    1 
ATOM   730 N  N2    . DG  D 4 9  ? -9.997  4.666   -0.978  1.00 57.74  ? 10  DG  D N2    1 
ATOM   731 N  N3    . DG  D 4 9  ? -7.969  5.144   0.017   1.00 49.04  ? 10  DG  D N3    1 
ATOM   732 C  C4    . DG  D 4 9  ? -6.634  4.963   -0.137  1.00 46.79  ? 10  DG  D C4    1 
ATOM   733 P  P     . DT  D 4 10 ? -5.622  3.776   6.080   1.00 65.68  ? 11  DT  D P     1 
ATOM   734 O  OP1   . DT  D 4 10 ? -5.551  4.110   7.521   1.00 59.42  ? 11  DT  D OP1   1 
ATOM   735 O  OP2   . DT  D 4 10 ? -4.853  2.632   5.540   1.00 64.21  ? 11  DT  D OP2   1 
ATOM   736 O  "O5'" . DT  D 4 10 ? -7.147  3.563   5.659   1.00 56.49  ? 11  DT  D "O5'" 1 
ATOM   737 C  "C5'" . DT  D 4 10 ? -8.136  4.480   6.090   1.00 58.05  ? 11  DT  D "C5'" 1 
ATOM   738 C  "C4'" . DT  D 4 10 ? -9.440  4.225   5.364   1.00 57.39  ? 11  DT  D "C4'" 1 
ATOM   739 O  "O4'" . DT  D 4 10 ? -9.164  4.038   3.955   1.00 52.27  ? 11  DT  D "O4'" 1 
ATOM   740 C  "C3'" . DT  D 4 10 ? -10.196 2.973   5.817   1.00 65.31  ? 11  DT  D "C3'" 1 
ATOM   741 O  "O3'" . DT  D 4 10 ? -11.572 3.269   6.009   1.00 71.81  ? 11  DT  D "O3'" 1 
ATOM   742 C  "C2'" . DT  D 4 10 ? -9.994  1.993   4.664   1.00 60.61  ? 11  DT  D "C2'" 1 
ATOM   743 C  "C1'" . DT  D 4 10 ? -9.889  2.937   3.484   1.00 51.98  ? 11  DT  D "C1'" 1 
ATOM   744 N  N1    . DT  D 4 10 ? -9.164  2.357   2.334   1.00 52.11  ? 11  DT  D N1    1 
ATOM   745 C  C2    . DT  D 4 10 ? -9.882  1.899   1.257   1.00 57.33  ? 11  DT  D C2    1 
ATOM   746 O  O2    . DT  D 4 10 ? -11.098 1.948   1.199   1.00 60.25  ? 11  DT  D O2    1 
ATOM   747 N  N3    . DT  D 4 10 ? -9.124  1.378   0.241   1.00 55.50  ? 11  DT  D N3    1 
ATOM   748 C  C4    . DT  D 4 10 ? -7.745  1.272   0.202   1.00 52.06  ? 11  DT  D C4    1 
ATOM   749 O  O4    . DT  D 4 10 ? -7.152  0.785   -0.753  1.00 53.27  ? 11  DT  D O4    1 
ATOM   750 C  C5    . DT  D 4 10 ? -7.051  1.773   1.368   1.00 52.32  ? 11  DT  D C5    1 
ATOM   751 C  C7    . DT  D 4 10 ? -5.554  1.713   1.438   1.00 52.89  ? 11  DT  D C7    1 
ATOM   752 C  C6    . DT  D 4 10 ? -7.786  2.284   2.367   1.00 51.11  ? 11  DT  D C6    1 
ATOM   753 P  P     . DG  D 4 11 ? -12.563 2.136   6.574   1.00 89.65  ? 12  DG  D P     1 
ATOM   754 O  OP1   . DG  D 4 11 ? -13.663 2.827   7.287   1.00 71.88  ? 12  DG  D OP1   1 
ATOM   755 O  OP2   . DG  D 4 11 ? -11.736 1.132   7.283   1.00 80.51  ? 12  DG  D OP2   1 
ATOM   756 O  "O5'" . DG  D 4 11 ? -13.144 1.431   5.255   1.00 76.03  ? 12  DG  D "O5'" 1 
ATOM   757 C  "C5'" . DG  D 4 11 ? -13.866 2.199   4.303   1.00 72.92  ? 12  DG  D "C5'" 1 
ATOM   758 C  "C4'" . DG  D 4 11 ? -14.677 1.312   3.369   1.00 77.24  ? 12  DG  D "C4'" 1 
ATOM   759 O  "O4'" . DG  D 4 11 ? -13.837 0.823   2.294   1.00 74.22  ? 12  DG  D "O4'" 1 
ATOM   760 C  "C3'" . DG  D 4 11 ? -15.308 0.081   4.004   1.00 82.74  ? 12  DG  D "C3'" 1 
ATOM   761 O  "O3'" . DG  D 4 11 ? -16.578 -0.153  3.405   1.00 93.07  ? 12  DG  D "O3'" 1 
ATOM   762 C  "C2'" . DG  D 4 11 ? -14.305 -1.026  3.668   1.00 82.66  ? 12  DG  D "C2'" 1 
ATOM   763 C  "C1'" . DG  D 4 11 ? -13.805 -0.591  2.298   1.00 72.64  ? 12  DG  D "C1'" 1 
ATOM   764 N  N9    . DG  D 4 11 ? -12.433 -0.992  2.011   1.00 65.46  ? 12  DG  D N9    1 
ATOM   765 C  C8    . DG  D 4 11 ? -11.333 -0.801  2.811   1.00 62.80  ? 12  DG  D C8    1 
ATOM   766 N  N7    . DG  D 4 11 ? -10.224 -1.237  2.283   1.00 58.51  ? 12  DG  D N7    1 
ATOM   767 C  C5    . DG  D 4 11 ? -10.609 -1.741  1.049   1.00 64.67  ? 12  DG  D C5    1 
ATOM   768 C  C6    . DG  D 4 11 ? -9.833  -2.343  0.029   1.00 71.55  ? 12  DG  D C6    1 
ATOM   769 O  O6    . DG  D 4 11 ? -8.614  -2.563  0.019   1.00 71.65  ? 12  DG  D O6    1 
ATOM   770 N  N1    . DG  D 4 11 ? -10.614 -2.712  -1.064  1.00 76.29  ? 12  DG  D N1    1 
ATOM   771 C  C2    . DG  D 4 11 ? -11.972 -2.523  -1.158  1.00 78.70  ? 12  DG  D C2    1 
ATOM   772 N  N2    . DG  D 4 11 ? -12.552 -2.941  -2.295  1.00 81.17  ? 12  DG  D N2    1 
ATOM   773 N  N3    . DG  D 4 11 ? -12.712 -1.954  -0.209  1.00 73.55  ? 12  DG  D N3    1 
ATOM   774 C  C4    . DG  D 4 11 ? -11.965 -1.590  0.861   1.00 67.83  ? 12  DG  D C4    1 
ATOM   775 P  P     . DT  D 4 12 ? -17.476 -1.412  3.841   1.00 111.66 ? 13  DT  D P     1 
ATOM   776 O  OP1   . DT  D 4 12 ? -18.895 -1.027  3.654   1.00 106.12 ? 13  DT  D OP1   1 
ATOM   777 O  OP2   . DT  D 4 12 ? -17.011 -1.867  5.172   1.00 96.49  ? 13  DT  D OP2   1 
ATOM   778 O  "O5'" . DT  D 4 12 ? -17.103 -2.534  2.761   1.00 94.75  ? 13  DT  D "O5'" 1 
ATOM   779 C  "C5'" . DT  D 4 12 ? -17.026 -2.190  1.384   1.00 88.32  ? 13  DT  D "C5'" 1 
ATOM   780 C  "C4'" . DT  D 4 12 ? -17.279 -3.402  0.509   1.00 98.05  ? 13  DT  D "C4'" 1 
ATOM   781 O  "O4'" . DT  D 4 12 ? -16.050 -3.790  -0.159  1.00 94.67  ? 13  DT  D "O4'" 1 
ATOM   782 C  "C3'" . DT  D 4 12 ? -17.770 -4.642  1.248   1.00 106.10 ? 13  DT  D "C3'" 1 
ATOM   783 O  "O3'" . DT  D 4 12 ? -18.722 -5.340  0.440   1.00 117.82 ? 13  DT  D "O3'" 1 
ATOM   784 C  "C2'" . DT  D 4 12 ? -16.487 -5.447  1.454   1.00 103.72 ? 13  DT  D "C2'" 1 
ATOM   785 C  "C1'" . DT  D 4 12 ? -15.691 -5.110  0.201   1.00 97.86  ? 13  DT  D "C1'" 1 
ATOM   786 N  N1    . DT  D 4 12 ? -14.215 -5.144  0.410   1.00 91.39  ? 13  DT  D N1    1 
ATOM   787 C  C2    . DT  D 4 12 ? -13.398 -5.580  -0.608  1.00 88.39  ? 13  DT  D C2    1 
ATOM   788 O  O2    . DT  D 4 12 ? -13.817 -5.953  -1.691  1.00 89.41  ? 13  DT  D O2    1 
ATOM   789 N  N3    . DT  D 4 12 ? -12.060 -5.561  -0.315  1.00 84.54  ? 13  DT  D N3    1 
ATOM   790 C  C4    . DT  D 4 12 ? -11.469 -5.160  0.871   1.00 82.88  ? 13  DT  D C4    1 
ATOM   791 O  O4    . DT  D 4 12 ? -10.254 -5.184  1.040   1.00 81.32  ? 13  DT  D O4    1 
ATOM   792 C  C5    . DT  D 4 12 ? -12.385 -4.715  1.897   1.00 82.22  ? 13  DT  D C5    1 
ATOM   793 C  C7    . DT  D 4 12 ? -11.864 -4.254  3.227   1.00 73.09  ? 13  DT  D C7    1 
ATOM   794 C  C6    . DT  D 4 12 ? -13.696 -4.727  1.621   1.00 86.90  ? 13  DT  D C6    1 
ATOM   795 P  P     . DC  D 4 13 ? -19.203 -6.831  0.814   1.00 126.97 ? 14  DC  D P     1 
ATOM   796 O  OP1   . DC  D 4 13 ? -20.570 -6.997  0.269   1.00 127.25 ? 14  DC  D OP1   1 
ATOM   797 O  OP2   . DC  D 4 13 ? -18.966 -7.078  2.256   1.00 113.09 ? 14  DC  D OP2   1 
ATOM   798 O  "O5'" . DC  D 4 13 ? -18.222 -7.762  -0.040  1.00 111.26 ? 14  DC  D "O5'" 1 
ATOM   799 C  "C5'" . DC  D 4 13 ? -18.021 -7.487  -1.424  1.00 108.41 ? 14  DC  D "C5'" 1 
ATOM   800 C  "C4'" . DC  D 4 13 ? -17.453 -8.695  -2.141  1.00 107.65 ? 14  DC  D "C4'" 1 
ATOM   801 O  "O4'" . DC  D 4 13 ? -16.003 -8.635  -2.134  1.00 104.43 ? 14  DC  D "O4'" 1 
ATOM   802 C  "C3'" . DC  D 4 13 ? -17.832 -10.039 -1.530  1.00 114.07 ? 14  DC  D "C3'" 1 
ATOM   803 O  "O3'" . DC  D 4 13 ? -18.095 -10.979 -2.559  1.00 117.17 ? 14  DC  D "O3'" 1 
ATOM   804 C  "C2'" . DC  D 4 13 ? -16.600 -10.417 -0.709  1.00 109.76 ? 14  DC  D "C2'" 1 
ATOM   805 C  "C1'" . DC  D 4 13 ? -15.464 -9.778  -1.501  1.00 107.45 ? 14  DC  D "C1'" 1 
ATOM   806 N  N1    . DC  D 4 13 ? -14.326 -9.336  -0.642  1.00 102.27 ? 14  DC  D N1    1 
ATOM   807 C  C2    . DC  D 4 13 ? -13.011 -9.448  -1.115  1.00 95.41  ? 14  DC  D C2    1 
ATOM   808 O  O2    . DC  D 4 13 ? -12.812 -9.915  -2.244  1.00 89.29  ? 14  DC  D O2    1 
ATOM   809 N  N3    . DC  D 4 13 ? -11.991 -9.037  -0.317  1.00 91.21  ? 14  DC  D N3    1 
ATOM   810 C  C4    . DC  D 4 13 ? -12.250 -8.538  0.895   1.00 89.96  ? 14  DC  D C4    1 
ATOM   811 N  N4    . DC  D 4 13 ? -11.214 -8.148  1.644   1.00 87.88  ? 14  DC  D N4    1 
ATOM   812 C  C5    . DC  D 4 13 ? -13.582 -8.417  1.391   1.00 92.56  ? 14  DC  D C5    1 
ATOM   813 C  C6    . DC  D 4 13 ? -14.578 -8.824  0.598   1.00 94.43  ? 14  DC  D C6    1 
ATOM   814 P  P     . DG  D 4 14 ? -18.678 -12.431 -2.198  1.00 115.43 ? 15  DG  D P     1 
ATOM   815 O  OP1   . DG  D 4 14 ? -19.636 -12.811 -3.261  1.00 119.13 ? 15  DG  D OP1   1 
ATOM   816 O  OP2   . DG  D 4 14 ? -19.126 -12.397 -0.787  1.00 107.45 ? 15  DG  D OP2   1 
ATOM   817 O  "O5'" . DG  D 4 14 ? -17.402 -13.384 -2.328  1.00 108.78 ? 15  DG  D "O5'" 1 
ATOM   818 C  "C5'" . DG  D 4 14 ? -16.512 -13.231 -3.431  1.00 108.87 ? 15  DG  D "C5'" 1 
ATOM   819 C  "C4'" . DG  D 4 14 ? -15.193 -13.922 -3.152  1.00 107.84 ? 15  DG  D "C4'" 1 
ATOM   820 O  "O4'" . DG  D 4 14 ? -14.425 -13.131 -2.229  1.00 108.20 ? 15  DG  D "O4'" 1 
ATOM   821 C  "C3'" . DG  D 4 14 ? -15.325 -15.290 -2.495  1.00 109.66 ? 15  DG  D "C3'" 1 
ATOM   822 O  "O3'" . DG  D 4 14 ? -15.257 -16.335 -3.492  1.00 115.31 ? 15  DG  D "O3'" 1 
ATOM   823 C  "C2'" . DG  D 4 14 ? -14.172 -15.354 -1.472  1.00 105.87 ? 15  DG  D "C2'" 1 
ATOM   824 C  "C1'" . DG  D 4 14 ? -13.521 -13.970 -1.553  1.00 105.25 ? 15  DG  D "C1'" 1 
ATOM   825 N  N9    . DG  D 4 14 ? -13.236 -13.378 -0.246  1.00 96.98  ? 15  DG  D N9    1 
ATOM   826 C  C8    . DG  D 4 14 ? -14.147 -13.053 0.731   1.00 97.28  ? 15  DG  D C8    1 
ATOM   827 N  N7    . DG  D 4 14 ? -13.604 -12.532 1.796   1.00 98.93  ? 15  DG  D N7    1 
ATOM   828 C  C5    . DG  D 4 14 ? -12.246 -12.506 1.509   1.00 95.08  ? 15  DG  D C5    1 
ATOM   829 C  C6    . DG  D 4 14 ? -11.157 -12.045 2.290   1.00 92.11  ? 15  DG  D C6    1 
ATOM   830 O  O6    . DG  D 4 14 ? -11.183 -11.554 3.428   1.00 90.59  ? 15  DG  D O6    1 
ATOM   831 N  N1    . DG  D 4 14 ? -9.943  -12.201 1.624   1.00 85.84  ? 15  DG  D N1    1 
ATOM   832 C  C2    . DG  D 4 14 ? -9.798  -12.731 0.364   1.00 84.58  ? 15  DG  D C2    1 
ATOM   833 N  N2    . DG  D 4 14 ? -8.546  -12.801 -0.112  1.00 79.16  ? 15  DG  D N2    1 
ATOM   834 N  N3    . DG  D 4 14 ? -10.809 -13.166 -0.379  1.00 89.45  ? 15  DG  D N3    1 
ATOM   835 C  C4    . DG  D 4 14 ? -12.000 -13.022 0.254   1.00 92.56  ? 15  DG  D C4    1 
ATOM   836 P  P     . DT  D 4 15 ? -13.852 -16.927 -4.014  1.00 127.60 ? 16  DT  D P     1 
ATOM   837 O  OP1   . DT  D 4 15 ? -12.881 -15.818 -4.184  1.00 116.23 ? 16  DT  D OP1   1 
ATOM   838 O  OP2   . DT  D 4 15 ? -14.169 -17.768 -5.192  1.00 118.71 ? 16  DT  D OP2   1 
ATOM   839 O  "O5'" . DT  D 4 15 ? -13.394 -17.924 -2.844  1.00 114.08 ? 16  DT  D "O5'" 1 
ATOM   840 C  "C5'" . DT  D 4 15 ? -12.239 -18.745 -3.005  1.00 109.73 ? 16  DT  D "C5'" 1 
ATOM   841 C  "C4'" . DT  D 4 15 ? -10.969 -17.944 -2.784  1.00 108.06 ? 16  DT  D "C4'" 1 
ATOM   842 O  "O4'" . DT  D 4 15 ? -11.180 -16.967 -1.728  1.00 107.42 ? 16  DT  D "O4'" 1 
ATOM   843 C  "C3'" . DT  D 4 15 ? -9.747  -18.770 -2.368  1.00 102.16 ? 16  DT  D "C3'" 1 
ATOM   844 O  "O3'" . DT  D 4 15 ? -8.616  -18.393 -3.146  1.00 95.76  ? 16  DT  D "O3'" 1 
ATOM   845 C  "C2'" . DT  D 4 15 ? -9.562  -18.412 -0.890  1.00 98.29  ? 16  DT  D "C2'" 1 
ATOM   846 C  "C1'" . DT  D 4 15 ? -10.074 -16.982 -0.860  1.00 101.72 ? 16  DT  D "C1'" 1 
ATOM   847 N  N1    . DT  D 4 15 ? -10.519 -16.526 0.490   1.00 98.31  ? 16  DT  D N1    1 
ATOM   848 C  C2    . DT  D 4 15 ? -9.602  -15.956 1.343   1.00 95.98  ? 16  DT  D C2    1 
ATOM   849 O  O2    . DT  D 4 15 ? -8.428  -15.805 1.057   1.00 95.15  ? 16  DT  D O2    1 
ATOM   850 N  N3    . DT  D 4 15 ? -10.110 -15.566 2.555   1.00 96.08  ? 16  DT  D N3    1 
ATOM   851 C  C4    . DT  D 4 15 ? -11.418 -15.685 2.992   1.00 96.34  ? 16  DT  D C4    1 
ATOM   852 O  O4    . DT  D 4 15 ? -11.778 -15.302 4.102   1.00 91.41  ? 16  DT  D O4    1 
ATOM   853 C  C5    . DT  D 4 15 ? -12.329 -16.290 2.047   1.00 98.44  ? 16  DT  D C5    1 
ATOM   854 C  C7    . DT  D 4 15 ? -13.775 -16.472 2.409   1.00 99.57  ? 16  DT  D C7    1 
ATOM   855 C  C6    . DT  D 4 15 ? -11.841 -16.676 0.857   1.00 98.13  ? 16  DT  D C6    1 
HETATM 856 AS AS    . CAC E 5 .  ? 9.124   13.441  -0.475  1.00 132.78 ? 101 CAC B AS    1 
# 
loop_
_pdbx_poly_seq_scheme.asym_id 
_pdbx_poly_seq_scheme.entity_id 
_pdbx_poly_seq_scheme.seq_id 
_pdbx_poly_seq_scheme.mon_id 
_pdbx_poly_seq_scheme.ndb_seq_num 
_pdbx_poly_seq_scheme.pdb_seq_num 
_pdbx_poly_seq_scheme.auth_seq_num 
_pdbx_poly_seq_scheme.pdb_mon_id 
_pdbx_poly_seq_scheme.auth_mon_id 
_pdbx_poly_seq_scheme.pdb_strand_id 
_pdbx_poly_seq_scheme.pdb_ins_code 
_pdbx_poly_seq_scheme.hetero 
A 1 1  DG 1  1  1  DG DG A . n 
A 1 2  DA 2  2  2  DA DA A . n 
A 1 3  DA 3  3  3  DA DA A . n 
A 1 4  DC 4  4  4  DC DC A . n 
A 1 5  DG 5  5  5  DG DG A . n 
A 1 6  DA 6  6  6  DA DA A . n 
A 1 7  DC 7  7  7  DC DC A . n 
A 1 8  DA 8  8  8  DA DA A . n 
A 1 9  DC 9  9  9  DC DC A . n 
A 1 10 DT 10 10 10 DT DT A . n 
A 1 11 DG 11 11 11 DG DG A . n 
A 1 12 DA 12 12 12 DA DA A . n 
B 2 1  DC 1  12 12 DC DC B . n 
B 2 2  DG 2  13 13 DG DG B . n 
B 2 3  DG 3  14 14 DG DG B . n 
B 2 4  DA 4  15 15 DA DA B . n 
B 2 5  DG 5  16 16 DG DG B . n 
B 2 6  DA 6  17 17 DA DA B . n 
B 2 7  DC 7  18 18 DC DC B . n 
B 2 8  DT 8  19 19 DT DT B . n 
B 2 9  DC 9  20 20 DC DC B . n 
C 3 1  DT 1  0  0  DT DT C . n 
C 3 2  DC 2  1  1  DC DC C . n 
C 3 3  DA 3  2  2  DA DA C . n 
C 3 4  DC 4  3  3  DC DC C . n 
C 3 5  DC 5  4  4  DC DC C . n 
C 3 6  DG 6  5  5  DG DG C . n 
D 4 1  DT 1  2  2  DT DT D . n 
D 4 2  DC 2  3  3  DC DC D . n 
D 4 3  DG 3  4  4  DG DG D . n 
D 4 4  DA 4  5  5  DA DA D . n 
D 4 5  DG 5  6  6  DG DG D . n 
D 4 6  DT 6  7  7  DT DT D . n 
D 4 7  DC 7  8  8  DC DC D . n 
D 4 8  DT 8  9  9  DT DT D . n 
D 4 9  DG 9  10 10 DG DG D . n 
D 4 10 DT 10 11 11 DT DT D . n 
D 4 11 DG 11 12 12 DG DG D . n 
D 4 12 DT 12 13 13 DT DT D . n 
D 4 13 DC 13 14 14 DC DC D . n 
D 4 14 DG 14 15 15 DG DG D . n 
D 4 15 DT 15 16 16 DT DT D . n 
# 
_pdbx_nonpoly_scheme.asym_id         E 
_pdbx_nonpoly_scheme.entity_id       5 
_pdbx_nonpoly_scheme.mon_id          CAC 
_pdbx_nonpoly_scheme.ndb_seq_num     1 
_pdbx_nonpoly_scheme.pdb_seq_num     101 
_pdbx_nonpoly_scheme.auth_seq_num    1 
_pdbx_nonpoly_scheme.pdb_mon_id      CAC 
_pdbx_nonpoly_scheme.auth_mon_id     AS 
_pdbx_nonpoly_scheme.pdb_strand_id   B 
_pdbx_nonpoly_scheme.pdb_ins_code    . 
# 
_pdbx_struct_assembly.id                   1 
_pdbx_struct_assembly.details              author_defined_assembly 
_pdbx_struct_assembly.method_details       ? 
_pdbx_struct_assembly.oligomeric_details   tetrameric 
_pdbx_struct_assembly.oligomeric_count     4 
# 
_pdbx_struct_assembly_gen.assembly_id       1 
_pdbx_struct_assembly_gen.oper_expression   1 
_pdbx_struct_assembly_gen.asym_id_list      A,B,C,D,E 
# 
_pdbx_struct_oper_list.id                   1 
_pdbx_struct_oper_list.type                 'identity operation' 
_pdbx_struct_oper_list.name                 1_555 
_pdbx_struct_oper_list.symmetry_operation   x,y,z 
_pdbx_struct_oper_list.matrix[1][1]         1.0000000000 
_pdbx_struct_oper_list.matrix[1][2]         0.0000000000 
_pdbx_struct_oper_list.matrix[1][3]         0.0000000000 
_pdbx_struct_oper_list.vector[1]            0.0000000000 
_pdbx_struct_oper_list.matrix[2][1]         0.0000000000 
_pdbx_struct_oper_list.matrix[2][2]         1.0000000000 
_pdbx_struct_oper_list.matrix[2][3]         0.0000000000 
_pdbx_struct_oper_list.vector[2]            0.0000000000 
_pdbx_struct_oper_list.matrix[3][1]         0.0000000000 
_pdbx_struct_oper_list.matrix[3][2]         0.0000000000 
_pdbx_struct_oper_list.matrix[3][3]         1.0000000000 
_pdbx_struct_oper_list.vector[3]            0.0000000000 
# 
loop_
_pdbx_audit_revision_history.ordinal 
_pdbx_audit_revision_history.data_content_type 
_pdbx_audit_revision_history.major_revision 
_pdbx_audit_revision_history.minor_revision 
_pdbx_audit_revision_history.revision_date 
1 'Structure model' 1 0 2021-07-14 
2 'Structure model' 1 1 2022-07-06 
3 'Structure model' 1 2 2023-10-18 
# 
_pdbx_audit_revision_details.ordinal             1 
_pdbx_audit_revision_details.revision_ordinal    1 
_pdbx_audit_revision_details.data_content_type   'Structure model' 
_pdbx_audit_revision_details.provider            repository 
_pdbx_audit_revision_details.type                'Initial release' 
_pdbx_audit_revision_details.description         ? 
_pdbx_audit_revision_details.details             ? 
# 
loop_
_pdbx_audit_revision_group.ordinal 
_pdbx_audit_revision_group.revision_ordinal 
_pdbx_audit_revision_group.data_content_type 
_pdbx_audit_revision_group.group 
1 2 'Structure model' 'Database references'    
2 3 'Structure model' 'Data collection'        
3 3 'Structure model' 'Refinement description' 
# 
loop_
_pdbx_audit_revision_category.ordinal 
_pdbx_audit_revision_category.revision_ordinal 
_pdbx_audit_revision_category.data_content_type 
_pdbx_audit_revision_category.category 
1 2 'Structure model' citation                      
2 2 'Structure model' citation_author               
3 2 'Structure model' database_2                    
4 3 'Structure model' chem_comp_atom                
5 3 'Structure model' chem_comp_bond                
6 3 'Structure model' pdbx_initial_refinement_model 
# 
loop_
_pdbx_audit_revision_item.ordinal 
_pdbx_audit_revision_item.revision_ordinal 
_pdbx_audit_revision_item.data_content_type 
_pdbx_audit_revision_item.item 
1  2 'Structure model' '_citation.country'                   
2  2 'Structure model' '_citation.journal_abbrev'            
3  2 'Structure model' '_citation.journal_id_CSD'            
4  2 'Structure model' '_citation.journal_id_ISSN'           
5  2 'Structure model' '_citation.journal_volume'            
6  2 'Structure model' '_citation.page_first'                
7  2 'Structure model' '_citation.page_last'                 
8  2 'Structure model' '_citation.pdbx_database_id_DOI'      
9  2 'Structure model' '_citation.pdbx_database_id_PubMed'   
10 2 'Structure model' '_citation.title'                     
11 2 'Structure model' '_citation.year'                      
12 2 'Structure model' '_database_2.pdbx_DOI'                
13 2 'Structure model' '_database_2.pdbx_database_accession' 
# 
loop_
_software.citation_id 
_software.classification 
_software.compiler_name 
_software.compiler_version 
_software.contact_author 
_software.contact_author_email 
_software.date 
_software.description 
_software.dependencies 
_software.hardware 
_software.language 
_software.location 
_software.mods 
_software.name 
_software.os 
_software.os_version 
_software.type 
_software.version 
_software.pdbx_ordinal 
? 'data reduction'  ? ? ? ? ? ? ? ? ? ? ? HKL-2000    ? ? ? .           1 
? 'data scaling'    ? ? ? ? ? ? ? ? ? ? ? HKL-2000    ? ? ? .           2 
? refinement        ? ? ? ? ? ? ? ? ? ? ? PHENIX      ? ? ? 1.11.1_2575 3 
? 'data extraction' ? ? ? ? ? ? ? ? ? ? ? PDB_EXTRACT ? ? ? 3.25        4 
? phasing           ? ? ? ? ? ? ? ? ? ? ? PHASER      ? ? ? .           5 
# 
_pdbx_entry_details.entry_id                 7JK0 
_pdbx_entry_details.has_ligand_of_interest   N 
_pdbx_entry_details.compound_details         ? 
_pdbx_entry_details.source_details           ? 
_pdbx_entry_details.nonpolymer_details       ? 
_pdbx_entry_details.sequence_details         ? 
# 
loop_
_pdbx_unobs_or_zero_occ_atoms.id 
_pdbx_unobs_or_zero_occ_atoms.PDB_model_num 
_pdbx_unobs_or_zero_occ_atoms.polymer_flag 
_pdbx_unobs_or_zero_occ_atoms.occupancy_flag 
_pdbx_unobs_or_zero_occ_atoms.auth_asym_id 
_pdbx_unobs_or_zero_occ_atoms.auth_comp_id 
_pdbx_unobs_or_zero_occ_atoms.auth_seq_id 
_pdbx_unobs_or_zero_occ_atoms.PDB_ins_code 
_pdbx_unobs_or_zero_occ_atoms.auth_atom_id 
_pdbx_unobs_or_zero_occ_atoms.label_alt_id 
_pdbx_unobs_or_zero_occ_atoms.label_asym_id 
_pdbx_unobs_or_zero_occ_atoms.label_comp_id 
_pdbx_unobs_or_zero_occ_atoms.label_seq_id 
_pdbx_unobs_or_zero_occ_atoms.label_atom_id 
1 1 N 1 B CAC 101 ? O1 ? E CAC 1 O1 
2 1 N 1 B CAC 101 ? O2 ? E CAC 1 O2 
3 1 N 1 B CAC 101 ? C1 ? E CAC 1 C1 
4 1 N 1 B CAC 101 ? C2 ? E CAC 1 C2 
# 
loop_
_chem_comp_atom.comp_id 
_chem_comp_atom.atom_id 
_chem_comp_atom.type_symbol 
_chem_comp_atom.pdbx_aromatic_flag 
_chem_comp_atom.pdbx_stereo_config 
_chem_comp_atom.pdbx_ordinal 
CAC AS     AS N N 1   
CAC O1     O  N N 2   
CAC O2     O  N N 3   
CAC C1     C  N N 4   
CAC C2     C  N N 5   
CAC H11    H  N N 6   
CAC H12    H  N N 7   
CAC H13    H  N N 8   
CAC H21    H  N N 9   
CAC H22    H  N N 10  
CAC H23    H  N N 11  
DA  OP3    O  N N 12  
DA  P      P  N N 13  
DA  OP1    O  N N 14  
DA  OP2    O  N N 15  
DA  "O5'"  O  N N 16  
DA  "C5'"  C  N N 17  
DA  "C4'"  C  N R 18  
DA  "O4'"  O  N N 19  
DA  "C3'"  C  N S 20  
DA  "O3'"  O  N N 21  
DA  "C2'"  C  N N 22  
DA  "C1'"  C  N R 23  
DA  N9     N  Y N 24  
DA  C8     C  Y N 25  
DA  N7     N  Y N 26  
DA  C5     C  Y N 27  
DA  C6     C  Y N 28  
DA  N6     N  N N 29  
DA  N1     N  Y N 30  
DA  C2     C  Y N 31  
DA  N3     N  Y N 32  
DA  C4     C  Y N 33  
DA  HOP3   H  N N 34  
DA  HOP2   H  N N 35  
DA  "H5'"  H  N N 36  
DA  "H5''" H  N N 37  
DA  "H4'"  H  N N 38  
DA  "H3'"  H  N N 39  
DA  "HO3'" H  N N 40  
DA  "H2'"  H  N N 41  
DA  "H2''" H  N N 42  
DA  "H1'"  H  N N 43  
DA  H8     H  N N 44  
DA  H61    H  N N 45  
DA  H62    H  N N 46  
DA  H2     H  N N 47  
DC  OP3    O  N N 48  
DC  P      P  N N 49  
DC  OP1    O  N N 50  
DC  OP2    O  N N 51  
DC  "O5'"  O  N N 52  
DC  "C5'"  C  N N 53  
DC  "C4'"  C  N R 54  
DC  "O4'"  O  N N 55  
DC  "C3'"  C  N S 56  
DC  "O3'"  O  N N 57  
DC  "C2'"  C  N N 58  
DC  "C1'"  C  N R 59  
DC  N1     N  N N 60  
DC  C2     C  N N 61  
DC  O2     O  N N 62  
DC  N3     N  N N 63  
DC  C4     C  N N 64  
DC  N4     N  N N 65  
DC  C5     C  N N 66  
DC  C6     C  N N 67  
DC  HOP3   H  N N 68  
DC  HOP2   H  N N 69  
DC  "H5'"  H  N N 70  
DC  "H5''" H  N N 71  
DC  "H4'"  H  N N 72  
DC  "H3'"  H  N N 73  
DC  "HO3'" H  N N 74  
DC  "H2'"  H  N N 75  
DC  "H2''" H  N N 76  
DC  "H1'"  H  N N 77  
DC  H41    H  N N 78  
DC  H42    H  N N 79  
DC  H5     H  N N 80  
DC  H6     H  N N 81  
DG  OP3    O  N N 82  
DG  P      P  N N 83  
DG  OP1    O  N N 84  
DG  OP2    O  N N 85  
DG  "O5'"  O  N N 86  
DG  "C5'"  C  N N 87  
DG  "C4'"  C  N R 88  
DG  "O4'"  O  N N 89  
DG  "C3'"  C  N S 90  
DG  "O3'"  O  N N 91  
DG  "C2'"  C  N N 92  
DG  "C1'"  C  N R 93  
DG  N9     N  Y N 94  
DG  C8     C  Y N 95  
DG  N7     N  Y N 96  
DG  C5     C  Y N 97  
DG  C6     C  N N 98  
DG  O6     O  N N 99  
DG  N1     N  N N 100 
DG  C2     C  N N 101 
DG  N2     N  N N 102 
DG  N3     N  N N 103 
DG  C4     C  Y N 104 
DG  HOP3   H  N N 105 
DG  HOP2   H  N N 106 
DG  "H5'"  H  N N 107 
DG  "H5''" H  N N 108 
DG  "H4'"  H  N N 109 
DG  "H3'"  H  N N 110 
DG  "HO3'" H  N N 111 
DG  "H2'"  H  N N 112 
DG  "H2''" H  N N 113 
DG  "H1'"  H  N N 114 
DG  H8     H  N N 115 
DG  H1     H  N N 116 
DG  H21    H  N N 117 
DG  H22    H  N N 118 
DT  OP3    O  N N 119 
DT  P      P  N N 120 
DT  OP1    O  N N 121 
DT  OP2    O  N N 122 
DT  "O5'"  O  N N 123 
DT  "C5'"  C  N N 124 
DT  "C4'"  C  N R 125 
DT  "O4'"  O  N N 126 
DT  "C3'"  C  N S 127 
DT  "O3'"  O  N N 128 
DT  "C2'"  C  N N 129 
DT  "C1'"  C  N R 130 
DT  N1     N  N N 131 
DT  C2     C  N N 132 
DT  O2     O  N N 133 
DT  N3     N  N N 134 
DT  C4     C  N N 135 
DT  O4     O  N N 136 
DT  C5     C  N N 137 
DT  C7     C  N N 138 
DT  C6     C  N N 139 
DT  HOP3   H  N N 140 
DT  HOP2   H  N N 141 
DT  "H5'"  H  N N 142 
DT  "H5''" H  N N 143 
DT  "H4'"  H  N N 144 
DT  "H3'"  H  N N 145 
DT  "HO3'" H  N N 146 
DT  "H2'"  H  N N 147 
DT  "H2''" H  N N 148 
DT  "H1'"  H  N N 149 
DT  H3     H  N N 150 
DT  H71    H  N N 151 
DT  H72    H  N N 152 
DT  H73    H  N N 153 
DT  H6     H  N N 154 
# 
loop_
_chem_comp_bond.comp_id 
_chem_comp_bond.atom_id_1 
_chem_comp_bond.atom_id_2 
_chem_comp_bond.value_order 
_chem_comp_bond.pdbx_aromatic_flag 
_chem_comp_bond.pdbx_stereo_config 
_chem_comp_bond.pdbx_ordinal 
CAC AS    O1     doub N N 1   
CAC AS    O2     sing N N 2   
CAC AS    C1     sing N N 3   
CAC AS    C2     sing N N 4   
CAC C1    H11    sing N N 5   
CAC C1    H12    sing N N 6   
CAC C1    H13    sing N N 7   
CAC C2    H21    sing N N 8   
CAC C2    H22    sing N N 9   
CAC C2    H23    sing N N 10  
DA  OP3   P      sing N N 11  
DA  OP3   HOP3   sing N N 12  
DA  P     OP1    doub N N 13  
DA  P     OP2    sing N N 14  
DA  P     "O5'"  sing N N 15  
DA  OP2   HOP2   sing N N 16  
DA  "O5'" "C5'"  sing N N 17  
DA  "C5'" "C4'"  sing N N 18  
DA  "C5'" "H5'"  sing N N 19  
DA  "C5'" "H5''" sing N N 20  
DA  "C4'" "O4'"  sing N N 21  
DA  "C4'" "C3'"  sing N N 22  
DA  "C4'" "H4'"  sing N N 23  
DA  "O4'" "C1'"  sing N N 24  
DA  "C3'" "O3'"  sing N N 25  
DA  "C3'" "C2'"  sing N N 26  
DA  "C3'" "H3'"  sing N N 27  
DA  "O3'" "HO3'" sing N N 28  
DA  "C2'" "C1'"  sing N N 29  
DA  "C2'" "H2'"  sing N N 30  
DA  "C2'" "H2''" sing N N 31  
DA  "C1'" N9     sing N N 32  
DA  "C1'" "H1'"  sing N N 33  
DA  N9    C8     sing Y N 34  
DA  N9    C4     sing Y N 35  
DA  C8    N7     doub Y N 36  
DA  C8    H8     sing N N 37  
DA  N7    C5     sing Y N 38  
DA  C5    C6     sing Y N 39  
DA  C5    C4     doub Y N 40  
DA  C6    N6     sing N N 41  
DA  C6    N1     doub Y N 42  
DA  N6    H61    sing N N 43  
DA  N6    H62    sing N N 44  
DA  N1    C2     sing Y N 45  
DA  C2    N3     doub Y N 46  
DA  C2    H2     sing N N 47  
DA  N3    C4     sing Y N 48  
DC  OP3   P      sing N N 49  
DC  OP3   HOP3   sing N N 50  
DC  P     OP1    doub N N 51  
DC  P     OP2    sing N N 52  
DC  P     "O5'"  sing N N 53  
DC  OP2   HOP2   sing N N 54  
DC  "O5'" "C5'"  sing N N 55  
DC  "C5'" "C4'"  sing N N 56  
DC  "C5'" "H5'"  sing N N 57  
DC  "C5'" "H5''" sing N N 58  
DC  "C4'" "O4'"  sing N N 59  
DC  "C4'" "C3'"  sing N N 60  
DC  "C4'" "H4'"  sing N N 61  
DC  "O4'" "C1'"  sing N N 62  
DC  "C3'" "O3'"  sing N N 63  
DC  "C3'" "C2'"  sing N N 64  
DC  "C3'" "H3'"  sing N N 65  
DC  "O3'" "HO3'" sing N N 66  
DC  "C2'" "C1'"  sing N N 67  
DC  "C2'" "H2'"  sing N N 68  
DC  "C2'" "H2''" sing N N 69  
DC  "C1'" N1     sing N N 70  
DC  "C1'" "H1'"  sing N N 71  
DC  N1    C2     sing N N 72  
DC  N1    C6     sing N N 73  
DC  C2    O2     doub N N 74  
DC  C2    N3     sing N N 75  
DC  N3    C4     doub N N 76  
DC  C4    N4     sing N N 77  
DC  C4    C5     sing N N 78  
DC  N4    H41    sing N N 79  
DC  N4    H42    sing N N 80  
DC  C5    C6     doub N N 81  
DC  C5    H5     sing N N 82  
DC  C6    H6     sing N N 83  
DG  OP3   P      sing N N 84  
DG  OP3   HOP3   sing N N 85  
DG  P     OP1    doub N N 86  
DG  P     OP2    sing N N 87  
DG  P     "O5'"  sing N N 88  
DG  OP2   HOP2   sing N N 89  
DG  "O5'" "C5'"  sing N N 90  
DG  "C5'" "C4'"  sing N N 91  
DG  "C5'" "H5'"  sing N N 92  
DG  "C5'" "H5''" sing N N 93  
DG  "C4'" "O4'"  sing N N 94  
DG  "C4'" "C3'"  sing N N 95  
DG  "C4'" "H4'"  sing N N 96  
DG  "O4'" "C1'"  sing N N 97  
DG  "C3'" "O3'"  sing N N 98  
DG  "C3'" "C2'"  sing N N 99  
DG  "C3'" "H3'"  sing N N 100 
DG  "O3'" "HO3'" sing N N 101 
DG  "C2'" "C1'"  sing N N 102 
DG  "C2'" "H2'"  sing N N 103 
DG  "C2'" "H2''" sing N N 104 
DG  "C1'" N9     sing N N 105 
DG  "C1'" "H1'"  sing N N 106 
DG  N9    C8     sing Y N 107 
DG  N9    C4     sing Y N 108 
DG  C8    N7     doub Y N 109 
DG  C8    H8     sing N N 110 
DG  N7    C5     sing Y N 111 
DG  C5    C6     sing N N 112 
DG  C5    C4     doub Y N 113 
DG  C6    O6     doub N N 114 
DG  C6    N1     sing N N 115 
DG  N1    C2     sing N N 116 
DG  N1    H1     sing N N 117 
DG  C2    N2     sing N N 118 
DG  C2    N3     doub N N 119 
DG  N2    H21    sing N N 120 
DG  N2    H22    sing N N 121 
DG  N3    C4     sing N N 122 
DT  OP3   P      sing N N 123 
DT  OP3   HOP3   sing N N 124 
DT  P     OP1    doub N N 125 
DT  P     OP2    sing N N 126 
DT  P     "O5'"  sing N N 127 
DT  OP2   HOP2   sing N N 128 
DT  "O5'" "C5'"  sing N N 129 
DT  "C5'" "C4'"  sing N N 130 
DT  "C5'" "H5'"  sing N N 131 
DT  "C5'" "H5''" sing N N 132 
DT  "C4'" "O4'"  sing N N 133 
DT  "C4'" "C3'"  sing N N 134 
DT  "C4'" "H4'"  sing N N 135 
DT  "O4'" "C1'"  sing N N 136 
DT  "C3'" "O3'"  sing N N 137 
DT  "C3'" "C2'"  sing N N 138 
DT  "C3'" "H3'"  sing N N 139 
DT  "O3'" "HO3'" sing N N 140 
DT  "C2'" "C1'"  sing N N 141 
DT  "C2'" "H2'"  sing N N 142 
DT  "C2'" "H2''" sing N N 143 
DT  "C1'" N1     sing N N 144 
DT  "C1'" "H1'"  sing N N 145 
DT  N1    C2     sing N N 146 
DT  N1    C6     sing N N 147 
DT  C2    O2     doub N N 148 
DT  C2    N3     sing N N 149 
DT  N3    C4     sing N N 150 
DT  N3    H3     sing N N 151 
DT  C4    O4     doub N N 152 
DT  C4    C5     sing N N 153 
DT  C5    C7     sing N N 154 
DT  C5    C6     doub N N 155 
DT  C7    H71    sing N N 156 
DT  C7    H72    sing N N 157 
DT  C7    H73    sing N N 158 
DT  C6    H6     sing N N 159 
# 
loop_
_ndb_struct_conf_na.entry_id 
_ndb_struct_conf_na.feature 
7JK0 'double helix'        
7JK0 'b-form double helix' 
# 
loop_
_ndb_struct_na_base_pair.model_number 
_ndb_struct_na_base_pair.i_label_asym_id 
_ndb_struct_na_base_pair.i_label_comp_id 
_ndb_struct_na_base_pair.i_label_seq_id 
_ndb_struct_na_base_pair.i_symmetry 
_ndb_struct_na_base_pair.j_label_asym_id 
_ndb_struct_na_base_pair.j_label_comp_id 
_ndb_struct_na_base_pair.j_label_seq_id 
_ndb_struct_na_base_pair.j_symmetry 
_ndb_struct_na_base_pair.shear 
_ndb_struct_na_base_pair.stretch 
_ndb_struct_na_base_pair.stagger 
_ndb_struct_na_base_pair.buckle 
_ndb_struct_na_base_pair.propeller 
_ndb_struct_na_base_pair.opening 
_ndb_struct_na_base_pair.pair_number 
_ndb_struct_na_base_pair.pair_name 
_ndb_struct_na_base_pair.i_auth_asym_id 
_ndb_struct_na_base_pair.i_auth_seq_id 
_ndb_struct_na_base_pair.i_PDB_ins_code 
_ndb_struct_na_base_pair.j_auth_asym_id 
_ndb_struct_na_base_pair.j_auth_seq_id 
_ndb_struct_na_base_pair.j_PDB_ins_code 
_ndb_struct_na_base_pair.hbond_type_28 
_ndb_struct_na_base_pair.hbond_type_12 
1 A DA 3  1_555 D DT 15 1_555 1.129  0.112  0.505  4.800   -25.050 3.409   1  A_DA3:DT16_D A 3  ? D 16 ? 20 1 
1 A DC 4  1_555 D DG 14 1_555 -1.480 0.249  0.214  -6.186  -10.800 -6.999  2  A_DC4:DG15_D A 4  ? D 15 ? 19 1 
1 A DG 5  1_555 D DC 13 1_555 0.422  -0.099 -0.496 -6.147  -2.496  -9.389  3  A_DG5:DC14_D A 5  ? D 14 ? 19 1 
1 A DA 6  1_555 D DT 12 1_555 0.754  -0.161 -0.285 3.011   -2.899  -11.659 4  A_DA6:DT13_D A 6  ? D 13 ? 20 1 
1 A DC 7  1_555 D DG 11 1_555 0.627  0.323  -0.069 13.140  -7.745  0.457   5  A_DC7:DG12_D A 7  ? D 12 ? 19 1 
1 A DA 8  1_555 D DT 10 1_555 0.071  0.270  -0.011 5.202   -0.601  -5.807  6  A_DA8:DT11_D A 8  ? D 11 ? 20 1 
1 A DC 9  1_555 D DG 9  1_555 -0.072 0.124  0.023  7.470   -8.377  9.612   7  A_DC9:DG10_D A 9  ? D 10 ? 19 1 
1 A DT 10 1_555 C DA 3  1_555 -1.524 0.199  0.074  -3.670  -2.053  1.866   8  A_DT10:DA2_C A 10 ? C 2  ? 20 1 
1 A DG 11 1_555 C DC 2  1_555 0.692  -0.179 0.091  5.619   -0.519  3.842   9  A_DG11:DC1_C A 11 ? C 1  ? 19 1 
1 A DA 12 1_555 C DT 1  1_555 0.765  0.117  0.394  4.575   -10.945 -8.317  10 A_DA12:DT0_C A 12 ? C 0  ? 20 1 
1 B DC 1  1_555 C DG 6  1_555 0.473  -0.283 0.364  1.560   -9.238  -15.578 11 B_DC12:DG5_C B 12 ? C 5  ? 19 1 
1 B DG 2  1_555 C DC 5  1_555 1.076  0.098  0.039  -1.742  -4.681  -11.283 12 B_DG13:DC4_C B 13 ? C 4  ? 19 1 
1 B DG 3  1_555 C DC 4  1_555 0.776  -0.309 -0.117 4.186   -5.794  -6.690  13 B_DG14:DC3_C B 14 ? C 3  ? 19 1 
1 B DA 4  1_555 D DT 8  1_555 -0.261 0.128  0.639  11.737  -9.207  -3.897  14 B_DA15:DT9_D B 15 ? D 9  ? 20 1 
1 B DG 5  1_555 D DC 7  1_555 0.742  0.062  0.622  12.543  -15.706 -1.048  15 B_DG16:DC8_D B 16 ? D 8  ? 19 1 
1 B DA 6  1_555 D DT 6  1_555 0.563  -0.372 0.058  1.576   -21.501 -0.912  16 B_DA17:DT7_D B 17 ? D 7  ? 20 1 
1 B DC 7  1_555 D DG 5  1_555 0.204  -0.318 -0.225 -5.413  -18.143 -2.503  17 B_DC18:DG6_D B 18 ? D 6  ? 19 1 
1 B DT 8  1_555 D DA 4  1_555 -0.626 0.244  0.264  -8.206  -18.393 2.644   18 B_DT19:DA5_D B 19 ? D 5  ? 20 1 
1 B DC 9  1_555 D DG 3  1_555 0.153  -0.260 0.970  -17.158 -14.763 2.386   19 B_DC20:DG4_D B 20 ? D 4  ? 19 1 
# 
loop_
_ndb_struct_na_base_pair_step.model_number 
_ndb_struct_na_base_pair_step.i_label_asym_id_1 
_ndb_struct_na_base_pair_step.i_label_comp_id_1 
_ndb_struct_na_base_pair_step.i_label_seq_id_1 
_ndb_struct_na_base_pair_step.i_symmetry_1 
_ndb_struct_na_base_pair_step.j_label_asym_id_1 
_ndb_struct_na_base_pair_step.j_label_comp_id_1 
_ndb_struct_na_base_pair_step.j_label_seq_id_1 
_ndb_struct_na_base_pair_step.j_symmetry_1 
_ndb_struct_na_base_pair_step.i_label_asym_id_2 
_ndb_struct_na_base_pair_step.i_label_comp_id_2 
_ndb_struct_na_base_pair_step.i_label_seq_id_2 
_ndb_struct_na_base_pair_step.i_symmetry_2 
_ndb_struct_na_base_pair_step.j_label_asym_id_2 
_ndb_struct_na_base_pair_step.j_label_comp_id_2 
_ndb_struct_na_base_pair_step.j_label_seq_id_2 
_ndb_struct_na_base_pair_step.j_symmetry_2 
_ndb_struct_na_base_pair_step.shift 
_ndb_struct_na_base_pair_step.slide 
_ndb_struct_na_base_pair_step.rise 
_ndb_struct_na_base_pair_step.tilt 
_ndb_struct_na_base_pair_step.roll 
_ndb_struct_na_base_pair_step.twist 
_ndb_struct_na_base_pair_step.x_displacement 
_ndb_struct_na_base_pair_step.y_displacement 
_ndb_struct_na_base_pair_step.helical_rise 
_ndb_struct_na_base_pair_step.inclination 
_ndb_struct_na_base_pair_step.tip 
_ndb_struct_na_base_pair_step.helical_twist 
_ndb_struct_na_base_pair_step.step_number 
_ndb_struct_na_base_pair_step.step_name 
_ndb_struct_na_base_pair_step.i_auth_asym_id_1 
_ndb_struct_na_base_pair_step.i_auth_seq_id_1 
_ndb_struct_na_base_pair_step.i_PDB_ins_code_1 
_ndb_struct_na_base_pair_step.j_auth_asym_id_1 
_ndb_struct_na_base_pair_step.j_auth_seq_id_1 
_ndb_struct_na_base_pair_step.j_PDB_ins_code_1 
_ndb_struct_na_base_pair_step.i_auth_asym_id_2 
_ndb_struct_na_base_pair_step.i_auth_seq_id_2 
_ndb_struct_na_base_pair_step.i_PDB_ins_code_2 
_ndb_struct_na_base_pair_step.j_auth_asym_id_2 
_ndb_struct_na_base_pair_step.j_auth_seq_id_2 
_ndb_struct_na_base_pair_step.j_PDB_ins_code_2 
1 A DA 3  1_555 D DT 15 1_555 A DC 4  1_555 D DG 14 1_555 -1.231 -0.643 3.219 -5.755 2.237  25.208 -2.062 1.125  3.344 5.030  
12.941 25.942 1  AA_DA3DC4:DG15DT16_DD A 3  ? D 16 ? A 4  ? D 15 ? 
1 A DC 4  1_555 D DG 14 1_555 A DG 5  1_555 D DC 13 1_555 -0.484 -0.508 3.505 -0.170 2.002  35.711 -1.135 0.762  3.474 3.262  
0.277  35.766 2  AA_DC4DG5:DC14DG15_DD A 4  ? D 15 ? A 5  ? D 14 ? 
1 A DG 5  1_555 D DC 13 1_555 A DA 6  1_555 D DT 12 1_555 -0.129 -0.358 3.073 -0.439 4.741  33.102 -1.354 0.156  2.996 8.267  
0.765  33.433 3  AA_DG5DA6:DT13DC14_DD A 5  ? D 14 ? A 6  ? D 13 ? 
1 A DA 6  1_555 D DT 12 1_555 A DC 7  1_555 D DG 11 1_555 0.981  -0.600 3.013 -0.151 1.685  30.406 -1.451 -1.896 2.971 3.209  
0.288  30.452 4  AA_DA6DC7:DG12DT13_DD A 6  ? D 13 ? A 7  ? D 12 ? 
1 A DC 7  1_555 D DG 11 1_555 A DA 8  1_555 D DT 10 1_555 -0.656 -0.643 3.396 -2.705 0.917  40.279 -1.040 0.633  3.416 1.330  
3.922  40.376 5  AA_DC7DA8:DT11DG12_DD A 7  ? D 12 ? A 8  ? D 11 ? 
1 A DA 8  1_555 D DT 10 1_555 A DC 9  1_555 D DG 9  1_555 0.927  -1.273 3.214 -3.116 1.709  29.784 -2.798 -2.406 3.027 3.311  
6.034  29.991 6  AA_DA8DC9:DG10DT11_DD A 8  ? D 11 ? A 9  ? D 10 ? 
1 A DC 9  1_555 D DG 9  1_555 A DT 10 1_555 C DA 3  1_555 -1.301 -1.859 3.582 -2.595 2.738  20.404 -6.445 2.396  3.441 7.645  
7.246  20.746 7  AA_DC9DT10:DA2DG10_CD A 9  ? D 10 ? A 10 ? C 2  ? 
1 A DT 10 1_555 C DA 3  1_555 A DG 11 1_555 C DC 2  1_555 -0.047 0.710  3.264 -1.163 5.048  35.347 0.418  -0.094 3.330 8.258  
1.903  35.712 8  AA_DT10DG11:DC1DA2_CC A 10 ? C 2  ? A 11 ? C 1  ? 
1 A DG 11 1_555 C DC 2  1_555 A DA 12 1_555 C DT 1  1_555 -0.488 0.480  3.383 -2.244 1.871  39.982 0.478  0.445  3.422 2.732  
3.276  40.084 9  AA_DG11DA12:DT0DC1_CC A 11 ? C 1  ? A 12 ? C 0  ? 
1 B DC 1  1_555 C DG 6  1_555 B DG 2  1_555 C DC 5  1_555 -0.115 -0.223 3.575 2.224  -0.410 32.389 -0.321 0.631  3.562 -0.734 
-3.982 32.466 10 BB_DC12DG13:DC4DG5_CC B 12 ? C 5  ? B 13 ? C 4  ? 
1 B DG 2  1_555 C DC 5  1_555 B DG 3  1_555 C DC 4  1_555 0.107  -0.735 3.256 -1.725 3.765  30.938 -2.069 -0.520 3.136 7.018  
3.215  31.207 11 BB_DG13DG14:DC3DC4_CC B 13 ? C 4  ? B 14 ? C 3  ? 
1 B DG 3  1_555 C DC 4  1_555 B DA 4  1_555 D DT 8  1_555 -0.789 -0.666 2.928 -6.088 -0.248 27.290 -1.325 0.298  3.035 -0.518 
12.704 27.950 12 BB_DG14DA15:DT9DC3_DC B 14 ? C 3  ? B 15 ? D 9  ? 
1 B DA 4  1_555 D DT 8  1_555 B DG 5  1_555 D DC 7  1_555 0.422  -0.249 3.342 0.779  -0.319 38.762 -0.335 -0.539 3.351 -0.480 
-1.174 38.771 13 BB_DA15DG16:DC8DT9_DD B 15 ? D 9  ? B 16 ? D 8  ? 
1 B DG 5  1_555 D DC 7  1_555 B DA 6  1_555 D DT 6  1_555 -0.364 -0.303 3.360 2.687  -0.591 40.782 -0.368 0.823  3.334 -0.846 
-3.850 40.871 14 BB_DG16DA17:DT7DC8_DD B 16 ? D 8  ? B 17 ? D 7  ? 
1 B DA 6  1_555 D DT 6  1_555 B DC 7  1_555 D DG 5  1_555 -0.063 -0.959 3.323 0.685  -0.100 35.721 -1.548 0.203  3.324 -0.163 
-1.117 35.727 15 BB_DA17DC18:DG6DT7_DD B 17 ? D 7  ? B 18 ? D 6  ? 
1 B DC 7  1_555 D DG 5  1_555 B DT 8  1_555 D DA 4  1_555 -0.025 0.084  3.488 1.459  0.252  29.822 0.108  0.373  3.484 0.489  
-2.833 29.858 16 BB_DC18DT19:DA5DG6_DD B 18 ? D 6  ? B 19 ? D 5  ? 
1 B DT 8  1_555 D DA 4  1_555 B DC 9  1_555 D DG 3  1_555 0.915  0.875  3.743 -2.546 -1.619 37.603 1.590  -1.787 3.636 -2.506 
3.942  37.720 17 BB_DT19DC20:DG4DA5_DD B 19 ? D 5  ? B 20 ? D 4  ? 
# 
loop_
_pdbx_audit_support.funding_organization 
_pdbx_audit_support.country 
_pdbx_audit_support.grant_number 
_pdbx_audit_support.ordinal 
'National Science Foundation (NSF, United States)'                                         'United States' 1360635     1 
'National Institutes of Health/National Institute of General Medical Sciences (NIH/NIGMS)' 'United States' R01GM104960 2 
'National Science Foundation (NSF, United States)'                                         'United States' NSF2004250  3 
# 
_pdbx_entity_nonpoly.entity_id   5 
_pdbx_entity_nonpoly.name        'CACODYLATE ION' 
_pdbx_entity_nonpoly.comp_id     CAC 
# 
_pdbx_initial_refinement_model.id               1 
_pdbx_initial_refinement_model.entity_id_list   ? 
_pdbx_initial_refinement_model.type             'experimental model' 
_pdbx_initial_refinement_model.source_name      PDB 
_pdbx_initial_refinement_model.accession_code   6XNA 
_pdbx_initial_refinement_model.details          ? 
# 
_pdbx_struct_assembly_auth_evidence.id                     1 
_pdbx_struct_assembly_auth_evidence.assembly_id            1 
_pdbx_struct_assembly_auth_evidence.experimental_support   none 
_pdbx_struct_assembly_auth_evidence.details                ? 
# 
